data_3H95
# 
_entry.id   3H95 
# 
_audit_conform.dict_name       mmcif_pdbx.dic 
_audit_conform.dict_version    5.378 
_audit_conform.dict_location   http://mmcif.pdb.org/dictionaries/ascii/mmcif_pdbx.dic 
# 
loop_
_database_2.database_id 
_database_2.database_code 
_database_2.pdbx_database_accession 
_database_2.pdbx_DOI 
PDB   3H95         pdb_00003h95 10.2210/pdb3h95/pdb 
RCSB  RCSB052848   ?            ?                   
WWPDB D_1000052848 ?            ?                   
# 
_pdbx_database_status.status_code                     REL 
_pdbx_database_status.entry_id                        3H95 
_pdbx_database_status.recvd_initial_deposition_date   2009-04-30 
_pdbx_database_status.deposit_site                    RCSB 
_pdbx_database_status.process_site                    RCSB 
_pdbx_database_status.status_code_sf                  REL 
_pdbx_database_status.status_code_mr                  ? 
_pdbx_database_status.SG_entry                        Y 
_pdbx_database_status.pdb_format_compatible           Y 
_pdbx_database_status.status_code_cs                  ? 
_pdbx_database_status.status_code_nmr_data            ? 
_pdbx_database_status.methods_development_category    ? 
# 
loop_
_audit_author.name 
_audit_author.pdbx_ordinal 
'Tresaugues, L.'                       1  
'Moche, M.'                            2  
'Arrowsmith, C.H.'                     3  
'Berglund, H.'                         4  
'Bountra, C.'                          5  
'Collins, R.'                          6  
'Edwards, A.M.'                        7  
'Flodin, S.'                           8  
'Flores, A.'                           9  
'Graslund, S.'                         10 
'Hammarstrom, M.'                      11 
'Johansson, A.'                        12 
'Johansson, I.'                        13 
'Karlberg, T.'                         14 
'Kotyenova, T.'                        15 
'Kotzch, A.'                           16 
'Nielsen, T.K.'                        17 
'Nyman, T.'                            18 
'Persson, C.'                          19 
'Sagemark, J.'                         20 
'Schueler, H.'                         21 
'Schutz, P.'                           22 
'Siponen, M.I.'                        23 
'Svensson, L.'                         24 
'Thorsell, A.G.'                       25 
'Van Den Berg, S.'                     26 
'Weigelt, J.'                          27 
'Welin, M.'                            28 
'Wisniewska, M.'                       29 
'Nordlund, P.'                         30 
'Structural Genomics Consortium (SGC)' 31 
# 
_citation.id                        primary 
_citation.title                     'Crystal structure of the NUDIX domain of NUDT6' 
_citation.journal_abbrev            'To be Published' 
_citation.journal_volume            ? 
_citation.page_first                ? 
_citation.page_last                 ? 
_citation.year                      ? 
_citation.journal_id_ASTM           ? 
_citation.country                   ? 
_citation.journal_id_ISSN           ? 
_citation.journal_id_CSD            0353 
_citation.book_publisher            ? 
_citation.pdbx_database_id_PubMed   ? 
_citation.pdbx_database_id_DOI      ? 
# 
loop_
_citation_author.citation_id 
_citation_author.name 
_citation_author.ordinal 
_citation_author.identifier_ORCID 
primary 'Tresaugues, L.'   1  ? 
primary 'Moche, M.'        2  ? 
primary 'Arrowsmith, C.H.' 3  ? 
primary 'Berglund, H.'     4  ? 
primary 'Bountra, C.'      5  ? 
primary 'Collins, R.'      6  ? 
primary 'Edwards, A.M.'    7  ? 
primary 'Flodin, S.'       8  ? 
primary 'Flores, A.'       9  ? 
primary 'Graslund, S.'     10 ? 
primary 'Hammarstrom, M.'  11 ? 
primary 'Johansson, A.'    12 ? 
primary 'Johansson, I.'    13 ? 
primary 'Karlberg, T.'     14 ? 
primary 'Kotyenova, T.'    15 ? 
primary 'Kotzch, A.'       16 ? 
primary 'Nielsen, T.K.'    17 ? 
primary 'Nyman, T.'        18 ? 
primary 'Persson, C.'      19 ? 
primary 'Sagemark, J.'     20 ? 
primary 'Schueler, H.'     21 ? 
primary 'Schutz, P.'       22 ? 
primary 'Siponen, M.I.'    23 ? 
primary 'Svensson, L.'     24 ? 
primary 'Thorsell, A.G.'   25 ? 
primary 'Van Den Berg, S.' 26 ? 
primary 'Weigelt, J.'      27 ? 
primary 'Welin, M.'        28 ? 
primary 'Wisniewska, M.'   29 ? 
primary 'Nordlund, P.'     30 ? 
# 
_cell.entry_id           3H95 
_cell.length_a           54.530 
_cell.length_b           54.530 
_cell.length_c           133.710 
_cell.angle_alpha        90.00 
_cell.angle_beta         90.00 
_cell.angle_gamma        90.00 
_cell.Z_PDB              8 
_cell.pdbx_unique_axis   ? 
_cell.length_a_esd       ? 
_cell.length_b_esd       ? 
_cell.length_c_esd       ? 
_cell.angle_alpha_esd    ? 
_cell.angle_beta_esd     ? 
_cell.angle_gamma_esd    ? 
# 
_symmetry.entry_id                         3H95 
_symmetry.space_group_name_H-M             'P 41 21 2' 
_symmetry.pdbx_full_space_group_name_H-M   ? 
_symmetry.cell_setting                     ? 
_symmetry.Int_Tables_number                92 
_symmetry.space_group_name_Hall            ? 
# 
loop_
_entity.id 
_entity.type 
_entity.src_method 
_entity.pdbx_description 
_entity.formula_weight 
_entity.pdbx_number_of_molecules 
_entity.pdbx_ec 
_entity.pdbx_mutation 
_entity.pdbx_fragment 
_entity.details 
1 polymer     man 'Nucleoside diphosphate-linked moiety X motif 6' 22990.057 1   ? ? 'residues 141-316' ? 
2 non-polymer syn 'CITRATE ANION'                                  189.100   1   ? ? ?                  ? 
3 non-polymer syn GLYCEROL                                         92.094    2   ? ? ?                  ? 
4 water       nat water                                            18.015    143 ? ? ?                  ? 
# 
_entity_name_com.entity_id   1 
_entity_name_com.name        'Nudix motif 6, Protein GFG, GFG-1, Antisense basic fibroblast growth factor' 
# 
_entity_poly.entity_id                      1 
_entity_poly.type                           'polypeptide(L)' 
_entity_poly.nstd_linkage                   no 
_entity_poly.nstd_monomer                   no 
_entity_poly.pdbx_seq_one_letter_code       
;MHHHHHHSSGVDLGTENLYFQSMSHQVGVAGAVFDESTRKILVVQDRNKLKNMWKFPGGLSEPEEDIGDTAVREVFEETG
IKSEFRSVLSIRQQHTNPGAFGKSDMYIICRLKPYSFTINFCQEECLRCEWMDLNDLAKTENTTPITSRVARLLLYGYRE
GFDKIDLTVEELPAVYTGLFYKLYHKELPENYKTMKGID
;
_entity_poly.pdbx_seq_one_letter_code_can   
;MHHHHHHSSGVDLGTENLYFQSMSHQVGVAGAVFDESTRKILVVQDRNKLKNMWKFPGGLSEPEEDIGDTAVREVFEETG
IKSEFRSVLSIRQQHTNPGAFGKSDMYIICRLKPYSFTINFCQEECLRCEWMDLNDLAKTENTTPITSRVARLLLYGYRE
GFDKIDLTVEELPAVYTGLFYKLYHKELPENYKTMKGID
;
_entity_poly.pdbx_strand_id                 A 
_entity_poly.pdbx_target_identifier         ? 
# 
loop_
_entity_poly_seq.entity_id 
_entity_poly_seq.num 
_entity_poly_seq.mon_id 
_entity_poly_seq.hetero 
1 1   MET n 
1 2   HIS n 
1 3   HIS n 
1 4   HIS n 
1 5   HIS n 
1 6   HIS n 
1 7   HIS n 
1 8   SER n 
1 9   SER n 
1 10  GLY n 
1 11  VAL n 
1 12  ASP n 
1 13  LEU n 
1 14  GLY n 
1 15  THR n 
1 16  GLU n 
1 17  ASN n 
1 18  LEU n 
1 19  TYR n 
1 20  PHE n 
1 21  GLN n 
1 22  SER n 
1 23  MET n 
1 24  SER n 
1 25  HIS n 
1 26  GLN n 
1 27  VAL n 
1 28  GLY n 
1 29  VAL n 
1 30  ALA n 
1 31  GLY n 
1 32  ALA n 
1 33  VAL n 
1 34  PHE n 
1 35  ASP n 
1 36  GLU n 
1 37  SER n 
1 38  THR n 
1 39  ARG n 
1 40  LYS n 
1 41  ILE n 
1 42  LEU n 
1 43  VAL n 
1 44  VAL n 
1 45  GLN n 
1 46  ASP n 
1 47  ARG n 
1 48  ASN n 
1 49  LYS n 
1 50  LEU n 
1 51  LYS n 
1 52  ASN n 
1 53  MET n 
1 54  TRP n 
1 55  LYS n 
1 56  PHE n 
1 57  PRO n 
1 58  GLY n 
1 59  GLY n 
1 60  LEU n 
1 61  SER n 
1 62  GLU n 
1 63  PRO n 
1 64  GLU n 
1 65  GLU n 
1 66  ASP n 
1 67  ILE n 
1 68  GLY n 
1 69  ASP n 
1 70  THR n 
1 71  ALA n 
1 72  VAL n 
1 73  ARG n 
1 74  GLU n 
1 75  VAL n 
1 76  PHE n 
1 77  GLU n 
1 78  GLU n 
1 79  THR n 
1 80  GLY n 
1 81  ILE n 
1 82  LYS n 
1 83  SER n 
1 84  GLU n 
1 85  PHE n 
1 86  ARG n 
1 87  SER n 
1 88  VAL n 
1 89  LEU n 
1 90  SER n 
1 91  ILE n 
1 92  ARG n 
1 93  GLN n 
1 94  GLN n 
1 95  HIS n 
1 96  THR n 
1 97  ASN n 
1 98  PRO n 
1 99  GLY n 
1 100 ALA n 
1 101 PHE n 
1 102 GLY n 
1 103 LYS n 
1 104 SER n 
1 105 ASP n 
1 106 MET n 
1 107 TYR n 
1 108 ILE n 
1 109 ILE n 
1 110 CYS n 
1 111 ARG n 
1 112 LEU n 
1 113 LYS n 
1 114 PRO n 
1 115 TYR n 
1 116 SER n 
1 117 PHE n 
1 118 THR n 
1 119 ILE n 
1 120 ASN n 
1 121 PHE n 
1 122 CYS n 
1 123 GLN n 
1 124 GLU n 
1 125 GLU n 
1 126 CYS n 
1 127 LEU n 
1 128 ARG n 
1 129 CYS n 
1 130 GLU n 
1 131 TRP n 
1 132 MET n 
1 133 ASP n 
1 134 LEU n 
1 135 ASN n 
1 136 ASP n 
1 137 LEU n 
1 138 ALA n 
1 139 LYS n 
1 140 THR n 
1 141 GLU n 
1 142 ASN n 
1 143 THR n 
1 144 THR n 
1 145 PRO n 
1 146 ILE n 
1 147 THR n 
1 148 SER n 
1 149 ARG n 
1 150 VAL n 
1 151 ALA n 
1 152 ARG n 
1 153 LEU n 
1 154 LEU n 
1 155 LEU n 
1 156 TYR n 
1 157 GLY n 
1 158 TYR n 
1 159 ARG n 
1 160 GLU n 
1 161 GLY n 
1 162 PHE n 
1 163 ASP n 
1 164 LYS n 
1 165 ILE n 
1 166 ASP n 
1 167 LEU n 
1 168 THR n 
1 169 VAL n 
1 170 GLU n 
1 171 GLU n 
1 172 LEU n 
1 173 PRO n 
1 174 ALA n 
1 175 VAL n 
1 176 TYR n 
1 177 THR n 
1 178 GLY n 
1 179 LEU n 
1 180 PHE n 
1 181 TYR n 
1 182 LYS n 
1 183 LEU n 
1 184 TYR n 
1 185 HIS n 
1 186 LYS n 
1 187 GLU n 
1 188 LEU n 
1 189 PRO n 
1 190 GLU n 
1 191 ASN n 
1 192 TYR n 
1 193 LYS n 
1 194 THR n 
1 195 MET n 
1 196 LYS n 
1 197 GLY n 
1 198 ILE n 
1 199 ASP n 
# 
_entity_src_gen.entity_id                          1 
_entity_src_gen.pdbx_src_id                        1 
_entity_src_gen.pdbx_alt_source_flag               sample 
_entity_src_gen.pdbx_seq_type                      ? 
_entity_src_gen.pdbx_beg_seq_num                   ? 
_entity_src_gen.pdbx_end_seq_num                   ? 
_entity_src_gen.gene_src_common_name               human 
_entity_src_gen.gene_src_genus                     ? 
_entity_src_gen.pdbx_gene_src_gene                 'FGF2AS, NUDT6' 
_entity_src_gen.gene_src_species                   ? 
_entity_src_gen.gene_src_strain                    ? 
_entity_src_gen.gene_src_tissue                    ? 
_entity_src_gen.gene_src_tissue_fraction           ? 
_entity_src_gen.gene_src_details                   ? 
_entity_src_gen.pdbx_gene_src_fragment             ? 
_entity_src_gen.pdbx_gene_src_scientific_name      'Homo sapiens' 
_entity_src_gen.pdbx_gene_src_ncbi_taxonomy_id     9606 
_entity_src_gen.pdbx_gene_src_variant              ? 
_entity_src_gen.pdbx_gene_src_cell_line            ? 
_entity_src_gen.pdbx_gene_src_atcc                 ? 
_entity_src_gen.pdbx_gene_src_organ                ? 
_entity_src_gen.pdbx_gene_src_organelle            ? 
_entity_src_gen.pdbx_gene_src_cell                 ? 
_entity_src_gen.pdbx_gene_src_cellular_location    ? 
_entity_src_gen.host_org_common_name               ? 
_entity_src_gen.pdbx_host_org_scientific_name      'Escherichia coli' 
_entity_src_gen.pdbx_host_org_ncbi_taxonomy_id     562 
_entity_src_gen.host_org_genus                     ? 
_entity_src_gen.pdbx_host_org_gene                 ? 
_entity_src_gen.pdbx_host_org_organ                ? 
_entity_src_gen.host_org_species                   ? 
_entity_src_gen.pdbx_host_org_tissue               ? 
_entity_src_gen.pdbx_host_org_tissue_fraction      ? 
_entity_src_gen.pdbx_host_org_strain               'BL21(DE3) R3 pRARE' 
_entity_src_gen.pdbx_host_org_variant              ? 
_entity_src_gen.pdbx_host_org_cell_line            ? 
_entity_src_gen.pdbx_host_org_atcc                 ? 
_entity_src_gen.pdbx_host_org_culture_collection   ? 
_entity_src_gen.pdbx_host_org_cell                 ? 
_entity_src_gen.pdbx_host_org_organelle            ? 
_entity_src_gen.pdbx_host_org_cellular_location    ? 
_entity_src_gen.pdbx_host_org_vector_type          PLASMID 
_entity_src_gen.pdbx_host_org_vector               ? 
_entity_src_gen.host_org_details                   ? 
_entity_src_gen.expression_system_id               ? 
_entity_src_gen.plasmid_name                       pNIC-Bsa4 
_entity_src_gen.plasmid_details                    ? 
_entity_src_gen.pdbx_description                   ? 
# 
_struct_ref.id                         1 
_struct_ref.db_name                    UNP 
_struct_ref.db_code                    NUDT6_HUMAN 
_struct_ref.pdbx_db_accession          P53370 
_struct_ref.entity_id                  1 
_struct_ref.pdbx_seq_one_letter_code   
;SHQVGVAGAVFDESTRKILVVQDRNKLKNMWKFPGGLSEPEEDIGDTAVREVFEETGIKSEFRSVLSIRQQHTNPGAFGK
SDMYIICRLKPYSFTINFCQEECLRCEWMDLNDLAKTENTTPITSRVARLLLYGYREGFDKIDLTVEELPAVYTGLFYKL
YHKELPENYKTMKGID
;
_struct_ref.pdbx_align_begin           141 
_struct_ref.pdbx_db_isoform            ? 
# 
_struct_ref_seq.align_id                      1 
_struct_ref_seq.ref_id                        1 
_struct_ref_seq.pdbx_PDB_id_code              3H95 
_struct_ref_seq.pdbx_strand_id                A 
_struct_ref_seq.seq_align_beg                 24 
_struct_ref_seq.pdbx_seq_align_beg_ins_code   ? 
_struct_ref_seq.seq_align_end                 199 
_struct_ref_seq.pdbx_seq_align_end_ins_code   ? 
_struct_ref_seq.pdbx_db_accession             P53370 
_struct_ref_seq.db_align_beg                  141 
_struct_ref_seq.pdbx_db_align_beg_ins_code    ? 
_struct_ref_seq.db_align_end                  316 
_struct_ref_seq.pdbx_db_align_end_ins_code    ? 
_struct_ref_seq.pdbx_auth_seq_align_beg       141 
_struct_ref_seq.pdbx_auth_seq_align_end       316 
# 
loop_
_struct_ref_seq_dif.align_id 
_struct_ref_seq_dif.pdbx_pdb_id_code 
_struct_ref_seq_dif.mon_id 
_struct_ref_seq_dif.pdbx_pdb_strand_id 
_struct_ref_seq_dif.seq_num 
_struct_ref_seq_dif.pdbx_pdb_ins_code 
_struct_ref_seq_dif.pdbx_seq_db_name 
_struct_ref_seq_dif.pdbx_seq_db_accession_code 
_struct_ref_seq_dif.db_mon_id 
_struct_ref_seq_dif.pdbx_seq_db_seq_num 
_struct_ref_seq_dif.details 
_struct_ref_seq_dif.pdbx_auth_seq_num 
_struct_ref_seq_dif.pdbx_ordinal 
1 3H95 MET A 1  ? UNP P53370 ? ? 'expression tag' 118 1  
1 3H95 HIS A 2  ? UNP P53370 ? ? 'expression tag' 119 2  
1 3H95 HIS A 3  ? UNP P53370 ? ? 'expression tag' 120 3  
1 3H95 HIS A 4  ? UNP P53370 ? ? 'expression tag' 121 4  
1 3H95 HIS A 5  ? UNP P53370 ? ? 'expression tag' 122 5  
1 3H95 HIS A 6  ? UNP P53370 ? ? 'expression tag' 123 6  
1 3H95 HIS A 7  ? UNP P53370 ? ? 'expression tag' 124 7  
1 3H95 SER A 8  ? UNP P53370 ? ? 'expression tag' 125 8  
1 3H95 SER A 9  ? UNP P53370 ? ? 'expression tag' 126 9  
1 3H95 GLY A 10 ? UNP P53370 ? ? 'expression tag' 127 10 
1 3H95 VAL A 11 ? UNP P53370 ? ? 'expression tag' 128 11 
1 3H95 ASP A 12 ? UNP P53370 ? ? 'expression tag' 129 12 
1 3H95 LEU A 13 ? UNP P53370 ? ? 'expression tag' 130 13 
1 3H95 GLY A 14 ? UNP P53370 ? ? 'expression tag' 131 14 
1 3H95 THR A 15 ? UNP P53370 ? ? 'expression tag' 132 15 
1 3H95 GLU A 16 ? UNP P53370 ? ? 'expression tag' 133 16 
1 3H95 ASN A 17 ? UNP P53370 ? ? 'expression tag' 134 17 
1 3H95 LEU A 18 ? UNP P53370 ? ? 'expression tag' 135 18 
1 3H95 TYR A 19 ? UNP P53370 ? ? 'expression tag' 136 19 
1 3H95 PHE A 20 ? UNP P53370 ? ? 'expression tag' 137 20 
1 3H95 GLN A 21 ? UNP P53370 ? ? 'expression tag' 138 21 
1 3H95 SER A 22 ? UNP P53370 ? ? 'expression tag' 139 22 
1 3H95 MET A 23 ? UNP P53370 ? ? 'expression tag' 140 23 
# 
loop_
_chem_comp.id 
_chem_comp.type 
_chem_comp.mon_nstd_flag 
_chem_comp.name 
_chem_comp.pdbx_synonyms 
_chem_comp.formula 
_chem_comp.formula_weight 
ALA 'L-peptide linking' y ALANINE         ?                               'C3 H7 N O2'     89.093  
ARG 'L-peptide linking' y ARGININE        ?                               'C6 H15 N4 O2 1' 175.209 
ASN 'L-peptide linking' y ASPARAGINE      ?                               'C4 H8 N2 O3'    132.118 
ASP 'L-peptide linking' y 'ASPARTIC ACID' ?                               'C4 H7 N O4'     133.103 
CYS 'L-peptide linking' y CYSTEINE        ?                               'C3 H7 N O2 S'   121.158 
FLC non-polymer         . 'CITRATE ANION' ?                               'C6 H5 O7 -3'    189.100 
GLN 'L-peptide linking' y GLUTAMINE       ?                               'C5 H10 N2 O3'   146.144 
GLU 'L-peptide linking' y 'GLUTAMIC ACID' ?                               'C5 H9 N O4'     147.129 
GLY 'peptide linking'   y GLYCINE         ?                               'C2 H5 N O2'     75.067  
GOL non-polymer         . GLYCEROL        'GLYCERIN; PROPANE-1,2,3-TRIOL' 'C3 H8 O3'       92.094  
HIS 'L-peptide linking' y HISTIDINE       ?                               'C6 H10 N3 O2 1' 156.162 
HOH non-polymer         . WATER           ?                               'H2 O'           18.015  
ILE 'L-peptide linking' y ISOLEUCINE      ?                               'C6 H13 N O2'    131.173 
LEU 'L-peptide linking' y LEUCINE         ?                               'C6 H13 N O2'    131.173 
LYS 'L-peptide linking' y LYSINE          ?                               'C6 H15 N2 O2 1' 147.195 
MET 'L-peptide linking' y METHIONINE      ?                               'C5 H11 N O2 S'  149.211 
PHE 'L-peptide linking' y PHENYLALANINE   ?                               'C9 H11 N O2'    165.189 
PRO 'L-peptide linking' y PROLINE         ?                               'C5 H9 N O2'     115.130 
SER 'L-peptide linking' y SERINE          ?                               'C3 H7 N O3'     105.093 
THR 'L-peptide linking' y THREONINE       ?                               'C4 H9 N O3'     119.119 
TRP 'L-peptide linking' y TRYPTOPHAN      ?                               'C11 H12 N2 O2'  204.225 
TYR 'L-peptide linking' y TYROSINE        ?                               'C9 H11 N O3'    181.189 
VAL 'L-peptide linking' y VALINE          ?                               'C5 H11 N O2'    117.146 
# 
_exptl.entry_id          3H95 
_exptl.method            'X-RAY DIFFRACTION' 
_exptl.crystals_number   1 
# 
_exptl_crystal.id                    1 
_exptl_crystal.density_meas          ? 
_exptl_crystal.density_Matthews      2.16 
_exptl_crystal.density_percent_sol   43.10 
_exptl_crystal.description           ? 
_exptl_crystal.F_000                 ? 
_exptl_crystal.preparation           ? 
# 
_exptl_crystal_grow.crystal_id      1 
_exptl_crystal_grow.method          'VAPOR DIFFUSION, HANGING DROP' 
_exptl_crystal_grow.temp            293 
_exptl_crystal_grow.temp_details    ? 
_exptl_crystal_grow.pH              ? 
_exptl_crystal_grow.pdbx_details    
'30% PEG 3350, 0.4M tri-ammonium citrate, 5mM magnesium chloride, VAPOR DIFFUSION, HANGING DROP, temperature 293K' 
_exptl_crystal_grow.pdbx_pH_range   ? 
# 
_diffrn.id                     1 
_diffrn.ambient_temp           100 
_diffrn.ambient_temp_details   ? 
_diffrn.crystal_id             1 
# 
_diffrn_detector.diffrn_id              1 
_diffrn_detector.detector               CCD 
_diffrn_detector.type                   'ADSC QUANTUM 315r' 
_diffrn_detector.pdbx_collection_date   2009-01-30 
_diffrn_detector.details                'TIROIDAL MIRROR' 
# 
_diffrn_radiation.diffrn_id                        1 
_diffrn_radiation.wavelength_id                    1 
_diffrn_radiation.pdbx_monochromatic_or_laue_m_l   M 
_diffrn_radiation.monochromator                    'Si 111' 
_diffrn_radiation.pdbx_diffrn_protocol             'SINGLE WAVELENGTH' 
_diffrn_radiation.pdbx_scattering_type             x-ray 
# 
_diffrn_radiation_wavelength.id           1 
_diffrn_radiation_wavelength.wavelength   0.979300 
_diffrn_radiation_wavelength.wt           1.0 
# 
_diffrn_source.diffrn_id                   1 
_diffrn_source.source                      SYNCHROTRON 
_diffrn_source.type                        'ESRF BEAMLINE ID23-1' 
_diffrn_source.pdbx_synchrotron_site       ESRF 
_diffrn_source.pdbx_synchrotron_beamline   ID23-1 
_diffrn_source.pdbx_wavelength             ? 
_diffrn_source.pdbx_wavelength_list        0.979300 
# 
_reflns.entry_id                     3H95 
_reflns.observed_criterion_sigma_I   -3.0 
_reflns.observed_criterion_sigma_F   ? 
_reflns.d_resolution_low             50.0 
_reflns.d_resolution_high            1.69 
_reflns.number_obs                   23294 
_reflns.number_all                   23317 
_reflns.percent_possible_obs         99.9 
_reflns.pdbx_Rmerge_I_obs            0.059 
_reflns.pdbx_Rsym_value              0.056 
_reflns.pdbx_netI_over_sigmaI        22.2 
_reflns.B_iso_Wilson_estimate        24.1 
_reflns.pdbx_redundancy              10.3 
_reflns.R_free_details               ? 
_reflns.limit_h_max                  ? 
_reflns.limit_h_min                  ? 
_reflns.limit_k_max                  ? 
_reflns.limit_k_min                  ? 
_reflns.limit_l_max                  ? 
_reflns.limit_l_min                  ? 
_reflns.observed_criterion_F_max     ? 
_reflns.observed_criterion_F_min     ? 
_reflns.pdbx_chi_squared             ? 
_reflns.pdbx_scaling_rejects         ? 
_reflns.pdbx_ordinal                 1 
_reflns.pdbx_diffrn_id               1 
# 
_reflns_shell.d_res_high             1.69 
_reflns_shell.d_res_low              1.79 
_reflns_shell.percent_possible_all   99.8 
_reflns_shell.Rmerge_I_obs           0.574 
_reflns_shell.pdbx_Rsym_value        0.545 
_reflns_shell.meanI_over_sigI_obs    4.1 
_reflns_shell.pdbx_redundancy        10.3 
_reflns_shell.percent_possible_obs   ? 
_reflns_shell.number_unique_all      3305 
_reflns_shell.number_measured_all    ? 
_reflns_shell.number_measured_obs    ? 
_reflns_shell.number_unique_obs      ? 
_reflns_shell.pdbx_chi_squared       ? 
_reflns_shell.pdbx_ordinal           1 
_reflns_shell.pdbx_diffrn_id         1 
# 
_refine.entry_id                                 3H95 
_refine.ls_number_reflns_obs                     21832 
_refine.ls_number_reflns_all                     21832 
_refine.pdbx_ls_sigma_I                          ? 
_refine.pdbx_ls_sigma_F                          ? 
_refine.pdbx_data_cutoff_high_absF               ? 
_refine.pdbx_data_cutoff_low_absF                ? 
_refine.pdbx_data_cutoff_high_rms_absF           ? 
_refine.ls_d_res_low                             19.08 
_refine.ls_d_res_high                            1.70 
_refine.ls_percent_reflns_obs                    100.00 
_refine.ls_R_factor_obs                          0.19576 
_refine.ls_R_factor_all                          0.19576 
_refine.ls_R_factor_R_work                       0.19440 
_refine.ls_R_factor_R_free                       0.22135 
_refine.ls_R_factor_R_free_error                 ? 
_refine.ls_R_factor_R_free_error_details         ? 
_refine.ls_percent_reflns_R_free                 5.0 
_refine.ls_number_reflns_R_free                  1149 
_refine.ls_number_parameters                     ? 
_refine.ls_number_restraints                     ? 
_refine.occupancy_min                            ? 
_refine.occupancy_max                            ? 
_refine.correlation_coeff_Fo_to_Fc               0.954 
_refine.correlation_coeff_Fo_to_Fc_free          0.944 
_refine.B_iso_mean                               24.756 
_refine.aniso_B[1][1]                            0.00 
_refine.aniso_B[2][2]                            0.00 
_refine.aniso_B[3][3]                            -0.01 
_refine.aniso_B[1][2]                            0.00 
_refine.aniso_B[1][3]                            0.00 
_refine.aniso_B[2][3]                            0.00 
_refine.solvent_model_details                    MASK 
_refine.solvent_model_param_ksol                 ? 
_refine.solvent_model_param_bsol                 ? 
_refine.pdbx_solvent_vdw_probe_radii             1.40 
_refine.pdbx_solvent_ion_probe_radii             0.80 
_refine.pdbx_solvent_shrinkage_radii             0.80 
_refine.pdbx_ls_cross_valid_method               THROUGHOUT 
_refine.details                                  'HYDROGENS HAVE BEEN ADDED IN THE RIDING POSITIONS' 
_refine.pdbx_starting_model                      'PDB entry 1VCD' 
_refine.pdbx_method_to_determine_struct          'MOLECULAR REPLACEMENT' 
_refine.pdbx_isotropic_thermal_model             ? 
_refine.pdbx_stereochemistry_target_values       'MAXIMUM LIKELIHOOD' 
_refine.pdbx_stereochem_target_val_spec_case     ? 
_refine.pdbx_R_Free_selection_details            RANDOM 
_refine.pdbx_overall_ESU_R                       0.105 
_refine.pdbx_overall_ESU_R_Free                  0.102 
_refine.overall_SU_ML                            0.069 
_refine.overall_SU_B                             2.081 
_refine.ls_redundancy_reflns_obs                 ? 
_refine.B_iso_min                                ? 
_refine.B_iso_max                                ? 
_refine.overall_SU_R_Cruickshank_DPI             ? 
_refine.overall_SU_R_free                        ? 
_refine.ls_wR_factor_R_free                      ? 
_refine.ls_wR_factor_R_work                      ? 
_refine.overall_FOM_free_R_set                   ? 
_refine.overall_FOM_work_R_set                   ? 
_refine.pdbx_overall_phase_error                 ? 
_refine.pdbx_refine_id                           'X-RAY DIFFRACTION' 
_refine.pdbx_diffrn_id                           1 
_refine.pdbx_TLS_residual_ADP_flag               ? 
_refine.pdbx_overall_SU_R_free_Cruickshank_DPI   ? 
_refine.pdbx_overall_SU_R_Blow_DPI               ? 
_refine.pdbx_overall_SU_R_free_Blow_DPI          ? 
# 
_refine_hist.pdbx_refine_id                   'X-RAY DIFFRACTION' 
_refine_hist.cycle_id                         LAST 
_refine_hist.pdbx_number_atoms_protein        1319 
_refine_hist.pdbx_number_atoms_nucleic_acid   0 
_refine_hist.pdbx_number_atoms_ligand         25 
_refine_hist.number_atoms_solvent             143 
_refine_hist.number_atoms_total               1487 
_refine_hist.d_res_high                       1.70 
_refine_hist.d_res_low                        19.08 
# 
loop_
_refine_ls_restr.type 
_refine_ls_restr.dev_ideal 
_refine_ls_restr.dev_ideal_target 
_refine_ls_restr.weight 
_refine_ls_restr.number 
_refine_ls_restr.pdbx_refine_id 
_refine_ls_restr.pdbx_restraint_function 
r_bond_refined_d       0.016  0.022  ? 1431 'X-RAY DIFFRACTION' ? 
r_bond_other_d         0.014  0.020  ? 1303 'X-RAY DIFFRACTION' ? 
r_angle_refined_deg    1.836  1.993  ? 1944 'X-RAY DIFFRACTION' ? 
r_angle_other_deg      5.516  3.000  ? 3046 'X-RAY DIFFRACTION' ? 
r_dihedral_angle_1_deg 6.842  5.000  ? 176  'X-RAY DIFFRACTION' ? 
r_dihedral_angle_2_deg 34.003 23.913 ? 69   'X-RAY DIFFRACTION' ? 
r_dihedral_angle_3_deg 13.500 15.000 ? 263  'X-RAY DIFFRACTION' ? 
r_dihedral_angle_4_deg 14.681 15.000 ? 11   'X-RAY DIFFRACTION' ? 
r_chiral_restr         0.111  0.200  ? 214  'X-RAY DIFFRACTION' ? 
r_gen_planes_refined   0.008  0.020  ? 1578 'X-RAY DIFFRACTION' ? 
r_gen_planes_other     0.007  0.020  ? 295  'X-RAY DIFFRACTION' ? 
r_mcbond_it            1.152  1.500  ? 838  'X-RAY DIFFRACTION' ? 
r_mcbond_other         0.278  1.500  ? 341  'X-RAY DIFFRACTION' ? 
r_mcangle_it           2.059  2.000  ? 1374 'X-RAY DIFFRACTION' ? 
r_scbond_it            2.932  3.000  ? 593  'X-RAY DIFFRACTION' ? 
r_scangle_it           4.909  4.500  ? 564  'X-RAY DIFFRACTION' ? 
# 
_refine_ls_shell.pdbx_total_number_of_bins_used   20 
_refine_ls_shell.d_res_high                       1.700 
_refine_ls_shell.d_res_low                        1.744 
_refine_ls_shell.number_reflns_R_work             1572 
_refine_ls_shell.R_factor_R_work                  0.252 
_refine_ls_shell.percent_reflns_obs               100.00 
_refine_ls_shell.R_factor_R_free                  0.320 
_refine_ls_shell.R_factor_R_free_error            ? 
_refine_ls_shell.percent_reflns_R_free            ? 
_refine_ls_shell.number_reflns_R_free             82 
_refine_ls_shell.number_reflns_all                ? 
_refine_ls_shell.R_factor_all                     ? 
_refine_ls_shell.number_reflns_obs                1572 
_refine_ls_shell.redundancy_reflns_obs            ? 
_refine_ls_shell.pdbx_refine_id                   'X-RAY DIFFRACTION' 
# 
_struct.entry_id                  3H95 
_struct.title                     'Crystal structure of the NUDIX domain of NUDT6' 
_struct.pdbx_model_details        ? 
_struct.pdbx_CASP_flag            N 
_struct.pdbx_model_type_details   ? 
# 
_struct_keywords.entry_id        3H95 
_struct_keywords.pdbx_keywords   'GENE REGULATION' 
_struct_keywords.text            
;NUDT6, NUDIX, HYDROLASE, GFG, GFG-1, FGF2AS, STRUCTURAL GENOMICS, STRUCTURAL GENOMICS CONSORTIUM, SGC, SGC STOCKHOLM, Isopeptide bond, GENE REGULATION
;
# 
loop_
_struct_asym.id 
_struct_asym.pdbx_blank_PDB_chainid_flag 
_struct_asym.pdbx_modified 
_struct_asym.entity_id 
_struct_asym.details 
A N N 1 ? 
B N N 2 ? 
C N N 3 ? 
D N N 3 ? 
E N N 4 ? 
# 
_struct_biol.id        1 
_struct_biol.details   ? 
# 
loop_
_struct_conf.conf_type_id 
_struct_conf.id 
_struct_conf.pdbx_PDB_helix_id 
_struct_conf.beg_label_comp_id 
_struct_conf.beg_label_asym_id 
_struct_conf.beg_label_seq_id 
_struct_conf.pdbx_beg_PDB_ins_code 
_struct_conf.end_label_comp_id 
_struct_conf.end_label_asym_id 
_struct_conf.end_label_seq_id 
_struct_conf.pdbx_end_PDB_ins_code 
_struct_conf.beg_auth_comp_id 
_struct_conf.beg_auth_asym_id 
_struct_conf.beg_auth_seq_id 
_struct_conf.end_auth_comp_id 
_struct_conf.end_auth_asym_id 
_struct_conf.end_auth_seq_id 
_struct_conf.pdbx_PDB_helix_class 
_struct_conf.details 
_struct_conf.pdbx_PDB_helix_length 
HELX_P HELX_P1 1 ASP A 66  ? GLY A 80  ? ASP A 183 GLY A 197 1 ? 15 
HELX_P HELX_P2 2 LEU A 134 ? THR A 140 ? LEU A 251 THR A 257 1 ? 7  
HELX_P HELX_P3 3 THR A 144 ? GLY A 161 ? THR A 261 GLY A 278 1 ? 18 
HELX_P HELX_P4 4 PHE A 162 ? ILE A 165 ? PHE A 279 ILE A 282 5 ? 4  
HELX_P HELX_P5 5 PRO A 189 ? THR A 194 ? PRO A 306 THR A 311 1 ? 6  
# 
_struct_conf_type.id          HELX_P 
_struct_conf_type.criteria    ? 
_struct_conf_type.reference   ? 
# 
loop_
_struct_sheet.id 
_struct_sheet.type 
_struct_sheet.number_strands 
_struct_sheet.details 
A ? 4 ? 
B ? 4 ? 
C ? 2 ? 
# 
loop_
_struct_sheet_order.sheet_id 
_struct_sheet_order.range_id_1 
_struct_sheet_order.range_id_2 
_struct_sheet_order.offset 
_struct_sheet_order.sense 
A 1 2 ? anti-parallel 
A 2 3 ? parallel      
A 3 4 ? anti-parallel 
B 1 2 ? anti-parallel 
B 2 3 ? anti-parallel 
B 3 4 ? anti-parallel 
C 1 2 ? anti-parallel 
# 
loop_
_struct_sheet_range.sheet_id 
_struct_sheet_range.id 
_struct_sheet_range.beg_label_comp_id 
_struct_sheet_range.beg_label_asym_id 
_struct_sheet_range.beg_label_seq_id 
_struct_sheet_range.pdbx_beg_PDB_ins_code 
_struct_sheet_range.end_label_comp_id 
_struct_sheet_range.end_label_asym_id 
_struct_sheet_range.end_label_seq_id 
_struct_sheet_range.pdbx_end_PDB_ins_code 
_struct_sheet_range.beg_auth_comp_id 
_struct_sheet_range.beg_auth_asym_id 
_struct_sheet_range.beg_auth_seq_id 
_struct_sheet_range.end_auth_comp_id 
_struct_sheet_range.end_auth_asym_id 
_struct_sheet_range.end_auth_seq_id 
A 1 GLY A 58  ? LEU A 60  ? GLY A 175 LEU A 177 
A 2 GLY A 28  ? ASP A 35  ? GLY A 145 ASP A 152 
A 3 MET A 106 ? PRO A 114 ? MET A 223 PRO A 231 
A 4 SER A 83  ? GLN A 93  ? SER A 200 GLN A 210 
B 1 GLY A 58  ? LEU A 60  ? GLY A 175 LEU A 177 
B 2 GLY A 28  ? ASP A 35  ? GLY A 145 ASP A 152 
B 3 LYS A 40  ? ASP A 46  ? LYS A 157 ASP A 163 
B 4 CYS A 126 ? ASP A 133 ? CYS A 243 ASP A 250 
C 1 LEU A 167 ? PRO A 173 ? LEU A 284 PRO A 290 
C 2 PHE A 180 ? LYS A 186 ? PHE A 297 LYS A 303 
# 
loop_
_pdbx_struct_sheet_hbond.sheet_id 
_pdbx_struct_sheet_hbond.range_id_1 
_pdbx_struct_sheet_hbond.range_id_2 
_pdbx_struct_sheet_hbond.range_1_label_atom_id 
_pdbx_struct_sheet_hbond.range_1_label_comp_id 
_pdbx_struct_sheet_hbond.range_1_label_asym_id 
_pdbx_struct_sheet_hbond.range_1_label_seq_id 
_pdbx_struct_sheet_hbond.range_1_PDB_ins_code 
_pdbx_struct_sheet_hbond.range_1_auth_atom_id 
_pdbx_struct_sheet_hbond.range_1_auth_comp_id 
_pdbx_struct_sheet_hbond.range_1_auth_asym_id 
_pdbx_struct_sheet_hbond.range_1_auth_seq_id 
_pdbx_struct_sheet_hbond.range_2_label_atom_id 
_pdbx_struct_sheet_hbond.range_2_label_comp_id 
_pdbx_struct_sheet_hbond.range_2_label_asym_id 
_pdbx_struct_sheet_hbond.range_2_label_seq_id 
_pdbx_struct_sheet_hbond.range_2_PDB_ins_code 
_pdbx_struct_sheet_hbond.range_2_auth_atom_id 
_pdbx_struct_sheet_hbond.range_2_auth_comp_id 
_pdbx_struct_sheet_hbond.range_2_auth_asym_id 
_pdbx_struct_sheet_hbond.range_2_auth_seq_id 
A 1 2 O GLY A 59  ? O GLY A 176 N VAL A 29  ? N VAL A 146 
A 2 3 N ALA A 32  ? N ALA A 149 O CYS A 110 ? O CYS A 227 
A 3 4 O ILE A 109 ? O ILE A 226 N LEU A 89  ? N LEU A 206 
B 1 2 O GLY A 59  ? O GLY A 176 N VAL A 29  ? N VAL A 146 
B 2 3 N ASP A 35  ? N ASP A 152 O LYS A 40  ? O LYS A 157 
B 3 4 N GLN A 45  ? N GLN A 162 O LEU A 127 ? O LEU A 244 
C 1 2 N THR A 168 ? N THR A 285 O HIS A 185 ? O HIS A 302 
# 
loop_
_struct_site.id 
_struct_site.pdbx_evidence_code 
_struct_site.pdbx_auth_asym_id 
_struct_site.pdbx_auth_comp_id 
_struct_site.pdbx_auth_seq_id 
_struct_site.pdbx_auth_ins_code 
_struct_site.pdbx_num_residues 
_struct_site.details 
AC1 Software A FLC 1 ? 13 'BINDING SITE FOR RESIDUE FLC A 1' 
AC2 Software A GOL 2 ? 8  'BINDING SITE FOR RESIDUE GOL A 2' 
AC3 Software A GOL 3 ? 9  'BINDING SITE FOR RESIDUE GOL A 3' 
# 
loop_
_struct_site_gen.id 
_struct_site_gen.site_id 
_struct_site_gen.pdbx_num_res 
_struct_site_gen.label_comp_id 
_struct_site_gen.label_asym_id 
_struct_site_gen.label_seq_id 
_struct_site_gen.pdbx_auth_ins_code 
_struct_site_gen.auth_comp_id 
_struct_site_gen.auth_asym_id 
_struct_site_gen.auth_seq_id 
_struct_site_gen.label_atom_id 
_struct_site_gen.label_alt_id 
_struct_site_gen.symmetry 
_struct_site_gen.details 
1  AC1 13 GOL C .   ? GOL A 2    . ? 7_556 ? 
2  AC1 13 LYS A 49  ? LYS A 166  . ? 7_556 ? 
3  AC1 13 LYS A 55  ? LYS A 172  . ? 7_556 ? 
4  AC1 13 ARG A 92  ? ARG A 209  . ? 7_556 ? 
5  AC1 13 THR A 144 ? THR A 261  . ? 7_556 ? 
6  AC1 13 ALA A 174 ? ALA A 291  . ? 1_555 ? 
7  AC1 13 VAL A 175 ? VAL A 292  . ? 1_555 ? 
8  AC1 13 TYR A 176 ? TYR A 293  . ? 1_555 ? 
9  AC1 13 TYR A 181 ? TYR A 298  . ? 1_555 ? 
10 AC1 13 HOH E .   ? HOH A 1003 . ? 1_555 ? 
11 AC1 13 HOH E .   ? HOH A 1038 . ? 1_555 ? 
12 AC1 13 HOH E .   ? HOH A 1120 . ? 7_556 ? 
13 AC1 13 HOH E .   ? HOH A 1129 . ? 1_555 ? 
14 AC2 8  FLC B .   ? FLC A 1    . ? 7_556 ? 
15 AC2 8  ALA A 30  ? ALA A 147  . ? 1_555 ? 
16 AC2 8  LYS A 55  ? LYS A 172  . ? 1_555 ? 
17 AC2 8  PHE A 56  ? PHE A 173  . ? 1_555 ? 
18 AC2 8  ARG A 92  ? ARG A 209  . ? 1_555 ? 
19 AC2 8  TYR A 107 ? TYR A 224  . ? 1_555 ? 
20 AC2 8  ILE A 146 ? ILE A 263  . ? 1_555 ? 
21 AC2 8  THR A 147 ? THR A 264  . ? 1_555 ? 
22 AC3 9  GLU A 36  ? GLU A 153  . ? 1_555 ? 
23 AC3 9  SER A 37  ? SER A 154  . ? 1_555 ? 
24 AC3 9  THR A 140 ? THR A 257  . ? 6_455 ? 
25 AC3 9  GLU A 141 ? GLU A 258  . ? 6_455 ? 
26 AC3 9  THR A 143 ? THR A 260  . ? 6_455 ? 
27 AC3 9  PRO A 145 ? PRO A 262  . ? 6_455 ? 
28 AC3 9  SER A 148 ? SER A 265  . ? 6_455 ? 
29 AC3 9  TYR A 158 ? TYR A 275  . ? 1_555 ? 
30 AC3 9  HOH E .   ? HOH A 1034 . ? 1_555 ? 
# 
_atom_sites.entry_id                    3H95 
_atom_sites.fract_transf_matrix[1][1]   0.01651988 
_atom_sites.fract_transf_matrix[1][2]   -0.00186231 
_atom_sites.fract_transf_matrix[1][3]   -0.00774237 
_atom_sites.fract_transf_matrix[2][1]   0.00703655 
_atom_sites.fract_transf_matrix[2][2]   0.01176168 
_atom_sites.fract_transf_matrix[2][3]   0.01218477 
_atom_sites.fract_transf_matrix[3][1]   0.00152043 
_atom_sites.fract_transf_matrix[3][2]   -0.00568778 
_atom_sites.fract_transf_matrix[3][3]   0.00461225 
_atom_sites.fract_transf_vector[1]      0.363534 
_atom_sites.fract_transf_vector[2]      0.460010 
_atom_sites.fract_transf_vector[3]      0.411086 
# 
loop_
_atom_type.symbol 
C 
N 
O 
S 
# 
loop_
_atom_site.group_PDB 
_atom_site.id 
_atom_site.type_symbol 
_atom_site.label_atom_id 
_atom_site.label_alt_id 
_atom_site.label_comp_id 
_atom_site.label_asym_id 
_atom_site.label_entity_id 
_atom_site.label_seq_id 
_atom_site.pdbx_PDB_ins_code 
_atom_site.Cartn_x 
_atom_site.Cartn_y 
_atom_site.Cartn_z 
_atom_site.occupancy 
_atom_site.B_iso_or_equiv 
_atom_site.pdbx_formal_charge 
_atom_site.auth_seq_id 
_atom_site.auth_comp_id 
_atom_site.auth_asym_id 
_atom_site.auth_atom_id 
_atom_site.pdbx_PDB_model_num 
ATOM   1    N N   . GLN A 1 26  ? 15.404  2.889   8.138   1.00 45.24 ? 143  GLN A N   1 
ATOM   2    C CA  . GLN A 1 26  ? 13.943  2.874   8.480   1.00 44.63 ? 143  GLN A CA  1 
ATOM   3    C C   . GLN A 1 26  ? 13.173  2.173   7.351   1.00 42.41 ? 143  GLN A C   1 
ATOM   4    O O   . GLN A 1 26  ? 13.593  2.197   6.204   1.00 42.40 ? 143  GLN A O   1 
ATOM   5    C CB  . GLN A 1 26  ? 13.424  4.303   8.690   1.00 45.53 ? 143  GLN A CB  1 
ATOM   6    C CG  . GLN A 1 26  ? 13.492  4.805   10.148  1.00 48.34 ? 143  GLN A CG  1 
ATOM   7    C CD  . GLN A 1 26  ? 12.276  4.404   10.979  1.00 52.01 ? 143  GLN A CD  1 
ATOM   8    O OE1 . GLN A 1 26  ? 11.197  4.986   10.840  1.00 55.40 ? 143  GLN A OE1 1 
ATOM   9    N NE2 . GLN A 1 26  ? 12.453  3.421   11.863  1.00 53.99 ? 143  GLN A NE2 1 
ATOM   10   N N   . VAL A 1 27  ? 12.056  1.531   7.675   1.00 40.00 ? 144  VAL A N   1 
ATOM   11   C CA  . VAL A 1 27  ? 11.253  0.833   6.671   1.00 37.50 ? 144  VAL A CA  1 
ATOM   12   C C   . VAL A 1 27  ? 10.631  1.812   5.680   1.00 34.27 ? 144  VAL A C   1 
ATOM   13   O O   . VAL A 1 27  ? 10.169  2.866   6.076   1.00 33.11 ? 144  VAL A O   1 
ATOM   14   C CB  . VAL A 1 27  ? 10.110  0.014   7.360   1.00 37.85 ? 144  VAL A CB  1 
ATOM   15   C CG1 . VAL A 1 27  ? 9.166   0.924   8.137   1.00 40.04 ? 144  VAL A CG1 1 
ATOM   16   C CG2 . VAL A 1 27  ? 9.303   -0.792  6.350   1.00 37.44 ? 144  VAL A CG2 1 
ATOM   17   N N   . GLY A 1 28  ? 10.596  1.458   4.398   1.00 31.47 ? 145  GLY A N   1 
ATOM   18   C CA  . GLY A 1 28  ? 9.707   2.127   3.460   1.00 28.80 ? 145  GLY A CA  1 
ATOM   19   C C   . GLY A 1 28  ? 8.263   1.596   3.453   1.00 26.31 ? 145  GLY A C   1 
ATOM   20   O O   . GLY A 1 28  ? 8.019   0.428   3.701   1.00 25.53 ? 145  GLY A O   1 
ATOM   21   N N   . VAL A 1 29  ? 7.318   2.471   3.150   1.00 23.66 ? 146  VAL A N   1 
ATOM   22   C CA  . VAL A 1 29  ? 5.901   2.115   3.055   1.00 22.62 ? 146  VAL A CA  1 
ATOM   23   C C   . VAL A 1 29  ? 5.248   2.816   1.836   1.00 22.42 ? 146  VAL A C   1 
ATOM   24   O O   . VAL A 1 29  ? 5.442   4.023   1.602   1.00 23.04 ? 146  VAL A O   1 
ATOM   25   C CB  . VAL A 1 29  ? 5.127   2.498   4.349   1.00 22.66 ? 146  VAL A CB  1 
ATOM   26   C CG1 . VAL A 1 29  ? 3.714   1.954   4.254   1.00 23.39 ? 146  VAL A CG1 1 
ATOM   27   C CG2 . VAL A 1 29  ? 5.904   2.006   5.585   1.00 23.39 ? 146  VAL A CG2 1 
ATOM   28   N N   . ALA A 1 30  ? 4.475   2.040   1.072   1.00 21.31 ? 147  ALA A N   1 
ATOM   29   C CA  . ALA A 1 30  ? 3.677   2.529   -0.043  1.00 21.19 ? 147  ALA A CA  1 
ATOM   30   C C   . ALA A 1 30  ? 2.197   2.398   0.235   1.00 20.94 ? 147  ALA A C   1 
ATOM   31   O O   . ALA A 1 30  ? 1.751   1.483   0.909   1.00 22.19 ? 147  ALA A O   1 
ATOM   32   C CB  . ALA A 1 30  ? 3.997   1.745   -1.359  1.00 20.95 ? 147  ALA A CB  1 
ATOM   33   N N   . GLY A 1 31  ? 1.433   3.272   -0.379  1.00 20.49 ? 148  GLY A N   1 
ATOM   34   C CA  . GLY A 1 31  ? -0.002  3.233   -0.306  1.00 20.01 ? 148  GLY A CA  1 
ATOM   35   C C   . GLY A 1 31  ? -0.637  3.001   -1.654  1.00 18.90 ? 148  GLY A C   1 
ATOM   36   O O   . GLY A 1 31  ? -0.386  3.756   -2.584  1.00 20.72 ? 148  GLY A O   1 
ATOM   37   N N   . ALA A 1 32  ? -1.431  1.931   -1.724  1.00 19.08 ? 149  ALA A N   1 
ATOM   38   C CA  . ALA A 1 32  ? -2.235  1.551   -2.889  1.00 17.90 ? 149  ALA A CA  1 
ATOM   39   C C   . ALA A 1 32  ? -3.666  1.970   -2.509  1.00 18.98 ? 149  ALA A C   1 
ATOM   40   O O   . ALA A 1 32  ? -4.367  1.226   -1.794  1.00 19.78 ? 149  ALA A O   1 
ATOM   41   C CB  . ALA A 1 32  ? -2.154  0.077   -3.181  1.00 20.52 ? 149  ALA A CB  1 
ATOM   42   N N   . VAL A 1 33  ? -4.068  3.143   -2.976  1.00 19.30 ? 150  VAL A N   1 
ATOM   43   C CA  . VAL A 1 33  ? -5.367  3.752   -2.573  1.00 19.68 ? 150  VAL A CA  1 
ATOM   44   C C   . VAL A 1 33  ? -6.379  3.317   -3.620  1.00 18.37 ? 150  VAL A C   1 
ATOM   45   O O   . VAL A 1 33  ? -6.334  3.781   -4.746  1.00 19.93 ? 150  VAL A O   1 
ATOM   46   C CB  . VAL A 1 33  ? -5.287  5.295   -2.483  1.00 20.37 ? 150  VAL A CB  1 
ATOM   47   C CG1 . VAL A 1 33  ? -6.645  5.860   -2.113  1.00 22.32 ? 150  VAL A CG1 1 
ATOM   48   C CG2 . VAL A 1 33  ? -4.185  5.700   -1.516  1.00 19.90 ? 150  VAL A CG2 1 
ATOM   49   N N   . PHE A 1 34  ? -7.222  2.352   -3.290  1.00 19.54 ? 151  PHE A N   1 
ATOM   50   C CA  . PHE A 1 34  ? -8.173  1.791   -4.231  1.00 18.69 ? 151  PHE A CA  1 
ATOM   51   C C   . PHE A 1 34  ? -9.599  2.203   -3.845  1.00 20.75 ? 151  PHE A C   1 
ATOM   52   O O   . PHE A 1 34  ? -10.062 1.920   -2.719  1.00 21.43 ? 151  PHE A O   1 
ATOM   53   C CB  . PHE A 1 34  ? -8.048  0.269   -4.245  1.00 19.48 ? 151  PHE A CB  1 
ATOM   54   C CG  . PHE A 1 34  ? -9.049  -0.432  -5.117  1.00 19.48 ? 151  PHE A CG  1 
ATOM   55   C CD1 . PHE A 1 34  ? -9.093  -0.189  -6.433  1.00 19.09 ? 151  PHE A CD1 1 
ATOM   56   C CD2 . PHE A 1 34  ? -9.915  -1.371  -4.597  1.00 20.83 ? 151  PHE A CD2 1 
ATOM   57   C CE1 . PHE A 1 34  ? -10.035 -0.837  -7.266  1.00 15.91 ? 151  PHE A CE1 1 
ATOM   58   C CE2 . PHE A 1 34  ? -10.858 -2.024  -5.421  1.00 20.46 ? 151  PHE A CE2 1 
ATOM   59   C CZ  . PHE A 1 34  ? -10.890 -1.749  -6.757  1.00 20.13 ? 151  PHE A CZ  1 
ATOM   60   N N   . ASP A 1 35  ? -10.279 2.812   -4.806  1.00 20.94 ? 152  ASP A N   1 
ATOM   61   C CA  . ASP A 1 35  ? -11.697 3.162   -4.678  1.00 22.33 ? 152  ASP A CA  1 
ATOM   62   C C   . ASP A 1 35  ? -12.567 2.047   -5.195  1.00 22.47 ? 152  ASP A C   1 
ATOM   63   O O   . ASP A 1 35  ? -12.754 1.861   -6.431  1.00 21.41 ? 152  ASP A O   1 
ATOM   64   C CB  . ASP A 1 35  ? -11.956 4.489   -5.381  1.00 22.67 ? 152  ASP A CB  1 
ATOM   65   C CG  . ASP A 1 35  ? -13.375 4.995   -5.193  1.00 24.45 ? 152  ASP A CG  1 
ATOM   66   O OD1 . ASP A 1 35  ? -14.229 4.219   -4.787  1.00 25.51 ? 152  ASP A OD1 1 
ATOM   67   O OD2 . ASP A 1 35  ? -13.588 6.170   -5.483  1.00 28.74 ? 152  ASP A OD2 1 
ATOM   68   N N   A GLU A 1 36  ? -13.122 1.292   -4.250  0.50 22.76 ? 153  GLU A N   1 
ATOM   69   N N   B GLU A 1 36  ? -13.116 1.282   -4.269  0.50 23.42 ? 153  GLU A N   1 
ATOM   70   C CA  A GLU A 1 36  ? -13.880 0.088   -4.595  0.50 23.82 ? 153  GLU A CA  1 
ATOM   71   C CA  B GLU A 1 36  ? -13.878 0.098   -4.640  0.50 24.91 ? 153  GLU A CA  1 
ATOM   72   C C   A GLU A 1 36  ? -15.199 0.429   -5.312  0.50 24.25 ? 153  GLU A C   1 
ATOM   73   C C   B GLU A 1 36  ? -15.172 0.454   -5.386  0.50 24.84 ? 153  GLU A C   1 
ATOM   74   O O   A GLU A 1 36  ? -15.804 -0.443  -5.931  0.50 25.60 ? 153  GLU A O   1 
ATOM   75   O O   B GLU A 1 36  ? -15.736 -0.370  -6.100  0.50 26.02 ? 153  GLU A O   1 
ATOM   76   C CB  A GLU A 1 36  ? -14.145 -0.796  -3.353  0.50 24.54 ? 153  GLU A CB  1 
ATOM   77   C CB  B GLU A 1 36  ? -14.213 -0.672  -3.376  0.50 26.05 ? 153  GLU A CB  1 
ATOM   78   C CG  A GLU A 1 36  ? -15.401 -0.424  -2.567  0.50 24.98 ? 153  GLU A CG  1 
ATOM   79   C CG  B GLU A 1 36  ? -14.717 0.264   -2.320  0.50 28.80 ? 153  GLU A CG  1 
ATOM   80   C CD  A GLU A 1 36  ? -15.252 0.884   -1.792  0.50 28.70 ? 153  GLU A CD  1 
ATOM   81   C CD  B GLU A 1 36  ? -15.205 -0.455  -1.108  0.50 33.15 ? 153  GLU A CD  1 
ATOM   82   O OE1 A GLU A 1 36  ? -14.088 1.302   -1.565  0.50 29.20 ? 153  GLU A OE1 1 
ATOM   83   O OE1 B GLU A 1 36  ? -14.944 -1.675  -1.001  0.50 35.68 ? 153  GLU A OE1 1 
ATOM   84   O OE2 A GLU A 1 36  ? -16.299 1.498   -1.428  0.50 30.00 ? 153  GLU A OE2 1 
ATOM   85   O OE2 B GLU A 1 36  ? -15.852 0.204   -0.269  0.50 36.96 ? 153  GLU A OE2 1 
ATOM   86   N N   . SER A 1 37  ? -15.641 1.680   -5.230  1.00 24.93 ? 154  SER A N   1 
ATOM   87   C CA  . SER A 1 37  ? -16.899 2.094   -5.863  1.00 25.22 ? 154  SER A CA  1 
ATOM   88   C C   . SER A 1 37  ? -16.704 2.486   -7.341  1.00 24.86 ? 154  SER A C   1 
ATOM   89   O O   . SER A 1 37  ? -17.644 2.425   -8.136  1.00 23.91 ? 154  SER A O   1 
ATOM   90   C CB  . SER A 1 37  ? -17.567 3.227   -5.048  1.00 25.85 ? 154  SER A CB  1 
ATOM   91   O OG  . SER A 1 37  ? -16.965 4.473   -5.292  1.00 31.01 ? 154  SER A OG  1 
ATOM   92   N N   . THR A 1 38  ? -15.479 2.864   -7.726  1.00 22.16 ? 155  THR A N   1 
ATOM   93   C CA  . THR A 1 38  ? -15.225 3.342   -9.084  1.00 22.31 ? 155  THR A CA  1 
ATOM   94   C C   . THR A 1 38  ? -14.234 2.447   -9.821  1.00 21.47 ? 155  THR A C   1 
ATOM   95   O O   . THR A 1 38  ? -13.985 2.645   -11.017 1.00 21.68 ? 155  THR A O   1 
ATOM   96   C CB  . THR A 1 38  ? -14.591 4.745   -9.087  1.00 22.28 ? 155  THR A CB  1 
ATOM   97   O OG1 . THR A 1 38  ? -13.356 4.723   -8.348  1.00 23.34 ? 155  THR A OG1 1 
ATOM   98   C CG2 . THR A 1 38  ? -15.509 5.787   -8.417  1.00 22.40 ? 155  THR A CG2 1 
ATOM   99   N N   . ARG A 1 39  ? -13.683 1.492   -9.068  1.00 20.81 ? 156  ARG A N   1 
ATOM   100  C CA  . ARG A 1 39  ? -12.630 0.570   -9.572  1.00 21.12 ? 156  ARG A CA  1 
ATOM   101  C C   . ARG A 1 39  ? -11.396 1.319   -10.012 1.00 21.68 ? 156  ARG A C   1 
ATOM   102  O O   . ARG A 1 39  ? -10.688 0.880   -10.944 1.00 23.55 ? 156  ARG A O   1 
ATOM   103  C CB  . ARG A 1 39  ? -13.149 -0.300  -10.719 1.00 20.86 ? 156  ARG A CB  1 
ATOM   104  C CG  . ARG A 1 39  ? -12.331 -1.584  -11.010 1.00 21.31 ? 156  ARG A CG  1 
ATOM   105  C CD  . ARG A 1 39  ? -13.044 -2.384  -12.063 1.00 20.59 ? 156  ARG A CD  1 
ATOM   106  N NE  . ARG A 1 39  ? -12.899 -1.698  -13.338 1.00 22.27 ? 156  ARG A NE  1 
ATOM   107  C CZ  . ARG A 1 39  ? -13.626 -1.901  -14.434 1.00 21.68 ? 156  ARG A CZ  1 
ATOM   108  N NH1 . ARG A 1 39  ? -14.652 -2.762  -14.501 1.00 20.88 ? 156  ARG A NH1 1 
ATOM   109  N NH2 . ARG A 1 39  ? -13.275 -1.212  -15.501 1.00 25.19 ? 156  ARG A NH2 1 
ATOM   110  N N   . LYS A 1 40  ? -11.091 2.397   -9.317  1.00 21.19 ? 157  LYS A N   1 
ATOM   111  C CA  . LYS A 1 40  ? -9.923  3.212   -9.636  1.00 22.08 ? 157  LYS A CA  1 
ATOM   112  C C   . LYS A 1 40  ? -8.838  3.090   -8.589  1.00 21.71 ? 157  LYS A C   1 
ATOM   113  O O   . LYS A 1 40  ? -9.106  2.940   -7.389  1.00 21.02 ? 157  LYS A O   1 
ATOM   114  C CB  . LYS A 1 40  ? -10.279 4.685   -9.860  1.00 23.97 ? 157  LYS A CB  1 
ATOM   115  C CG  . LYS A 1 40  ? -11.246 4.854   -11.034 1.00 25.95 ? 157  LYS A CG  1 
ATOM   116  C CD  . LYS A 1 40  ? -11.577 6.249   -11.454 1.00 31.77 ? 157  LYS A CD  1 
ATOM   117  C CE  . LYS A 1 40  ? -12.582 6.239   -12.675 1.00 33.16 ? 157  LYS A CE  1 
ATOM   118  N NZ  . LYS A 1 40  ? -12.205 5.365   -13.895 1.00 36.23 ? 157  LYS A NZ  1 
ATOM   119  N N   . ILE A 1 41  ? -7.590  3.195   -9.070  1.00 20.88 ? 158  ILE A N   1 
ATOM   120  C CA  . ILE A 1 41  ? -6.412  3.041   -8.250  1.00 20.27 ? 158  ILE A CA  1 
ATOM   121  C C   . ILE A 1 41  ? -5.558  4.276   -8.482  1.00 19.86 ? 158  ILE A C   1 
ATOM   122  O O   . ILE A 1 41  ? -5.364  4.733   -9.619  1.00 20.90 ? 158  ILE A O   1 
ATOM   123  C CB  . ILE A 1 41  ? -5.617  1.745   -8.623  1.00 20.71 ? 158  ILE A CB  1 
ATOM   124  C CG1 . ILE A 1 41  ? -4.378  1.586   -7.755  1.00 21.87 ? 158  ILE A CG1 1 
ATOM   125  C CG2 . ILE A 1 41  ? -5.286  1.717   -10.117 1.00 21.45 ? 158  ILE A CG2 1 
ATOM   126  C CD1 . ILE A 1 41  ? -4.647  1.284   -6.322  1.00 25.29 ? 158  ILE A CD1 1 
ATOM   127  N N   . LEU A 1 42  ? -5.091  4.855   -7.403  1.00 19.69 ? 159  LEU A N   1 
ATOM   128  C CA  . LEU A 1 42  ? -4.332  6.064   -7.423  1.00 19.58 ? 159  LEU A CA  1 
ATOM   129  C C   . LEU A 1 42  ? -2.847  5.768   -7.703  1.00 20.64 ? 159  LEU A C   1 
ATOM   130  O O   . LEU A 1 42  ? -2.186  5.041   -6.957  1.00 21.29 ? 159  LEU A O   1 
ATOM   131  C CB  . LEU A 1 42  ? -4.461  6.739   -6.047  1.00 20.54 ? 159  LEU A CB  1 
ATOM   132  C CG  . LEU A 1 42  ? -3.844  8.122   -5.845  1.00 21.12 ? 159  LEU A CG  1 
ATOM   133  C CD1 . LEU A 1 42  ? -4.486  9.155   -6.794  1.00 25.01 ? 159  LEU A CD1 1 
ATOM   134  C CD2 . LEU A 1 42  ? -3.919  8.601   -4.377  1.00 23.95 ? 159  LEU A CD2 1 
ATOM   135  N N   . VAL A 1 43  ? -2.337  6.361   -8.766  1.00 20.71 ? 160  VAL A N   1 
ATOM   136  C CA  . VAL A 1 43  ? -0.974  6.115   -9.161  1.00 21.30 ? 160  VAL A CA  1 
ATOM   137  C C   . VAL A 1 43  ? -0.283  7.377   -9.553  1.00 20.97 ? 160  VAL A C   1 
ATOM   138  O O   . VAL A 1 43  ? -0.953  8.350   -9.900  1.00 21.53 ? 160  VAL A O   1 
ATOM   139  C CB  . VAL A 1 43  ? -0.901  5.134   -10.362 1.00 20.85 ? 160  VAL A CB  1 
ATOM   140  C CG1 . VAL A 1 43  ? -1.008  3.709   -9.889  1.00 22.39 ? 160  VAL A CG1 1 
ATOM   141  C CG2 . VAL A 1 43  ? -1.867  5.526   -11.466 1.00 23.57 ? 160  VAL A CG2 1 
ATOM   142  N N   . VAL A 1 44  ? 1.056   7.339   -9.504  1.00 21.22 ? 161  VAL A N   1 
ATOM   143  C CA  . VAL A 1 44  ? 1.894   8.477   -9.802  1.00 21.78 ? 161  VAL A CA  1 
ATOM   144  C C   . VAL A 1 44  ? 2.996   8.092   -10.772 1.00 21.79 ? 161  VAL A C   1 
ATOM   145  O O   . VAL A 1 44  ? 3.373   6.962   -10.862 1.00 20.47 ? 161  VAL A O   1 
ATOM   146  C CB  . VAL A 1 44  ? 2.569   9.066   -8.538  1.00 21.21 ? 161  VAL A CB  1 
ATOM   147  C CG1 . VAL A 1 44  ? 1.515   9.652   -7.561  1.00 23.69 ? 161  VAL A CG1 1 
ATOM   148  C CG2 . VAL A 1 44  ? 3.466   8.046   -7.843  1.00 24.09 ? 161  VAL A CG2 1 
ATOM   149  N N   . GLN A 1 45  ? 3.487   9.090   -11.504 1.00 23.18 ? 162  GLN A N   1 
ATOM   150  C CA  . GLN A 1 45  ? 4.761   9.028   -12.188 1.00 24.40 ? 162  GLN A CA  1 
ATOM   151  C C   . GLN A 1 45  ? 5.714   10.025  -11.544 1.00 25.68 ? 162  GLN A C   1 
ATOM   152  O O   . GLN A 1 45  ? 5.352   11.211  -11.386 1.00 27.78 ? 162  GLN A O   1 
ATOM   153  C CB  . GLN A 1 45  ? 4.579   9.425   -13.630 1.00 25.16 ? 162  GLN A CB  1 
ATOM   154  C CG  . GLN A 1 45  ? 4.013   8.318   -14.467 1.00 25.27 ? 162  GLN A CG  1 
ATOM   155  C CD  . GLN A 1 45  ? 3.668   8.741   -15.880 1.00 25.76 ? 162  GLN A CD  1 
ATOM   156  O OE1 . GLN A 1 45  ? 3.570   9.929   -16.193 1.00 27.11 ? 162  GLN A OE1 1 
ATOM   157  N NE2 . GLN A 1 45  ? 3.477   7.750   -16.752 1.00 26.85 ? 162  GLN A NE2 1 
ATOM   158  N N   . ASP A 1 46  ? 6.886   9.557   -11.138 1.00 27.04 ? 163  ASP A N   1 
ATOM   159  C CA  . ASP A 1 46  ? 7.845   10.423  -10.465 1.00 30.08 ? 163  ASP A CA  1 
ATOM   160  C C   . ASP A 1 46  ? 8.367   11.448  -11.471 1.00 32.11 ? 163  ASP A C   1 
ATOM   161  O O   . ASP A 1 46  ? 8.429   11.188  -12.667 1.00 31.46 ? 163  ASP A O   1 
ATOM   162  C CB  . ASP A 1 46  ? 8.983   9.622   -9.886  1.00 30.50 ? 163  ASP A CB  1 
ATOM   163  C CG  . ASP A 1 46  ? 8.729   9.162   -8.444  1.00 35.70 ? 163  ASP A CG  1 
ATOM   164  O OD1 . ASP A 1 46  ? 7.620   9.387   -7.879  1.00 40.27 ? 163  ASP A OD1 1 
ATOM   165  O OD2 . ASP A 1 46  ? 9.668   8.555   -7.872  1.00 42.66 ? 163  ASP A OD2 1 
ATOM   166  N N   . ARG A 1 47  ? 8.701   12.638  -10.996 1.00 34.20 ? 164  ARG A N   1 
ATOM   167  C CA  . ARG A 1 47  ? 9.108   13.686  -11.930 1.00 36.51 ? 164  ARG A CA  1 
ATOM   168  C C   . ARG A 1 47  ? 10.495  13.345  -12.460 1.00 37.96 ? 164  ARG A C   1 
ATOM   169  O O   . ARG A 1 47  ? 10.792  13.605  -13.627 1.00 39.30 ? 164  ARG A O   1 
ATOM   170  C CB  . ARG A 1 47  ? 9.063   15.066  -11.238 1.00 37.19 ? 164  ARG A CB  1 
ATOM   171  C CG  . ARG A 1 47  ? 9.485   16.268  -12.100 1.00 39.80 ? 164  ARG A CG  1 
ATOM   172  C CD  . ARG A 1 47  ? 9.250   17.612  -11.350 1.00 43.93 ? 164  ARG A CD  1 
ATOM   173  N NE  . ARG A 1 47  ? 9.884   18.744  -12.039 1.00 47.59 ? 164  ARG A NE  1 
ATOM   174  C CZ  . ARG A 1 47  ? 9.506   20.023  -11.958 1.00 50.51 ? 164  ARG A CZ  1 
ATOM   175  N NH1 . ARG A 1 47  ? 8.461   20.392  -11.223 1.00 50.78 ? 164  ARG A NH1 1 
ATOM   176  N NH2 . ARG A 1 47  ? 10.181  20.952  -12.639 1.00 51.71 ? 164  ARG A NH2 1 
ATOM   177  N N   . ASN A 1 48  ? 11.313  12.712  -11.624 1.00 39.29 ? 165  ASN A N   1 
ATOM   178  C CA  . ASN A 1 48  ? 12.745  12.564  -11.894 1.00 40.76 ? 165  ASN A CA  1 
ATOM   179  C C   . ASN A 1 48  ? 13.288  11.154  -11.925 1.00 40.54 ? 165  ASN A C   1 
ATOM   180  O O   . ASN A 1 48  ? 14.494  10.965  -12.062 1.00 41.92 ? 165  ASN A O   1 
ATOM   181  C CB  . ASN A 1 48  ? 13.530  13.310  -10.821 1.00 41.47 ? 165  ASN A CB  1 
ATOM   182  C CG  . ASN A 1 48  ? 13.239  14.786  -10.825 1.00 43.80 ? 165  ASN A CG  1 
ATOM   183  O OD1 . ASN A 1 48  ? 13.289  15.434  -11.872 1.00 48.40 ? 165  ASN A OD1 1 
ATOM   184  N ND2 . ASN A 1 48  ? 12.914  15.329  -9.664  1.00 47.12 ? 165  ASN A ND2 1 
ATOM   185  N N   . LYS A 1 49  ? 12.431  10.162  -11.771 1.00 39.11 ? 166  LYS A N   1 
ATOM   186  C CA  . LYS A 1 49  ? 12.878  8.776   -11.703 1.00 38.45 ? 166  LYS A CA  1 
ATOM   187  C C   . LYS A 1 49  ? 11.804  7.955   -12.406 1.00 36.28 ? 166  LYS A C   1 
ATOM   188  O O   . LYS A 1 49  ? 10.622  8.134   -12.086 1.00 36.87 ? 166  LYS A O   1 
ATOM   189  C CB  . LYS A 1 49  ? 12.977  8.357   -10.243 1.00 38.91 ? 166  LYS A CB  1 
ATOM   190  C CG  . LYS A 1 49  ? 13.478  6.971   -9.990  1.00 42.20 ? 166  LYS A CG  1 
ATOM   191  C CD  . LYS A 1 49  ? 13.530  6.728   -8.476  1.00 44.34 ? 166  LYS A CD  1 
ATOM   192  C CE  . LYS A 1 49  ? 13.853  5.274   -8.196  1.00 45.26 ? 166  LYS A CE  1 
ATOM   193  N NZ  . LYS A 1 49  ? 14.218  5.003   -6.793  1.00 46.81 ? 166  LYS A NZ  1 
ATOM   194  N N   . LEU A 1 50  ? 12.195  7.137   -13.389 1.00 33.03 ? 167  LEU A N   1 
ATOM   195  C CA  . LEU A 1 50  ? 11.259  6.289   -14.140 1.00 30.87 ? 167  LEU A CA  1 
ATOM   196  C C   . LEU A 1 50  ? 10.011  7.078   -14.474 1.00 29.51 ? 167  LEU A C   1 
ATOM   197  O O   . LEU A 1 50  ? 8.910   6.676   -14.109 1.00 27.05 ? 167  LEU A O   1 
ATOM   198  C CB  . LEU A 1 50  ? 10.888  5.006   -13.361 1.00 30.47 ? 167  LEU A CB  1 
ATOM   199  C CG  . LEU A 1 50  ? 12.058  4.064   -13.050 1.00 30.88 ? 167  LEU A CG  1 
ATOM   200  C CD1 . LEU A 1 50  ? 11.678  2.896   -12.152 1.00 29.80 ? 167  LEU A CD1 1 
ATOM   201  C CD2 . LEU A 1 50  ? 12.730  3.609   -14.363 1.00 29.36 ? 167  LEU A CD2 1 
ATOM   202  N N   . LYS A 1 51  ? 10.165  8.214   -15.163 1.00 28.02 ? 168  LYS A N   1 
ATOM   203  C CA  . LYS A 1 51  ? 9.007   9.106   -15.318 1.00 28.33 ? 168  LYS A CA  1 
ATOM   204  C C   . LYS A 1 51  ? 7.910   8.560   -16.246 1.00 26.81 ? 168  LYS A C   1 
ATOM   205  O O   . LYS A 1 51  ? 6.838   9.146   -16.358 1.00 26.76 ? 168  LYS A O   1 
ATOM   206  C CB  . LYS A 1 51  ? 9.445   10.501  -15.748 1.00 29.21 ? 168  LYS A CB  1 
ATOM   207  C CG  . LYS A 1 51  ? 9.981   10.560  -17.132 1.00 32.68 ? 168  LYS A CG  1 
ATOM   208  C CD  . LYS A 1 51  ? 10.374  12.009  -17.473 1.00 37.46 ? 168  LYS A CD  1 
ATOM   209  C CE  . LYS A 1 51  ? 11.784  12.284  -17.000 1.00 39.60 ? 168  LYS A CE  1 
ATOM   210  N NZ  . LYS A 1 51  ? 12.697  11.244  -17.533 1.00 40.97 ? 168  LYS A NZ  1 
ATOM   211  N N   . ASN A 1 52  ? 8.165   7.426   -16.889 1.00 25.39 ? 169  ASN A N   1 
ATOM   212  C CA  . ASN A 1 52  ? 7.151   6.839   -17.705 1.00 26.31 ? 169  ASN A CA  1 
ATOM   213  C C   . ASN A 1 52  ? 6.491   5.614   -17.046 1.00 25.33 ? 169  ASN A C   1 
ATOM   214  O O   . ASN A 1 52  ? 5.629   4.996   -17.670 1.00 26.57 ? 169  ASN A O   1 
ATOM   215  C CB  . ASN A 1 52  ? 7.753   6.452   -19.056 1.00 26.78 ? 169  ASN A CB  1 
ATOM   216  C CG  . ASN A 1 52  ? 8.185   7.667   -19.865 1.00 27.71 ? 169  ASN A CG  1 
ATOM   217  O OD1 . ASN A 1 52  ? 7.383   8.581   -20.113 1.00 35.67 ? 169  ASN A OD1 1 
ATOM   218  N ND2 . ASN A 1 52  ? 9.437   7.704   -20.235 1.00 33.50 ? 169  ASN A ND2 1 
ATOM   219  N N   . MET A 1 53  ? 6.850   5.311   -15.793 1.00 23.61 ? 170  MET A N   1 
ATOM   220  C CA  . MET A 1 53  ? 6.305   4.112   -15.090 1.00 22.90 ? 170  MET A CA  1 
ATOM   221  C C   . MET A 1 53  ? 5.407   4.573   -13.958 1.00 22.73 ? 170  MET A C   1 
ATOM   222  O O   . MET A 1 53  ? 5.844   5.326   -13.102 1.00 22.41 ? 170  MET A O   1 
ATOM   223  C CB  . MET A 1 53  ? 7.416   3.222   -14.537 1.00 23.27 ? 170  MET A CB  1 
ATOM   224  C CG  . MET A 1 53  ? 8.342   2.651   -15.609 1.00 25.09 ? 170  MET A CG  1 
ATOM   225  S SD  . MET A 1 53  ? 7.482   1.521   -16.698 1.00 26.28 ? 170  MET A SD  1 
ATOM   226  C CE  . MET A 1 53  ? 8.010   1.902   -18.363 1.00 28.90 ? 170  MET A CE  1 
ATOM   227  N N   . TRP A 1 54  ? 4.168   4.109   -13.996 1.00 21.49 ? 171  TRP A N   1 
ATOM   228  C CA  . TRP A 1 54  ? 3.190   4.327   -12.947 1.00 21.02 ? 171  TRP A CA  1 
ATOM   229  C C   . TRP A 1 54  ? 3.590   3.517   -11.712 1.00 20.82 ? 171  TRP A C   1 
ATOM   230  O O   . TRP A 1 54  ? 3.996   2.364   -11.789 1.00 20.47 ? 171  TRP A O   1 
ATOM   231  C CB  . TRP A 1 54  ? 1.802   3.935   -13.438 1.00 21.18 ? 171  TRP A CB  1 
ATOM   232  C CG  . TRP A 1 54  ? 1.301   4.798   -14.553 1.00 19.81 ? 171  TRP A CG  1 
ATOM   233  C CD1 . TRP A 1 54  ? 1.219   4.489   -15.871 1.00 21.93 ? 171  TRP A CD1 1 
ATOM   234  C CD2 . TRP A 1 54  ? 0.798   6.122   -14.414 1.00 20.78 ? 171  TRP A CD2 1 
ATOM   235  N NE1 . TRP A 1 54  ? 0.719   5.575   -16.592 1.00 23.74 ? 171  TRP A NE1 1 
ATOM   236  C CE2 . TRP A 1 54  ? 0.431   6.576   -15.699 1.00 24.62 ? 171  TRP A CE2 1 
ATOM   237  C CE3 . TRP A 1 54  ? 0.651   6.976   -13.324 1.00 21.51 ? 171  TRP A CE3 1 
ATOM   238  C CZ2 . TRP A 1 54  ? -0.093  7.846   -15.916 1.00 25.84 ? 171  TRP A CZ2 1 
ATOM   239  C CZ3 . TRP A 1 54  ? 0.122   8.230   -13.537 1.00 24.89 ? 171  TRP A CZ3 1 
ATOM   240  C CH2 . TRP A 1 54  ? -0.249  8.654   -14.820 1.00 25.67 ? 171  TRP A CH2 1 
ATOM   241  N N   . LYS A 1 55  ? 3.455   4.140   -10.558 1.00 20.33 ? 172  LYS A N   1 
ATOM   242  C CA  . LYS A 1 55  ? 3.840   3.510   -9.305  1.00 21.12 ? 172  LYS A CA  1 
ATOM   243  C C   . LYS A 1 55  ? 2.902   3.988   -8.202  1.00 21.09 ? 172  LYS A C   1 
ATOM   244  O O   . LYS A 1 55  ? 2.149   4.945   -8.383  1.00 19.37 ? 172  LYS A O   1 
ATOM   245  C CB  . LYS A 1 55  ? 5.303   3.888   -8.960  1.00 21.47 ? 172  LYS A CB  1 
ATOM   246  C CG  . LYS A 1 55  ? 6.340   3.128   -9.787  1.00 28.12 ? 172  LYS A CG  1 
ATOM   247  C CD  . LYS A 1 55  ? 7.744   3.765   -9.681  1.00 33.70 ? 172  LYS A CD  1 
ATOM   248  C CE  . LYS A 1 55  ? 8.455   3.436   -8.387  1.00 35.80 ? 172  LYS A CE  1 
ATOM   249  N NZ  . LYS A 1 55  ? 9.875   3.932   -8.323  1.00 36.16 ? 172  LYS A NZ  1 
ATOM   250  N N   . PHE A 1 56  ? 2.944   3.298   -7.071  1.00 20.37 ? 173  PHE A N   1 
ATOM   251  C CA  . PHE A 1 56  ? 2.241   3.775   -5.885  1.00 20.55 ? 173  PHE A CA  1 
ATOM   252  C C   . PHE A 1 56  ? 3.088   4.784   -5.116  1.00 20.90 ? 173  PHE A C   1 
ATOM   253  O O   . PHE A 1 56  ? 4.293   4.595   -4.932  1.00 22.60 ? 173  PHE A O   1 
ATOM   254  C CB  . PHE A 1 56  ? 1.911   2.620   -4.951  1.00 19.21 ? 173  PHE A CB  1 
ATOM   255  C CG  . PHE A 1 56  ? 1.099   1.504   -5.583  1.00 18.54 ? 173  PHE A CG  1 
ATOM   256  C CD1 . PHE A 1 56  ? -0.100  1.730   -6.265  1.00 20.34 ? 173  PHE A CD1 1 
ATOM   257  C CD2 . PHE A 1 56  ? 1.577   0.223   -5.513  1.00 19.50 ? 173  PHE A CD2 1 
ATOM   258  C CE1 . PHE A 1 56  ? -0.808  0.628   -6.837  1.00 18.58 ? 173  PHE A CE1 1 
ATOM   259  C CE2 . PHE A 1 56  ? 0.894   -0.853  -6.044  1.00 20.31 ? 173  PHE A CE2 1 
ATOM   260  C CZ  . PHE A 1 56  ? -0.291  -0.656  -6.734  1.00 19.00 ? 173  PHE A CZ  1 
ATOM   261  N N   . PRO A 1 57  ? 2.447   5.816   -4.590  1.00 22.28 ? 174  PRO A N   1 
ATOM   262  C CA  . PRO A 1 57  ? 3.176   6.723   -3.723  1.00 23.23 ? 174  PRO A CA  1 
ATOM   263  C C   . PRO A 1 57  ? 3.723   6.009   -2.490  1.00 23.81 ? 174  PRO A C   1 
ATOM   264  O O   . PRO A 1 57  ? 3.090   5.102   -1.944  1.00 23.05 ? 174  PRO A O   1 
ATOM   265  C CB  . PRO A 1 57  ? 2.139   7.774   -3.343  1.00 23.67 ? 174  PRO A CB  1 
ATOM   266  C CG  . PRO A 1 57  ? 0.900   7.410   -3.955  1.00 24.60 ? 174  PRO A CG  1 
ATOM   267  C CD  . PRO A 1 57  ? 1.033   6.162   -4.736  1.00 20.79 ? 174  PRO A CD  1 
ATOM   268  N N   . GLY A 1 58  ? 4.908   6.404   -2.051  1.00 25.16 ? 175  GLY A N   1 
ATOM   269  C CA  . GLY A 1 58  ? 5.505   5.795   -0.899  1.00 27.00 ? 175  GLY A CA  1 
ATOM   270  C C   . GLY A 1 58  ? 6.769   6.516   -0.465  1.00 29.61 ? 175  GLY A C   1 
ATOM   271  O O   . GLY A 1 58  ? 7.272   7.411   -1.150  1.00 29.84 ? 175  GLY A O   1 
ATOM   272  N N   . GLY A 1 59  ? 7.294   6.104   0.668   1.00 30.05 ? 176  GLY A N   1 
ATOM   273  C CA  . GLY A 1 59  ? 8.533   6.673   1.176   1.00 30.95 ? 176  GLY A CA  1 
ATOM   274  C C   . GLY A 1 59  ? 8.847   6.145   2.556   1.00 32.46 ? 176  GLY A C   1 
ATOM   275  O O   . GLY A 1 59  ? 8.241   5.186   3.008   1.00 29.56 ? 176  GLY A O   1 
ATOM   276  N N   . LEU A 1 60  ? 9.787   6.805   3.237   1.00 33.71 ? 177  LEU A N   1 
ATOM   277  C CA  . LEU A 1 60  ? 10.326  6.291   4.501   1.00 34.99 ? 177  LEU A CA  1 
ATOM   278  C C   . LEU A 1 60  ? 9.491   6.634   5.727   1.00 35.09 ? 177  LEU A C   1 
ATOM   279  O O   . LEU A 1 60  ? 8.927   7.727   5.855   1.00 33.15 ? 177  LEU A O   1 
ATOM   280  C CB  . LEU A 1 60  ? 11.753  6.803   4.677   1.00 35.97 ? 177  LEU A CB  1 
ATOM   281  C CG  . LEU A 1 60  ? 12.698  6.420   3.537   1.00 39.33 ? 177  LEU A CG  1 
ATOM   282  C CD1 . LEU A 1 60  ? 13.974  7.257   3.629   1.00 41.89 ? 177  LEU A CD1 1 
ATOM   283  C CD2 . LEU A 1 60  ? 13.022  4.949   3.577   1.00 42.14 ? 177  LEU A CD2 1 
ATOM   284  N N   . SER A 1 61  ? 9.371   5.659   6.617   1.00 35.88 ? 178  SER A N   1 
ATOM   285  C CA  . SER A 1 61  ? 8.694   5.891   7.862   1.00 37.00 ? 178  SER A CA  1 
ATOM   286  C C   . SER A 1 61  ? 9.562   6.829   8.698   1.00 38.54 ? 178  SER A C   1 
ATOM   287  O O   . SER A 1 61  ? 10.786  6.837   8.572   1.00 38.07 ? 178  SER A O   1 
ATOM   288  C CB  . SER A 1 61  ? 8.436   4.586   8.585   1.00 37.29 ? 178  SER A CB  1 
ATOM   289  O OG  . SER A 1 61  ? 9.632   3.919   8.941   1.00 39.09 ? 178  SER A OG  1 
ATOM   290  N N   . GLU A 1 62  ? 8.906   7.646   9.502   1.00 40.45 ? 179  GLU A N   1 
ATOM   291  C CA  . GLU A 1 62  ? 9.585   8.433   10.526  1.00 42.51 ? 179  GLU A CA  1 
ATOM   292  C C   . GLU A 1 62  ? 9.732   7.599   11.804  1.00 43.36 ? 179  GLU A C   1 
ATOM   293  O O   . GLU A 1 62  ? 8.990   6.635   12.010  1.00 43.77 ? 179  GLU A O   1 
ATOM   294  C CB  . GLU A 1 62  ? 8.770   9.683   10.811  1.00 42.51 ? 179  GLU A CB  1 
ATOM   295  C CG  . GLU A 1 62  ? 8.663   10.614  9.641   1.00 44.74 ? 179  GLU A CG  1 
ATOM   296  C CD  . GLU A 1 62  ? 7.620   11.663  9.862   1.00 47.45 ? 179  GLU A CD  1 
ATOM   297  O OE1 . GLU A 1 62  ? 7.008   11.651  10.948  1.00 51.06 ? 179  GLU A OE1 1 
ATOM   298  O OE2 . GLU A 1 62  ? 7.402   12.497  8.962   1.00 50.31 ? 179  GLU A OE2 1 
ATOM   299  N N   . PRO A 1 63  ? 10.702  7.953   12.672  1.00 44.77 ? 180  PRO A N   1 
ATOM   300  C CA  . PRO A 1 63  ? 10.792  7.242   13.956  1.00 45.04 ? 180  PRO A CA  1 
ATOM   301  C C   . PRO A 1 63  ? 9.449   7.216   14.685  1.00 44.90 ? 180  PRO A C   1 
ATOM   302  O O   . PRO A 1 63  ? 8.750   8.225   14.744  1.00 45.27 ? 180  PRO A O   1 
ATOM   303  C CB  . PRO A 1 63  ? 11.816  8.058   14.760  1.00 45.28 ? 180  PRO A CB  1 
ATOM   304  C CG  . PRO A 1 63  ? 12.544  8.893   13.774  1.00 45.60 ? 180  PRO A CG  1 
ATOM   305  C CD  . PRO A 1 63  ? 11.665  9.065   12.564  1.00 45.05 ? 180  PRO A CD  1 
ATOM   306  N N   . GLU A 1 64  ? 9.074   6.059   15.205  1.00 45.16 ? 181  GLU A N   1 
ATOM   307  C CA  . GLU A 1 64  ? 7.845   5.961   15.964  1.00 45.57 ? 181  GLU A CA  1 
ATOM   308  C C   . GLU A 1 64  ? 6.575   5.871   15.132  1.00 44.02 ? 181  GLU A C   1 
ATOM   309  O O   . GLU A 1 64  ? 5.497   5.659   15.682  1.00 44.37 ? 181  GLU A O   1 
ATOM   310  C CB  . GLU A 1 64  ? 7.750   7.170   16.884  1.00 46.41 ? 181  GLU A CB  1 
ATOM   311  C CG  . GLU A 1 64  ? 8.833   7.167   17.930  1.00 50.04 ? 181  GLU A CG  1 
ATOM   312  C CD  . GLU A 1 64  ? 8.649   6.053   18.935  1.00 54.37 ? 181  GLU A CD  1 
ATOM   313  O OE1 . GLU A 1 64  ? 8.242   6.353   20.081  1.00 58.31 ? 181  GLU A OE1 1 
ATOM   314  O OE2 . GLU A 1 64  ? 8.890   4.879   18.580  1.00 57.82 ? 181  GLU A OE2 1 
ATOM   315  N N   . GLU A 1 65  ? 6.673   6.004   13.811  1.00 41.38 ? 182  GLU A N   1 
ATOM   316  C CA  . GLU A 1 65  ? 5.447   6.015   12.995  1.00 39.30 ? 182  GLU A CA  1 
ATOM   317  C C   . GLU A 1 65  ? 4.918   4.583   12.727  1.00 37.05 ? 182  GLU A C   1 
ATOM   318  O O   . GLU A 1 65  ? 5.689   3.739   12.317  1.00 37.02 ? 182  GLU A O   1 
ATOM   319  C CB  . GLU A 1 65  ? 5.742   6.758   11.683  1.00 38.95 ? 182  GLU A CB  1 
ATOM   320  C CG  . GLU A 1 65  ? 4.544   7.324   10.999  1.00 38.02 ? 182  GLU A CG  1 
ATOM   321  C CD  . GLU A 1 65  ? 4.913   8.105   9.755   1.00 35.41 ? 182  GLU A CD  1 
ATOM   322  O OE1 . GLU A 1 65  ? 5.965   7.785   9.175   1.00 32.90 ? 182  GLU A OE1 1 
ATOM   323  O OE2 . GLU A 1 65  ? 4.168   9.037   9.369   1.00 34.02 ? 182  GLU A OE2 1 
ATOM   324  N N   . ASP A 1 66  ? 3.635   4.308   12.985  1.00 34.47 ? 183  ASP A N   1 
ATOM   325  C CA  . ASP A 1 66  ? 3.021   3.017   12.596  1.00 33.40 ? 183  ASP A CA  1 
ATOM   326  C C   . ASP A 1 66  ? 3.043   2.903   11.055  1.00 31.37 ? 183  ASP A C   1 
ATOM   327  O O   . ASP A 1 66  ? 3.020   3.924   10.379  1.00 29.40 ? 183  ASP A O   1 
ATOM   328  C CB  . ASP A 1 66  ? 1.568   2.924   13.060  1.00 33.89 ? 183  ASP A CB  1 
ATOM   329  C CG  . ASP A 1 66  ? 1.443   2.754   14.570  1.00 37.63 ? 183  ASP A CG  1 
ATOM   330  O OD1 . ASP A 1 66  ? 2.466   2.477   15.214  1.00 41.64 ? 183  ASP A OD1 1 
ATOM   331  O OD2 . ASP A 1 66  ? 0.319   2.867   15.095  1.00 43.48 ? 183  ASP A OD2 1 
ATOM   332  N N   . ILE A 1 67  ? 3.043   1.675   10.540  1.00 29.33 ? 184  ILE A N   1 
ATOM   333  C CA  . ILE A 1 67  ? 3.146   1.413   9.094   1.00 29.11 ? 184  ILE A CA  1 
ATOM   334  C C   . ILE A 1 67  ? 1.981   2.126   8.371   1.00 28.47 ? 184  ILE A C   1 
ATOM   335  O O   . ILE A 1 67  ? 2.172   2.838   7.367   1.00 27.60 ? 184  ILE A O   1 
ATOM   336  C CB  . ILE A 1 67  ? 3.156   -0.143  8.864   1.00 29.38 ? 184  ILE A CB  1 
ATOM   337  C CG1 . ILE A 1 67  ? 4.434   -0.821  9.395   1.00 29.97 ? 184  ILE A CG1 1 
ATOM   338  C CG2 . ILE A 1 67  ? 2.920   -0.561  7.410   1.00 29.68 ? 184  ILE A CG2 1 
ATOM   339  C CD1 . ILE A 1 67  ? 5.759   -0.541  8.664   1.00 30.90 ? 184  ILE A CD1 1 
ATOM   340  N N   . GLY A 1 68  ? 0.768   1.962   8.886   1.00 28.55 ? 185  GLY A N   1 
ATOM   341  C CA  . GLY A 1 68  ? -0.401  2.564   8.258   1.00 28.45 ? 185  GLY A CA  1 
ATOM   342  C C   . GLY A 1 68  ? -0.329  4.072   8.198   1.00 29.06 ? 185  GLY A C   1 
ATOM   343  O O   . GLY A 1 68  ? -0.678  4.682   7.196   1.00 28.99 ? 185  GLY A O   1 
ATOM   344  N N   . ASP A 1 69  ? 0.123   4.702   9.272   1.00 29.75 ? 186  ASP A N   1 
ATOM   345  C CA  . ASP A 1 69  ? 0.286   6.145   9.269   1.00 29.63 ? 186  ASP A CA  1 
ATOM   346  C C   . ASP A 1 69  ? 1.321   6.627   8.222   1.00 28.64 ? 186  ASP A C   1 
ATOM   347  O O   . ASP A 1 69  ? 1.126   7.688   7.621   1.00 29.01 ? 186  ASP A O   1 
ATOM   348  C CB  . ASP A 1 69  ? 0.661   6.609   10.674  1.00 30.88 ? 186  ASP A CB  1 
ATOM   349  C CG  . ASP A 1 69  ? -0.481  6.440   11.658  1.00 32.92 ? 186  ASP A CG  1 
ATOM   350  O OD1 . ASP A 1 69  ? -1.653  6.374   11.223  1.00 32.97 ? 186  ASP A OD1 1 
ATOM   351  O OD2 . ASP A 1 69  ? -0.197  6.357   12.867  1.00 39.10 ? 186  ASP A OD2 1 
ATOM   352  N N   . THR A 1 70  ? 2.395   5.869   7.993   1.00 27.92 ? 187  THR A N   1 
ATOM   353  C CA  . THR A 1 70  ? 3.366   6.239   6.977   1.00 26.84 ? 187  THR A CA  1 
ATOM   354  C C   . THR A 1 70  ? 2.653   6.254   5.621   1.00 26.50 ? 187  THR A C   1 
ATOM   355  O O   . THR A 1 70  ? 2.822   7.183   4.827   1.00 25.60 ? 187  THR A O   1 
ATOM   356  C CB  . THR A 1 70  ? 4.582   5.303   6.966   1.00 27.80 ? 187  THR A CB  1 
ATOM   357  O OG1 . THR A 1 70  ? 5.172   5.272   8.288   1.00 27.91 ? 187  THR A OG1 1 
ATOM   358  C CG2 . THR A 1 70  ? 5.647   5.736   5.919   1.00 28.19 ? 187  THR A CG2 1 
ATOM   359  N N   . ALA A 1 71  ? 1.878   5.205   5.357   1.00 25.68 ? 188  ALA A N   1 
ATOM   360  C CA  . ALA A 1 71  ? 1.175   5.100   4.085   1.00 24.68 ? 188  ALA A CA  1 
ATOM   361  C C   . ALA A 1 71  ? 0.276   6.287   3.850   1.00 24.83 ? 188  ALA A C   1 
ATOM   362  O O   . ALA A 1 71  ? 0.330   6.909   2.784   1.00 24.18 ? 188  ALA A O   1 
ATOM   363  C CB  . ALA A 1 71  ? 0.340   3.776   4.004   1.00 24.73 ? 188  ALA A CB  1 
ATOM   364  N N   . VAL A 1 72  ? -0.581  6.578   4.834   1.00 24.16 ? 189  VAL A N   1 
ATOM   365  C CA  . VAL A 1 72  ? -1.551  7.650   4.699   1.00 25.47 ? 189  VAL A CA  1 
ATOM   366  C C   . VAL A 1 72  ? -0.849  8.999   4.507   1.00 25.27 ? 189  VAL A C   1 
ATOM   367  O O   . VAL A 1 72  ? -1.265  9.791   3.668   1.00 25.85 ? 189  VAL A O   1 
ATOM   368  C CB  . VAL A 1 72  ? -2.473  7.686   5.910   1.00 25.96 ? 189  VAL A CB  1 
ATOM   369  C CG1 . VAL A 1 72  ? -3.146  8.998   5.990   1.00 27.93 ? 189  VAL A CG1 1 
ATOM   370  C CG2 . VAL A 1 72  ? -3.467  6.504   5.843   1.00 27.92 ? 189  VAL A CG2 1 
ATOM   371  N N   . ARG A 1 73  ? 0.252   9.218   5.223   1.00 26.91 ? 190  ARG A N   1 
ATOM   372  C CA  . ARG A 1 73  ? 1.007   10.487  5.124   1.00 28.43 ? 190  ARG A CA  1 
ATOM   373  C C   . ARG A 1 73  ? 1.705   10.633  3.788   1.00 28.33 ? 190  ARG A C   1 
ATOM   374  O O   . ARG A 1 73  ? 1.571   11.670  3.139   1.00 28.97 ? 190  ARG A O   1 
ATOM   375  C CB  . ARG A 1 73  ? 2.053   10.617  6.237   1.00 29.06 ? 190  ARG A CB  1 
ATOM   376  C CG  . ARG A 1 73  ? 2.904   11.848  6.102   1.00 31.95 ? 190  ARG A CG  1 
ATOM   377  C CD  . ARG A 1 73  ? 3.984   11.953  7.170   1.00 33.62 ? 190  ARG A CD  1 
ATOM   378  N NE  . ARG A 1 73  ? 4.798   10.757  7.360   1.00 32.63 ? 190  ARG A NE  1 
ATOM   379  C CZ  . ARG A 1 73  ? 5.838   10.419  6.610   1.00 34.24 ? 190  ARG A CZ  1 
ATOM   380  N NH1 . ARG A 1 73  ? 6.202   11.143  5.562   1.00 36.62 ? 190  ARG A NH1 1 
ATOM   381  N NH2 . ARG A 1 73  ? 6.491   9.315   6.889   1.00 36.00 ? 190  ARG A NH2 1 
ATOM   382  N N   . GLU A 1 74  ? 2.433   9.598   3.365   1.00 28.07 ? 191  GLU A N   1 
ATOM   383  C CA  . GLU A 1 74  ? 3.077   9.612   2.071   1.00 28.40 ? 191  GLU A CA  1 
ATOM   384  C C   . GLU A 1 74  ? 2.098   9.839   0.940   1.00 27.66 ? 191  GLU A C   1 
ATOM   385  O O   . GLU A 1 74  ? 2.400   10.589  0.019   1.00 28.42 ? 191  GLU A O   1 
ATOM   386  C CB  . GLU A 1 74  ? 3.884   8.338   1.829   1.00 29.52 ? 191  GLU A CB  1 
ATOM   387  C CG  . GLU A 1 74  ? 5.053   8.154   2.802   1.00 32.71 ? 191  GLU A CG  1 
ATOM   388  C CD  . GLU A 1 74  ? 6.220   9.086   2.511   1.00 39.59 ? 191  GLU A CD  1 
ATOM   389  O OE1 . GLU A 1 74  ? 6.347   9.511   1.349   1.00 39.20 ? 191  GLU A OE1 1 
ATOM   390  O OE2 . GLU A 1 74  ? 6.991   9.411   3.443   1.00 44.36 ? 191  GLU A OE2 1 
ATOM   391  N N   . VAL A 1 75  ? 0.937   9.182   0.977   1.00 25.45 ? 192  VAL A N   1 
ATOM   392  C CA  . VAL A 1 75  ? -0.095  9.396   -0.030  1.00 24.17 ? 192  VAL A CA  1 
ATOM   393  C C   . VAL A 1 75  ? -0.548  10.870  -0.041  1.00 24.32 ? 192  VAL A C   1 
ATOM   394  O O   . VAL A 1 75  ? -0.666  11.538  -1.090  1.00 24.25 ? 192  VAL A O   1 
ATOM   395  C CB  . VAL A 1 75  ? -1.287  8.451   0.245   1.00 23.69 ? 192  VAL A CB  1 
ATOM   396  C CG1 . VAL A 1 75  ? -2.545  8.915   -0.472  1.00 23.25 ? 192  VAL A CG1 1 
ATOM   397  C CG2 . VAL A 1 75  ? -0.922  7.016   -0.103  1.00 23.59 ? 192  VAL A CG2 1 
ATOM   398  N N   . PHE A 1 76  ? -0.841  11.397  1.146   1.00 24.41 ? 193  PHE A N   1 
ATOM   399  C CA  . PHE A 1 76  ? -1.363  12.754  1.191   1.00 26.41 ? 193  PHE A CA  1 
ATOM   400  C C   . PHE A 1 76  ? -0.356  13.798  0.672   1.00 27.49 ? 193  PHE A C   1 
ATOM   401  O O   . PHE A 1 76  ? -0.730  14.718  -0.071  1.00 29.50 ? 193  PHE A O   1 
ATOM   402  C CB  . PHE A 1 76  ? -1.815  13.176  2.603   1.00 26.09 ? 193  PHE A CB  1 
ATOM   403  C CG  . PHE A 1 76  ? -2.375  14.564  2.600   1.00 28.45 ? 193  PHE A CG  1 
ATOM   404  C CD1 . PHE A 1 76  ? -3.620  14.812  2.057   1.00 30.42 ? 193  PHE A CD1 1 
ATOM   405  C CD2 . PHE A 1 76  ? -1.612  15.633  2.992   1.00 32.60 ? 193  PHE A CD2 1 
ATOM   406  C CE1 . PHE A 1 76  ? -4.142  16.135  1.998   1.00 31.39 ? 193  PHE A CE1 1 
ATOM   407  C CE2 . PHE A 1 76  ? -2.128  16.935  2.921   1.00 32.11 ? 193  PHE A CE2 1 
ATOM   408  C CZ  . PHE A 1 76  ? -3.376  17.172  2.426   1.00 32.24 ? 193  PHE A CZ  1 
ATOM   409  N N   . GLU A 1 77  ? 0.895   13.655  1.095   1.00 29.08 ? 194  GLU A N   1 
ATOM   410  C CA  . GLU A 1 77  ? 2.002   14.533  0.695   1.00 30.92 ? 194  GLU A CA  1 
ATOM   411  C C   . GLU A 1 77  ? 2.287   14.528  -0.804  1.00 31.10 ? 194  GLU A C   1 
ATOM   412  O O   . GLU A 1 77  ? 2.564   15.582  -1.389  1.00 32.12 ? 194  GLU A O   1 
ATOM   413  C CB  . GLU A 1 77  ? 3.284   14.111  1.410   1.00 31.86 ? 194  GLU A CB  1 
ATOM   414  C CG  . GLU A 1 77  ? 3.397   14.474  2.871   1.00 34.67 ? 194  GLU A CG  1 
ATOM   415  C CD  . GLU A 1 77  ? 4.732   14.023  3.488   1.00 37.86 ? 194  GLU A CD  1 
ATOM   416  O OE1 . GLU A 1 77  ? 5.633   13.517  2.771   1.00 43.20 ? 194  GLU A OE1 1 
ATOM   417  O OE2 . GLU A 1 77  ? 4.885   14.172  4.712   1.00 39.24 ? 194  GLU A OE2 1 
ATOM   418  N N   . GLU A 1 78  ? 2.217   13.353  -1.426  1.00 29.57 ? 195  GLU A N   1 
ATOM   419  C CA  . GLU A 1 78  ? 2.459   13.219  -2.874  1.00 29.01 ? 195  GLU A CA  1 
ATOM   420  C C   . GLU A 1 78  ? 1.262   13.548  -3.755  1.00 27.36 ? 195  GLU A C   1 
ATOM   421  O O   . GLU A 1 78  ? 1.432   14.025  -4.898  1.00 27.59 ? 195  GLU A O   1 
ATOM   422  C CB  . GLU A 1 78  ? 2.899   11.785  -3.229  1.00 28.86 ? 195  GLU A CB  1 
ATOM   423  C CG  . GLU A 1 78  ? 4.303   11.414  -2.846  1.00 32.88 ? 195  GLU A CG  1 
ATOM   424  C CD  . GLU A 1 78  ? 4.786   10.144  -3.533  1.00 35.58 ? 195  GLU A CD  1 
ATOM   425  O OE1 . GLU A 1 78  ? 4.596   9.971   -4.762  1.00 32.75 ? 195  GLU A OE1 1 
ATOM   426  O OE2 . GLU A 1 78  ? 5.392   9.325   -2.823  1.00 41.68 ? 195  GLU A OE2 1 
ATOM   427  N N   . THR A 1 79  ? 0.048   13.262  -3.262  1.00 27.14 ? 196  THR A N   1 
ATOM   428  C CA  . THR A 1 79  ? -1.131  13.277  -4.101  1.00 26.05 ? 196  THR A CA  1 
ATOM   429  C C   . THR A 1 79  ? -2.282  14.203  -3.700  1.00 26.76 ? 196  THR A C   1 
ATOM   430  O O   . THR A 1 79  ? -3.197  14.425  -4.490  1.00 25.73 ? 196  THR A O   1 
ATOM   431  C CB  . THR A 1 79  ? -1.755  11.877  -4.229  1.00 26.65 ? 196  THR A CB  1 
ATOM   432  O OG1 . THR A 1 79  ? -2.440  11.505  -3.020  1.00 25.50 ? 196  THR A OG1 1 
ATOM   433  C CG2 . THR A 1 79  ? -0.685  10.860  -4.612  1.00 25.77 ? 196  THR A CG2 1 
ATOM   434  N N   . GLY A 1 80  ? -2.283  14.664  -2.462  1.00 27.56 ? 197  GLY A N   1 
ATOM   435  C CA  . GLY A 1 80  ? -3.424  15.446  -1.974  1.00 26.77 ? 197  GLY A CA  1 
ATOM   436  C C   . GLY A 1 80  ? -4.632  14.664  -1.513  1.00 27.32 ? 197  GLY A C   1 
ATOM   437  O O   . GLY A 1 80  ? -5.616  15.249  -1.033  1.00 28.14 ? 197  GLY A O   1 
ATOM   438  N N   . ILE A 1 81  ? -4.583  13.342  -1.668  1.00 24.64 ? 198  ILE A N   1 
ATOM   439  C CA  . ILE A 1 81  ? -5.699  12.494  -1.352  1.00 24.65 ? 198  ILE A CA  1 
ATOM   440  C C   . ILE A 1 81  ? -5.648  12.065  0.125   1.00 24.87 ? 198  ILE A C   1 
ATOM   441  O O   . ILE A 1 81  ? -4.619  11.651  0.660   1.00 24.42 ? 198  ILE A O   1 
ATOM   442  C CB  . ILE A 1 81  ? -5.738  11.259  -2.305  1.00 23.58 ? 198  ILE A CB  1 
ATOM   443  C CG1 . ILE A 1 81  ? -5.941  11.695  -3.769  1.00 26.84 ? 198  ILE A CG1 1 
ATOM   444  C CG2 . ILE A 1 81  ? -6.815  10.267  -1.852  1.00 23.12 ? 198  ILE A CG2 1 
ATOM   445  C CD1 . ILE A 1 81  ? -7.211  12.496  -4.080  1.00 24.11 ? 198  ILE A CD1 1 
ATOM   446  N N   . LYS A 1 82  ? -6.789  12.194  0.791   1.00 26.72 ? 199  LYS A N   1 
ATOM   447  C CA  . LYS A 1 82  ? -6.912  11.771  2.161   1.00 26.80 ? 199  LYS A CA  1 
ATOM   448  C C   . LYS A 1 82  ? -7.498  10.350  2.127   1.00 25.36 ? 199  LYS A C   1 
ATOM   449  O O   . LYS A 1 82  ? -8.459  10.088  1.425   1.00 26.12 ? 199  LYS A O   1 
ATOM   450  C CB  . LYS A 1 82  ? -7.844  12.729  2.916   1.00 28.08 ? 199  LYS A CB  1 
ATOM   451  C CG  . LYS A 1 82  ? -7.369  14.165  2.944   1.00 30.09 ? 199  LYS A CG  1 
ATOM   452  C CD  . LYS A 1 82  ? -8.327  14.985  3.852   1.00 36.07 ? 199  LYS A CD  1 
ATOM   453  C CE  . LYS A 1 82  ? -8.472  16.433  3.438   1.00 40.54 ? 199  LYS A CE  1 
ATOM   454  N NZ  . LYS A 1 82  ? -9.922  16.853  3.493   1.00 44.24 ? 199  LYS A NZ  1 
ATOM   455  N N   . SER A 1 83  ? -6.896  9.464   2.920   1.00 24.98 ? 200  SER A N   1 
ATOM   456  C CA  . SER A 1 83  ? -7.202  8.049   2.959   1.00 24.35 ? 200  SER A CA  1 
ATOM   457  C C   . SER A 1 83  ? -6.987  7.450   4.357   1.00 24.69 ? 200  SER A C   1 
ATOM   458  O O   . SER A 1 83  ? -6.445  8.087   5.259   1.00 25.51 ? 200  SER A O   1 
ATOM   459  C CB  . SER A 1 83  ? -6.310  7.299   1.933   1.00 22.63 ? 200  SER A CB  1 
ATOM   460  O OG  . SER A 1 83  ? -4.932  7.349   2.297   1.00 23.63 ? 200  SER A OG  1 
ATOM   461  N N   . GLU A 1 84  ? -7.449  6.210   4.496   1.00 25.22 ? 201  GLU A N   1 
ATOM   462  C CA  . GLU A 1 84  ? -7.412  5.427   5.698   1.00 25.90 ? 201  GLU A CA  1 
ATOM   463  C C   . GLU A 1 84  ? -6.742  4.090   5.382   1.00 24.33 ? 201  GLU A C   1 
ATOM   464  O O   . GLU A 1 84  ? -7.106  3.415   4.393   1.00 22.93 ? 201  GLU A O   1 
ATOM   465  C CB  . GLU A 1 84  ? -8.832  5.081   6.150   1.00 28.77 ? 201  GLU A CB  1 
ATOM   466  C CG  . GLU A 1 84  ? -9.733  6.256   6.480   1.00 34.83 ? 201  GLU A CG  1 
ATOM   467  C CD  . GLU A 1 84  ? -10.569 5.989   7.732   1.00 40.79 ? 201  GLU A CD  1 
ATOM   468  O OE1 . GLU A 1 84  ? -11.004 4.825   7.931   1.00 44.89 ? 201  GLU A OE1 1 
ATOM   469  O OE2 . GLU A 1 84  ? -10.748 6.934   8.532   1.00 44.04 ? 201  GLU A OE2 1 
ATOM   470  N N   . PHE A 1 85  ? -5.807  3.695   6.227   1.00 22.46 ? 202  PHE A N   1 
ATOM   471  C CA  . PHE A 1 85  ? -5.253  2.337   6.194   1.00 22.25 ? 202  PHE A CA  1 
ATOM   472  C C   . PHE A 1 85  ? -6.309  1.265   6.331   1.00 22.53 ? 202  PHE A C   1 
ATOM   473  O O   . PHE A 1 85  ? -7.176  1.309   7.223   1.00 22.32 ? 202  PHE A O   1 
ATOM   474  C CB  . PHE A 1 85  ? -4.211  2.176   7.303   1.00 23.88 ? 202  PHE A CB  1 
ATOM   475  C CG  . PHE A 1 85  ? -3.676  0.793   7.452   1.00 22.44 ? 202  PHE A CG  1 
ATOM   476  C CD1 . PHE A 1 85  ? -2.594  0.369   6.700   1.00 22.93 ? 202  PHE A CD1 1 
ATOM   477  C CD2 . PHE A 1 85  ? -4.239  -0.092  8.354   1.00 24.51 ? 202  PHE A CD2 1 
ATOM   478  C CE1 . PHE A 1 85  ? -2.057  -0.915  6.849   1.00 22.28 ? 202  PHE A CE1 1 
ATOM   479  C CE2 . PHE A 1 85  ? -3.707  -1.392  8.488   1.00 24.50 ? 202  PHE A CE2 1 
ATOM   480  C CZ  . PHE A 1 85  ? -2.605  -1.783  7.747   1.00 21.21 ? 202  PHE A CZ  1 
ATOM   481  N N   . ARG A 1 86  ? -6.260  0.263   5.455   1.00 20.64 ? 203  ARG A N   1 
ATOM   482  C CA  . ARG A 1 86  ? -7.146  -0.894  5.583   1.00 21.12 ? 203  ARG A CA  1 
ATOM   483  C C   . ARG A 1 86  ? -6.370  -2.202  5.800   1.00 20.76 ? 203  ARG A C   1 
ATOM   484  O O   . ARG A 1 86  ? -6.729  -2.993  6.681   1.00 21.76 ? 203  ARG A O   1 
ATOM   485  C CB  . ARG A 1 86  ? -8.094  -1.018  4.386   1.00 21.31 ? 203  ARG A CB  1 
ATOM   486  C CG  . ARG A 1 86  ? -9.109  0.117   4.224   1.00 27.60 ? 203  ARG A CG  1 
ATOM   487  C CD  . ARG A 1 86  ? -10.269 -0.208  5.182   1.00 34.81 ? 203  ARG A CD  1 
ATOM   488  N NE  . ARG A 1 86  ? -11.352 0.759   5.308   1.00 43.32 ? 203  ARG A NE  1 
ATOM   489  C CZ  . ARG A 1 86  ? -11.436 1.705   6.249   1.00 48.28 ? 203  ARG A CZ  1 
ATOM   490  N NH1 . ARG A 1 86  ? -10.457 1.901   7.130   1.00 49.95 ? 203  ARG A NH1 1 
ATOM   491  N NH2 . ARG A 1 86  ? -12.500 2.496   6.282   1.00 50.42 ? 203  ARG A NH2 1 
ATOM   492  N N   . SER A 1 87  ? -5.268  -2.437  5.070   1.00 19.29 ? 204  SER A N   1 
ATOM   493  C CA  . SER A 1 87  ? -4.492  -3.654  5.258   1.00 18.35 ? 204  SER A CA  1 
ATOM   494  C C   . SER A 1 87  ? -3.099  -3.543  4.695   1.00 18.18 ? 204  SER A C   1 
ATOM   495  O O   . SER A 1 87  ? -2.815  -2.575  4.000   1.00 18.46 ? 204  SER A O   1 
ATOM   496  C CB  . SER A 1 87  ? -5.224  -4.830  4.595   1.00 18.02 ? 204  SER A CB  1 
ATOM   497  O OG  . SER A 1 87  ? -5.005  -4.769  3.178   1.00 20.54 ? 204  SER A OG  1 
ATOM   498  N N   . VAL A 1 88  ? -2.270  -4.559  4.957   1.00 18.60 ? 205  VAL A N   1 
ATOM   499  C CA  . VAL A 1 88  ? -1.044  -4.787  4.216   1.00 18.38 ? 205  VAL A CA  1 
ATOM   500  C C   . VAL A 1 88  ? -1.370  -5.737  3.063   1.00 18.13 ? 205  VAL A C   1 
ATOM   501  O O   . VAL A 1 88  ? -1.995  -6.785  3.299   1.00 17.62 ? 205  VAL A O   1 
ATOM   502  C CB  . VAL A 1 88  ? 0.080   -5.362  5.121   1.00 19.06 ? 205  VAL A CB  1 
ATOM   503  C CG1 . VAL A 1 88  ? 1.290   -5.811  4.331   1.00 17.77 ? 205  VAL A CG1 1 
ATOM   504  C CG2 . VAL A 1 88  ? 0.457   -4.328  6.279   1.00 19.14 ? 205  VAL A CG2 1 
ATOM   505  N N   . LEU A 1 89  ? -0.871  -5.415  1.853   1.00 17.44 ? 206  LEU A N   1 
ATOM   506  C CA  . LEU A 1 89  ? -1.034  -6.269  0.669   1.00 17.68 ? 206  LEU A CA  1 
ATOM   507  C C   . LEU A 1 89  ? 0.212   -7.109  0.330   1.00 18.40 ? 206  LEU A C   1 
ATOM   508  O O   . LEU A 1 89  ? 0.073   -8.265  -0.054  1.00 19.78 ? 206  LEU A O   1 
ATOM   509  C CB  . LEU A 1 89  ? -1.305  -5.423  -0.566  1.00 18.81 ? 206  LEU A CB  1 
ATOM   510  C CG  . LEU A 1 89  ? -2.650  -4.695  -0.588  1.00 20.58 ? 206  LEU A CG  1 
ATOM   511  C CD1 . LEU A 1 89  ? -2.749  -3.680  -1.737  1.00 23.56 ? 206  LEU A CD1 1 
ATOM   512  C CD2 . LEU A 1 89  ? -3.780  -5.698  -0.657  1.00 24.75 ? 206  LEU A CD2 1 
ATOM   513  N N   . SER A 1 90  ? 1.361   -6.479  0.594   1.00 18.75 ? 207  SER A N   1 
ATOM   514  C CA  A SER A 1 90  ? 2.605   -7.193  0.166   0.48 19.07 ? 207  SER A CA  1 
ATOM   515  C CA  B SER A 1 90  ? 2.568   -7.208  0.193   0.52 19.00 ? 207  SER A CA  1 
ATOM   516  C C   . SER A 1 90  ? 3.788   -6.655  0.946   1.00 18.64 ? 207  SER A C   1 
ATOM   517  O O   . SER A 1 90  ? 3.807   -5.470  1.360   1.00 18.96 ? 207  SER A O   1 
ATOM   518  C CB  A SER A 1 90  ? 2.917   -7.008  -1.316  0.48 19.16 ? 207  SER A CB  1 
ATOM   519  C CB  B SER A 1 90  ? 2.746   -7.087  -1.311  0.52 18.83 ? 207  SER A CB  1 
ATOM   520  O OG  A SER A 1 90  ? 1.936   -7.593  -2.128  0.48 19.53 ? 207  SER A OG  1 
ATOM   521  O OG  B SER A 1 90  ? 3.712   -8.000  -1.740  0.52 18.95 ? 207  SER A OG  1 
ATOM   522  N N   . ILE A 1 91  ? 4.774   -7.535  1.147   1.00 19.04 ? 208  ILE A N   1 
ATOM   523  C CA  . ILE A 1 91  ? 6.048   -7.181  1.711   1.00 18.95 ? 208  ILE A CA  1 
ATOM   524  C C   . ILE A 1 91  ? 7.117   -7.415  0.645   1.00 20.07 ? 208  ILE A C   1 
ATOM   525  O O   . ILE A 1 91  ? 7.180   -8.510  0.097   1.00 20.03 ? 208  ILE A O   1 
ATOM   526  C CB  . ILE A 1 91  ? 6.333   -8.020  2.919   1.00 20.75 ? 208  ILE A CB  1 
ATOM   527  C CG1 . ILE A 1 91  ? 5.292   -7.697  4.015   1.00 23.22 ? 208  ILE A CG1 1 
ATOM   528  C CG2 . ILE A 1 91  ? 7.691   -7.769  3.409   1.00 19.90 ? 208  ILE A CG2 1 
ATOM   529  C CD1 . ILE A 1 91  ? 4.262   -8.780  4.204   1.00 29.16 ? 208  ILE A CD1 1 
ATOM   530  N N   . ARG A 1 92  ? 7.886   -6.363  0.351   1.00 21.01 ? 209  ARG A N   1 
ATOM   531  C CA  . ARG A 1 92  ? 8.997   -6.407  -0.629  1.00 22.30 ? 209  ARG A CA  1 
ATOM   532  C C   . ARG A 1 92  ? 10.320  -6.427  0.163   1.00 23.38 ? 209  ARG A C   1 
ATOM   533  O O   . ARG A 1 92  ? 10.556  -5.514  0.943   1.00 25.67 ? 209  ARG A O   1 
ATOM   534  C CB  . ARG A 1 92  ? 8.936   -5.142  -1.475  1.00 22.28 ? 209  ARG A CB  1 
ATOM   535  C CG  . ARG A 1 92  ? 9.862   -5.146  -2.712  1.00 23.18 ? 209  ARG A CG  1 
ATOM   536  C CD  . ARG A 1 92  ? 9.842   -3.781  -3.311  1.00 25.69 ? 209  ARG A CD  1 
ATOM   537  N NE  . ARG A 1 92  ? 10.761  -2.873  -2.632  1.00 27.45 ? 209  ARG A NE  1 
ATOM   538  C CZ  . ARG A 1 92  ? 10.849  -1.571  -2.897  1.00 27.57 ? 209  ARG A CZ  1 
ATOM   539  N NH1 . ARG A 1 92  ? 10.015  -0.980  -3.764  1.00 27.28 ? 209  ARG A NH1 1 
ATOM   540  N NH2 . ARG A 1 92  ? 11.752  -0.842  -2.254  1.00 29.54 ? 209  ARG A NH2 1 
ATOM   541  N N   . GLN A 1 93  ? 11.174  -7.407  -0.128  1.00 26.08 ? 210  GLN A N   1 
ATOM   542  C CA  . GLN A 1 93  ? 12.443  -7.664  0.581   1.00 27.73 ? 210  GLN A CA  1 
ATOM   543  C C   . GLN A 1 93  ? 13.544  -7.477  -0.453  1.00 30.78 ? 210  GLN A C   1 
ATOM   544  O O   . GLN A 1 93  ? 13.441  -7.996  -1.543  1.00 28.83 ? 210  GLN A O   1 
ATOM   545  C CB  . GLN A 1 93  ? 12.469  -9.130  1.074   1.00 28.85 ? 210  GLN A CB  1 
ATOM   546  C CG  . GLN A 1 93  ? 13.845  -9.768  1.526   1.00 31.69 ? 210  GLN A CG  1 
ATOM   547  C CD  . GLN A 1 93  ? 13.757  -11.239 1.991   1.00 36.35 ? 210  GLN A CD  1 
ATOM   548  O OE1 . GLN A 1 93  ? 12.889  -12.021 1.577   1.00 38.61 ? 210  GLN A OE1 1 
ATOM   549  N NE2 . GLN A 1 93  ? 14.686  -11.617 2.856   1.00 40.94 ? 210  GLN A NE2 1 
ATOM   550  N N   . GLN A 1 94  ? 14.590  -6.750  -0.129  1.00 35.21 ? 211  GLN A N   1 
ATOM   551  C CA  . GLN A 1 94  ? 15.754  -6.746  -1.028  1.00 39.84 ? 211  GLN A CA  1 
ATOM   552  C C   . GLN A 1 94  ? 17.016  -7.131  -0.269  1.00 43.52 ? 211  GLN A C   1 
ATOM   553  O O   . GLN A 1 94  ? 16.930  -7.767  0.767   1.00 45.17 ? 211  GLN A O   1 
ATOM   554  C CB  . GLN A 1 94  ? 15.897  -5.389  -1.700  1.00 40.46 ? 211  GLN A CB  1 
ATOM   555  C CG  . GLN A 1 94  ? 16.218  -4.234  -0.786  1.00 43.36 ? 211  GLN A CG  1 
ATOM   556  C CD  . GLN A 1 94  ? 16.340  -2.924  -1.547  1.00 47.21 ? 211  GLN A CD  1 
ATOM   557  O OE1 . GLN A 1 94  ? 17.360  -2.653  -2.180  1.00 50.45 ? 211  GLN A OE1 1 
ATOM   558  N NE2 . GLN A 1 94  ? 15.292  -2.104  -1.488  1.00 49.25 ? 211  GLN A NE2 1 
ATOM   559  N N   . HIS A 1 95  ? 18.191  -6.788  -0.792  1.00 47.29 ? 212  HIS A N   1 
ATOM   560  C CA  . HIS A 1 95  ? 19.427  -6.885  0.006   1.00 49.55 ? 212  HIS A CA  1 
ATOM   561  C C   . HIS A 1 95  ? 19.686  -5.525  0.684   1.00 49.85 ? 212  HIS A C   1 
ATOM   562  O O   . HIS A 1 95  ? 20.804  -5.215  1.128   1.00 51.25 ? 212  HIS A O   1 
ATOM   563  C CB  . HIS A 1 95  ? 20.623  -7.327  -0.856  1.00 50.26 ? 212  HIS A CB  1 
ATOM   564  C CG  . HIS A 1 95  ? 20.400  -8.616  -1.593  1.00 53.19 ? 212  HIS A CG  1 
ATOM   565  N ND1 . HIS A 1 95  ? 19.600  -9.627  -1.102  1.00 56.59 ? 212  HIS A ND1 1 
ATOM   566  C CD2 . HIS A 1 95  ? 20.888  -9.069  -2.774  1.00 55.98 ? 212  HIS A CD2 1 
ATOM   567  C CE1 . HIS A 1 95  ? 19.590  -10.638 -1.954  1.00 56.61 ? 212  HIS A CE1 1 
ATOM   568  N NE2 . HIS A 1 95  ? 20.366  -10.327 -2.976  1.00 56.98 ? 212  HIS A NE2 1 
ATOM   569  N N   . ASP A 1 105 ? 15.755  -2.173  3.605   1.00 40.22 ? 222  ASP A N   1 
ATOM   570  C CA  . ASP A 1 105 ? 15.693  -3.624  3.428   1.00 39.94 ? 222  ASP A CA  1 
ATOM   571  C C   . ASP A 1 105 ? 14.260  -4.191  3.162   1.00 37.69 ? 222  ASP A C   1 
ATOM   572  O O   . ASP A 1 105 ? 14.032  -5.148  2.380   1.00 36.08 ? 222  ASP A O   1 
ATOM   573  C CB  . ASP A 1 105 ? 16.193  -4.284  4.682   1.00 41.06 ? 222  ASP A CB  1 
ATOM   574  C CG  . ASP A 1 105 ? 16.276  -5.782  4.527   1.00 45.21 ? 222  ASP A CG  1 
ATOM   575  O OD1 . ASP A 1 105 ? 16.413  -6.195  3.357   1.00 50.28 ? 222  ASP A OD1 1 
ATOM   576  O OD2 . ASP A 1 105 ? 16.211  -6.534  5.539   1.00 49.24 ? 222  ASP A OD2 1 
ATOM   577  N N   . MET A 1 106 ? 13.322  -3.610  3.894   1.00 35.42 ? 223  MET A N   1 
ATOM   578  C CA  . MET A 1 106 ? 11.922  -3.983  3.832   1.00 33.21 ? 223  MET A CA  1 
ATOM   579  C C   . MET A 1 106 ? 11.107  -2.837  3.293   1.00 30.29 ? 223  MET A C   1 
ATOM   580  O O   . MET A 1 106 ? 11.387  -1.688  3.561   1.00 29.48 ? 223  MET A O   1 
ATOM   581  C CB  . MET A 1 106 ? 11.419  -4.373  5.224   1.00 34.33 ? 223  MET A CB  1 
ATOM   582  C CG  . MET A 1 106 ? 11.645  -5.834  5.491   1.00 37.94 ? 223  MET A CG  1 
ATOM   583  S SD  . MET A 1 106 ? 11.056  -6.439  7.090   1.00 46.16 ? 223  MET A SD  1 
ATOM   584  C CE  . MET A 1 106 ? 9.317   -6.479  6.777   1.00 39.61 ? 223  MET A CE  1 
ATOM   585  N N   . TYR A 1 107 ? 10.062  -3.151  2.528   1.00 26.30 ? 224  TYR A N   1 
ATOM   586  C CA  . TYR A 1 107 ? 9.215   -2.135  1.986   1.00 24.35 ? 224  TYR A CA  1 
ATOM   587  C C   . TYR A 1 107 ? 7.782   -2.713  2.004   1.00 22.09 ? 224  TYR A C   1 
ATOM   588  O O   . TYR A 1 107 ? 7.572   -3.799  1.511   1.00 23.79 ? 224  TYR A O   1 
ATOM   589  C CB  . TYR A 1 107 ? 9.663   -1.804  0.546   1.00 25.49 ? 224  TYR A CB  1 
ATOM   590  C CG  . TYR A 1 107 ? 8.997   -0.643  -0.094  1.00 24.79 ? 224  TYR A CG  1 
ATOM   591  C CD1 . TYR A 1 107 ? 9.451   0.661   0.100   1.00 24.63 ? 224  TYR A CD1 1 
ATOM   592  C CD2 . TYR A 1 107 ? 7.910   -0.832  -0.918  1.00 28.29 ? 224  TYR A CD2 1 
ATOM   593  C CE1 . TYR A 1 107 ? 8.834   1.726   -0.487  1.00 29.03 ? 224  TYR A CE1 1 
ATOM   594  C CE2 . TYR A 1 107 ? 7.290   0.224   -1.520  1.00 29.30 ? 224  TYR A CE2 1 
ATOM   595  C CZ  . TYR A 1 107 ? 7.753   1.502   -1.318  1.00 30.38 ? 224  TYR A CZ  1 
ATOM   596  O OH  . TYR A 1 107 ? 7.133   2.550   -1.955  1.00 30.61 ? 224  TYR A OH  1 
ATOM   597  N N   . ILE A 1 108 ? 6.872   -2.014  2.646   1.00 21.20 ? 225  ILE A N   1 
ATOM   598  C CA  . ILE A 1 108 ? 5.550   -2.524  2.920   1.00 20.65 ? 225  ILE A CA  1 
ATOM   599  C C   . ILE A 1 108 ? 4.567   -1.826  2.035   1.00 20.88 ? 225  ILE A C   1 
ATOM   600  O O   . ILE A 1 108 ? 4.471   -0.608  2.042   1.00 22.71 ? 225  ILE A O   1 
ATOM   601  C CB  . ILE A 1 108 ? 5.139   -2.332  4.408   1.00 19.99 ? 225  ILE A CB  1 
ATOM   602  C CG1 . ILE A 1 108 ? 6.258   -2.834  5.335   1.00 22.69 ? 225  ILE A CG1 1 
ATOM   603  C CG2 . ILE A 1 108 ? 3.840   -3.034  4.667   1.00 21.71 ? 225  ILE A CG2 1 
ATOM   604  C CD1 . ILE A 1 108 ? 6.644   -4.247  5.074   1.00 21.82 ? 225  ILE A CD1 1 
ATOM   605  N N   . ILE A 1 109 ? 3.781   -2.599  1.287   1.00 18.78 ? 226  ILE A N   1 
ATOM   606  C CA  . ILE A 1 109 ? 2.740   -2.021  0.432   1.00 18.17 ? 226  ILE A CA  1 
ATOM   607  C C   . ILE A 1 109 ? 1.346   -2.276  1.022   1.00 18.00 ? 226  ILE A C   1 
ATOM   608  O O   . ILE A 1 109 ? 0.953   -3.415  1.321   1.00 18.80 ? 226  ILE A O   1 
ATOM   609  C CB  . ILE A 1 109 ? 2.818   -2.613  -0.992  1.00 19.38 ? 226  ILE A CB  1 
ATOM   610  C CG1 . ILE A 1 109 ? 4.236   -2.340  -1.539  1.00 20.74 ? 226  ILE A CG1 1 
ATOM   611  C CG2 . ILE A 1 109 ? 1.779   -2.010  -1.886  1.00 19.62 ? 226  ILE A CG2 1 
ATOM   612  C CD1 . ILE A 1 109 ? 4.564   -3.179  -2.823  1.00 23.60 ? 226  ILE A CD1 1 
ATOM   613  N N   . CYS A 1 110 ? 0.649   -1.185  1.259   1.00 18.64 ? 227  CYS A N   1 
ATOM   614  C CA  . CYS A 1 110 ? -0.612  -1.205  1.990   1.00 18.67 ? 227  CYS A CA  1 
ATOM   615  C C   . CYS A 1 110 ? -1.831  -0.890  1.094   1.00 18.02 ? 227  CYS A C   1 
ATOM   616  O O   . CYS A 1 110 ? -1.751  -0.090  0.147   1.00 19.37 ? 227  CYS A O   1 
ATOM   617  C CB  . CYS A 1 110 ? -0.610  -0.221  3.161   1.00 19.34 ? 227  CYS A CB  1 
ATOM   618  S SG  . CYS A 1 110 ? 0.665   -0.499  4.347   1.00 21.00 ? 227  CYS A SG  1 
ATOM   619  N N   . ARG A 1 111 ? -2.967  -1.515  1.421   1.00 17.86 ? 228  ARG A N   1 
ATOM   620  C CA  . ARG A 1 111 ? -4.266  -1.174  0.832   1.00 16.57 ? 228  ARG A CA  1 
ATOM   621  C C   . ARG A 1 111 ? -4.889  -0.044  1.661   1.00 18.14 ? 228  ARG A C   1 
ATOM   622  O O   . ARG A 1 111 ? -4.990  -0.214  2.856   1.00 18.23 ? 228  ARG A O   1 
ATOM   623  C CB  . ARG A 1 111 ? -5.234  -2.379  0.745   1.00 18.00 ? 228  ARG A CB  1 
ATOM   624  C CG  . ARG A 1 111 ? -6.571  -2.032  0.051   1.00 18.32 ? 228  ARG A CG  1 
ATOM   625  C CD  . ARG A 1 111 ? -7.445  -3.245  -0.175  1.00 18.38 ? 228  ARG A CD  1 
ATOM   626  N NE  . ARG A 1 111 ? -8.002  -3.804  1.036   1.00 18.87 ? 228  ARG A NE  1 
ATOM   627  C CZ  . ARG A 1 111 ? -9.102  -3.349  1.625   1.00 20.76 ? 228  ARG A CZ  1 
ATOM   628  N NH1 . ARG A 1 111 ? -9.712  -2.236  1.188   1.00 23.03 ? 228  ARG A NH1 1 
ATOM   629  N NH2 . ARG A 1 111 ? -9.583  -3.998  2.678   1.00 24.06 ? 228  ARG A NH2 1 
ATOM   630  N N   . LEU A 1 112 ? -5.212  1.065   1.012   1.00 17.94 ? 229  LEU A N   1 
ATOM   631  C CA  . LEU A 1 112 ? -5.848  2.219   1.656   1.00 20.20 ? 229  LEU A CA  1 
ATOM   632  C C   . LEU A 1 112 ? -7.175  2.485   0.969   1.00 19.80 ? 229  LEU A C   1 
ATOM   633  O O   . LEU A 1 112 ? -7.386  2.185   -0.199  1.00 19.11 ? 229  LEU A O   1 
ATOM   634  C CB  . LEU A 1 112 ? -4.935  3.430   1.561   1.00 19.16 ? 229  LEU A CB  1 
ATOM   635  C CG  . LEU A 1 112 ? -3.814  3.642   2.579   1.00 23.69 ? 229  LEU A CG  1 
ATOM   636  C CD1 . LEU A 1 112 ? -2.968  2.484   2.914   1.00 24.79 ? 229  LEU A CD1 1 
ATOM   637  C CD2 . LEU A 1 112 ? -2.925  4.777   2.102   1.00 25.25 ? 229  LEU A CD2 1 
ATOM   638  N N   . LYS A 1 113 ? -8.083  3.095   1.724   1.00 21.52 ? 230  LYS A N   1 
ATOM   639  C CA  . LYS A 1 113 ? -9.412  3.470   1.249   1.00 22.78 ? 230  LYS A CA  1 
ATOM   640  C C   . LYS A 1 113 ? -9.496  5.012   1.242   1.00 24.05 ? 230  LYS A C   1 
ATOM   641  O O   . LYS A 1 113 ? -9.276  5.645   2.282   1.00 24.97 ? 230  LYS A O   1 
ATOM   642  C CB  . LYS A 1 113 ? -10.525 2.909   2.166   1.00 24.41 ? 230  LYS A CB  1 
ATOM   643  C CG  . LYS A 1 113 ? -11.935 3.374   1.756   1.00 26.21 ? 230  LYS A CG  1 
ATOM   644  C CD  . LYS A 1 113 ? -13.008 2.839   2.737   1.00 30.78 ? 230  LYS A CD  1 
ATOM   645  C CE  . LYS A 1 113 ? -14.437 3.239   2.286   1.00 33.87 ? 230  LYS A CE  1 
ATOM   646  N NZ  . LYS A 1 113 ? -15.422 2.772   3.293   1.00 36.59 ? 230  LYS A NZ  1 
ATOM   647  N N   . PRO A 1 114 ? -9.794  5.616   0.087   1.00 25.46 ? 231  PRO A N   1 
ATOM   648  C CA  . PRO A 1 114 ? -9.808  7.076   -0.007  1.00 26.05 ? 231  PRO A CA  1 
ATOM   649  C C   . PRO A 1 114 ? -11.087 7.643   0.645   1.00 28.05 ? 231  PRO A C   1 
ATOM   650  O O   . PRO A 1 114 ? -12.145 7.016   0.618   1.00 28.17 ? 231  PRO A O   1 
ATOM   651  C CB  . PRO A 1 114 ? -9.785  7.336   -1.515  1.00 26.58 ? 231  PRO A CB  1 
ATOM   652  C CG  . PRO A 1 114 ? -10.485 6.191   -2.075  1.00 25.63 ? 231  PRO A CG  1 
ATOM   653  C CD  . PRO A 1 114 ? -10.114 4.999   -1.214  1.00 25.41 ? 231  PRO A CD  1 
ATOM   654  N N   . TYR A 1 115 ? -10.972 8.807   1.252   1.00 29.89 ? 232  TYR A N   1 
ATOM   655  C CA  . TYR A 1 115 ? -12.197 9.551   1.557   1.00 31.31 ? 232  TYR A CA  1 
ATOM   656  C C   . TYR A 1 115 ? -12.170 11.015  1.045   1.00 31.38 ? 232  TYR A C   1 
ATOM   657  O O   . TYR A 1 115 ? -13.119 11.791  1.290   1.00 31.99 ? 232  TYR A O   1 
ATOM   658  C CB  . TYR A 1 115 ? -12.549 9.438   3.035   1.00 32.00 ? 232  TYR A CB  1 
ATOM   659  C CG  . TYR A 1 115 ? -11.574 10.074  3.958   1.00 35.50 ? 232  TYR A CG  1 
ATOM   660  C CD1 . TYR A 1 115 ? -11.787 11.383  4.412   1.00 39.81 ? 232  TYR A CD1 1 
ATOM   661  C CD2 . TYR A 1 115 ? -10.471 9.382   4.431   1.00 39.04 ? 232  TYR A CD2 1 
ATOM   662  C CE1 . TYR A 1 115 ? -10.903 12.000  5.282   1.00 41.04 ? 232  TYR A CE1 1 
ATOM   663  C CE2 . TYR A 1 115 ? -9.575  9.990   5.314   1.00 41.75 ? 232  TYR A CE2 1 
ATOM   664  C CZ  . TYR A 1 115 ? -9.809  11.307  5.737   1.00 42.75 ? 232  TYR A CZ  1 
ATOM   665  O OH  . TYR A 1 115 ? -8.945  11.950  6.594   1.00 44.91 ? 232  TYR A OH  1 
ATOM   666  N N   . SER A 1 116 ? -11.139 11.376  0.293   1.00 29.55 ? 233  SER A N   1 
ATOM   667  C CA  . SER A 1 116 ? -11.230 12.548  -0.567  1.00 30.02 ? 233  SER A CA  1 
ATOM   668  C C   . SER A 1 116 ? -10.782 12.122  -1.946  1.00 30.32 ? 233  SER A C   1 
ATOM   669  O O   . SER A 1 116 ? -10.132 11.086  -2.080  1.00 28.67 ? 233  SER A O   1 
ATOM   670  C CB  . SER A 1 116 ? -10.397 13.719  -0.071  1.00 30.02 ? 233  SER A CB  1 
ATOM   671  O OG  . SER A 1 116 ? -9.018  13.571  -0.333  1.00 29.49 ? 233  SER A OG  1 
ATOM   672  N N   . PHE A 1 117 ? -11.128 12.899  -2.965  1.00 30.15 ? 234  PHE A N   1 
ATOM   673  C CA  . PHE A 1 117 ? -10.989 12.418  -4.349  1.00 30.85 ? 234  PHE A CA  1 
ATOM   674  C C   . PHE A 1 117 ? -10.388 13.406  -5.305  1.00 31.25 ? 234  PHE A C   1 
ATOM   675  O O   . PHE A 1 117 ? -10.073 13.060  -6.445  1.00 31.61 ? 234  PHE A O   1 
ATOM   676  C CB  . PHE A 1 117 ? -12.322 11.920  -4.878  1.00 30.84 ? 234  PHE A CB  1 
ATOM   677  C CG  . PHE A 1 117 ? -12.942 10.874  -4.005  1.00 33.41 ? 234  PHE A CG  1 
ATOM   678  C CD1 . PHE A 1 117 ? -12.588 9.540   -4.140  1.00 32.52 ? 234  PHE A CD1 1 
ATOM   679  C CD2 . PHE A 1 117 ? -13.802 11.224  -2.983  1.00 33.51 ? 234  PHE A CD2 1 
ATOM   680  C CE1 . PHE A 1 117 ? -13.126 8.575   -3.308  1.00 32.30 ? 234  PHE A CE1 1 
ATOM   681  C CE2 . PHE A 1 117 ? -14.352 10.252  -2.143  1.00 34.90 ? 234  PHE A CE2 1 
ATOM   682  C CZ  . PHE A 1 117 ? -13.991 8.928   -2.295  1.00 34.01 ? 234  PHE A CZ  1 
ATOM   683  N N   . THR A 1 118 ? -10.216 14.640  -4.841  1.00 31.80 ? 235  THR A N   1 
ATOM   684  C CA  . THR A 1 118 ? -9.573  15.661  -5.633  1.00 31.44 ? 235  THR A CA  1 
ATOM   685  C C   . THR A 1 118 ? -8.082  15.644  -5.493  1.00 30.83 ? 235  THR A C   1 
ATOM   686  O O   . THR A 1 118 ? -7.515  15.963  -4.434  1.00 30.38 ? 235  THR A O   1 
ATOM   687  C CB  . THR A 1 118 ? -10.068 17.071  -5.260  1.00 32.24 ? 235  THR A CB  1 
ATOM   688  O OG1 . THR A 1 118 ? -11.463 17.121  -5.520  1.00 32.73 ? 235  THR A OG1 1 
ATOM   689  C CG2 . THR A 1 118 ? -9.338  18.125  -6.108  1.00 34.00 ? 235  THR A CG2 1 
ATOM   690  N N   . ILE A 1 119 ? -7.429  15.289  -6.599  1.00 30.06 ? 236  ILE A N   1 
ATOM   691  C CA  . ILE A 1 119 ? -5.979  15.247  -6.628  1.00 30.20 ? 236  ILE A CA  1 
ATOM   692  C C   . ILE A 1 119 ? -5.312  16.629  -6.617  1.00 31.21 ? 236  ILE A C   1 
ATOM   693  O O   . ILE A 1 119 ? -5.634  17.504  -7.423  1.00 32.71 ? 236  ILE A O   1 
ATOM   694  C CB  . ILE A 1 119 ? -5.486  14.439  -7.855  1.00 29.64 ? 236  ILE A CB  1 
ATOM   695  C CG1 . ILE A 1 119 ? -5.972  12.989  -7.710  1.00 27.95 ? 236  ILE A CG1 1 
ATOM   696  C CG2 . ILE A 1 119 ? -3.956  14.607  -8.032  1.00 29.83 ? 236  ILE A CG2 1 
ATOM   697  C CD1 . ILE A 1 119 ? -5.826  12.074  -8.973  1.00 27.78 ? 236  ILE A CD1 1 
ATOM   698  N N   . ASN A 1 120 ? -4.333  16.782  -5.744  1.00 32.33 ? 237  ASN A N   1 
ATOM   699  C CA  . ASN A 1 120 ? -3.467  17.948  -5.721  1.00 32.95 ? 237  ASN A CA  1 
ATOM   700  C C   . ASN A 1 120 ? -2.080  17.455  -5.506  1.00 32.25 ? 237  ASN A C   1 
ATOM   701  O O   . ASN A 1 120 ? -1.630  17.289  -4.369  1.00 31.74 ? 237  ASN A O   1 
ATOM   702  C CB  . ASN A 1 120 ? -3.854  18.916  -4.587  1.00 33.72 ? 237  ASN A CB  1 
ATOM   703  C CG  . ASN A 1 120 ? -2.859  20.089  -4.447  1.00 37.57 ? 237  ASN A CG  1 
ATOM   704  O OD1 . ASN A 1 120 ? -2.457  20.690  -5.443  1.00 42.03 ? 237  ASN A OD1 1 
ATOM   705  N ND2 . ASN A 1 120 ? -2.447  20.391  -3.218  1.00 41.73 ? 237  ASN A ND2 1 
ATOM   706  N N   . PHE A 1 121 ? -1.391  17.138  -6.596  1.00 31.86 ? 238  PHE A N   1 
ATOM   707  C CA  . PHE A 1 121 ? -0.150  16.441  -6.466  1.00 31.01 ? 238  PHE A CA  1 
ATOM   708  C C   . PHE A 1 121 ? 1.014   17.378  -6.187  1.00 31.51 ? 238  PHE A C   1 
ATOM   709  O O   . PHE A 1 121 ? 0.938   18.581  -6.448  1.00 32.34 ? 238  PHE A O   1 
ATOM   710  C CB  . PHE A 1 121 ? 0.104   15.466  -7.637  1.00 30.54 ? 238  PHE A CB  1 
ATOM   711  C CG  . PHE A 1 121 ? 0.255   16.100  -9.021  1.00 28.82 ? 238  PHE A CG  1 
ATOM   712  C CD1 . PHE A 1 121 ? 1.480   16.549  -9.437  1.00 29.24 ? 238  PHE A CD1 1 
ATOM   713  C CD2 . PHE A 1 121 ? -0.807  16.134  -9.930  1.00 27.79 ? 238  PHE A CD2 1 
ATOM   714  C CE1 . PHE A 1 121 ? 1.668   17.068  -10.739 1.00 30.02 ? 238  PHE A CE1 1 
ATOM   715  C CE2 . PHE A 1 121 ? -0.620  16.659  -11.239 1.00 28.52 ? 238  PHE A CE2 1 
ATOM   716  C CZ  . PHE A 1 121 ? 0.633   17.120  -11.620 1.00 27.17 ? 238  PHE A CZ  1 
ATOM   717  N N   . CYS A 1 122 ? 2.050   16.808  -5.592  1.00 31.29 ? 239  CYS A N   1 
ATOM   718  C CA  . CYS A 1 122 ? 3.280   17.515  -5.281  1.00 32.20 ? 239  CYS A CA  1 
ATOM   719  C C   . CYS A 1 122 ? 4.114   17.722  -6.524  1.00 32.78 ? 239  CYS A C   1 
ATOM   720  O O   . CYS A 1 122 ? 4.745   16.790  -7.037  1.00 31.67 ? 239  CYS A O   1 
ATOM   721  C CB  . CYS A 1 122 ? 4.080   16.737  -4.275  1.00 32.10 ? 239  CYS A CB  1 
ATOM   722  S SG  . CYS A 1 122 ? 5.635   17.514  -3.798  1.00 37.23 ? 239  CYS A SG  1 
ATOM   723  N N   . GLN A 1 123 ? 4.153   18.971  -6.971  1.00 34.23 ? 240  GLN A N   1 
ATOM   724  C CA  . GLN A 1 123 ? 4.732   19.327  -8.257  1.00 35.09 ? 240  GLN A CA  1 
ATOM   725  C C   . GLN A 1 123 ? 6.231   19.116  -8.296  1.00 35.71 ? 240  GLN A C   1 
ATOM   726  O O   . GLN A 1 123 ? 6.778   18.836  -9.360  1.00 34.47 ? 240  GLN A O   1 
ATOM   727  C CB  . GLN A 1 123 ? 4.329   20.773  -8.636  1.00 35.68 ? 240  GLN A CB  1 
ATOM   728  C CG  . GLN A 1 123 ? 2.836   20.810  -9.069  1.00 37.46 ? 240  GLN A CG  1 
ATOM   729  C CD  . GLN A 1 123 ? 2.251   22.191  -9.362  1.00 38.53 ? 240  GLN A CD  1 
ATOM   730  O OE1 . GLN A 1 123 ? 1.040   22.311  -9.551  1.00 38.34 ? 240  GLN A OE1 1 
ATOM   731  N NE2 . GLN A 1 123 ? 3.099   23.222  -9.415  1.00 37.81 ? 240  GLN A NE2 1 
ATOM   732  N N   . GLU A 1 124 ? 6.903   19.203  -7.148  1.00 36.47 ? 241  GLU A N   1 
ATOM   733  C CA  . GLU A 1 124 ? 8.334   18.965  -7.141  1.00 37.69 ? 241  GLU A CA  1 
ATOM   734  C C   . GLU A 1 124 ? 8.643   17.485  -7.299  1.00 36.93 ? 241  GLU A C   1 
ATOM   735  O O   . GLU A 1 124 ? 9.722   17.140  -7.728  1.00 37.25 ? 241  GLU A O   1 
ATOM   736  C CB  . GLU A 1 124 ? 8.998   19.484  -5.861  1.00 39.11 ? 241  GLU A CB  1 
ATOM   737  C CG  . GLU A 1 124 ? 8.845   20.992  -5.606  1.00 43.34 ? 241  GLU A CG  1 
ATOM   738  C CD  . GLU A 1 124 ? 9.526   21.873  -6.665  1.00 50.05 ? 241  GLU A CD  1 
ATOM   739  O OE1 . GLU A 1 124 ? 8.954   22.053  -7.775  1.00 53.53 ? 241  GLU A OE1 1 
ATOM   740  O OE2 . GLU A 1 124 ? 10.622  22.417  -6.369  1.00 53.60 ? 241  GLU A OE2 1 
ATOM   741  N N   . GLU A 1 125 ? 7.683   16.611  -6.982  1.00 35.80 ? 242  GLU A N   1 
ATOM   742  C CA  . GLU A 1 125 ? 7.978   15.181  -6.851  1.00 35.25 ? 242  GLU A CA  1 
ATOM   743  C C   . GLU A 1 125 ? 7.372   14.325  -7.963  1.00 33.11 ? 242  GLU A C   1 
ATOM   744  O O   . GLU A 1 125 ? 7.949   13.327  -8.370  1.00 33.66 ? 242  GLU A O   1 
ATOM   745  C CB  . GLU A 1 125 ? 7.479   14.666  -5.484  1.00 35.74 ? 242  GLU A CB  1 
ATOM   746  C CG  . GLU A 1 125 ? 8.560   14.635  -4.382  1.00 40.51 ? 242  GLU A CG  1 
ATOM   747  C CD  . GLU A 1 125 ? 8.002   14.663  -2.948  1.00 45.31 ? 242  GLU A CD  1 
ATOM   748  O OE1 . GLU A 1 125 ? 6.876   14.163  -2.698  1.00 49.88 ? 242  GLU A OE1 1 
ATOM   749  O OE2 . GLU A 1 125 ? 8.699   15.213  -2.064  1.00 49.87 ? 242  GLU A OE2 1 
ATOM   750  N N   A CYS A 1 126 ? 6.175   14.696  -8.402  0.50 31.19 ? 243  CYS A N   1 
ATOM   751  N N   B CYS A 1 126 ? 6.242   14.773  -8.485  0.50 32.55 ? 243  CYS A N   1 
ATOM   752  C CA  A CYS A 1 126 ? 5.452   13.903  -9.388  0.50 30.00 ? 243  CYS A CA  1 
ATOM   753  C CA  B CYS A 1 126 ? 5.421   13.940  -9.337  0.50 32.45 ? 243  CYS A CA  1 
ATOM   754  C C   A CYS A 1 126 ? 5.249   14.675  -10.684 0.50 29.73 ? 243  CYS A C   1 
ATOM   755  C C   B CYS A 1 126 ? 5.081   14.642  -10.666 0.50 31.04 ? 243  CYS A C   1 
ATOM   756  O O   A CYS A 1 126 ? 5.070   15.887  -10.688 0.50 29.44 ? 243  CYS A O   1 
ATOM   757  O O   B CYS A 1 126 ? 4.631   15.792  -10.673 0.50 30.64 ? 243  CYS A O   1 
ATOM   758  C CB  A CYS A 1 126 ? 4.095   13.477  -8.827  0.50 29.34 ? 243  CYS A CB  1 
ATOM   759  C CB  B CYS A 1 126 ? 4.168   13.589  -8.530  0.50 32.37 ? 243  CYS A CB  1 
ATOM   760  S SG  A CYS A 1 126 ? 4.217   12.659  -7.236  0.50 27.07 ? 243  CYS A SG  1 
ATOM   761  S SG  B CYS A 1 126 ? 2.766   13.055  -9.448  0.50 37.41 ? 243  CYS A SG  1 
ATOM   762  N N   . LEU A 1 127 ? 5.287   13.944  -11.788 1.00 29.48 ? 244  LEU A N   1 
ATOM   763  C CA  . LEU A 1 127 ? 4.914   14.466  -13.108 1.00 27.97 ? 244  LEU A CA  1 
ATOM   764  C C   . LEU A 1 127 ? 3.424   14.303  -13.362 1.00 26.96 ? 244  LEU A C   1 
ATOM   765  O O   . LEU A 1 127 ? 2.761   15.175  -13.906 1.00 25.72 ? 244  LEU A O   1 
ATOM   766  C CB  . LEU A 1 127 ? 5.629   13.656  -14.207 1.00 26.80 ? 244  LEU A CB  1 
ATOM   767  C CG  . LEU A 1 127 ? 5.285   13.990  -15.665 1.00 27.76 ? 244  LEU A CG  1 
ATOM   768  C CD1 . LEU A 1 127 ? 5.636   15.493  -15.951 1.00 27.08 ? 244  LEU A CD1 1 
ATOM   769  C CD2 . LEU A 1 127 ? 6.070   13.039  -16.607 1.00 28.55 ? 244  LEU A CD2 1 
ATOM   770  N N   . ARG A 1 128 ? 2.909   13.134  -13.017 1.00 25.66 ? 245  ARG A N   1 
ATOM   771  C CA  . ARG A 1 128 ? 1.495   12.877  -13.145 1.00 25.37 ? 245  ARG A CA  1 
ATOM   772  C C   . ARG A 1 128 ? 0.975   12.175  -11.908 1.00 24.77 ? 245  ARG A C   1 
ATOM   773  O O   . ARG A 1 128 ? 1.711   11.478  -11.225 1.00 24.83 ? 245  ARG A O   1 
ATOM   774  C CB  . ARG A 1 128 ? 1.190   11.959  -14.359 1.00 25.50 ? 245  ARG A CB  1 
ATOM   775  C CG  . ARG A 1 128 ? 1.348   12.603  -15.725 1.00 27.04 ? 245  ARG A CG  1 
ATOM   776  C CD  . ARG A 1 128 ? 0.870   11.678  -16.841 1.00 28.43 ? 245  ARG A CD  1 
ATOM   777  N NE  . ARG A 1 128 ? 0.968   12.353  -18.131 1.00 28.56 ? 245  ARG A NE  1 
ATOM   778  C CZ  . ARG A 1 128 ? 2.069   12.350  -18.874 1.00 28.82 ? 245  ARG A CZ  1 
ATOM   779  N NH1 . ARG A 1 128 ? 3.123   11.663  -18.455 1.00 28.98 ? 245  ARG A NH1 1 
ATOM   780  N NH2 . ARG A 1 128 ? 2.116   13.023  -20.026 1.00 29.53 ? 245  ARG A NH2 1 
ATOM   781  N N   . CYS A 1 129 ? -0.323  12.329  -11.696 1.00 25.53 ? 246  CYS A N   1 
ATOM   782  C CA  . CYS A 1 129 ? -1.068  11.589  -10.670 1.00 26.50 ? 246  CYS A CA  1 
ATOM   783  C C   . CYS A 1 129 ? -2.505  11.496  -11.123 1.00 26.91 ? 246  CYS A C   1 
ATOM   784  O O   . CYS A 1 129 ? -3.130  12.527  -11.444 1.00 28.29 ? 246  CYS A O   1 
ATOM   785  C CB  . CYS A 1 129 ? -0.933  12.279  -9.302  1.00 27.32 ? 246  CYS A CB  1 
ATOM   786  S SG  . CYS A 1 129 ? -1.933  11.496  -8.010  1.00 27.04 ? 246  CYS A SG  1 
ATOM   787  N N   . GLU A 1 130 ? -2.986  10.261  -11.214 1.00 26.45 ? 247  GLU A N   1 
ATOM   788  C CA  . GLU A 1 130 ? -4.296  9.910   -11.757 1.00 26.88 ? 247  GLU A CA  1 
ATOM   789  C C   . GLU A 1 130 ? -4.985  8.815   -10.973 1.00 25.55 ? 247  GLU A C   1 
ATOM   790  O O   . GLU A 1 130 ? -4.355  7.945   -10.344 1.00 24.66 ? 247  GLU A O   1 
ATOM   791  C CB  . GLU A 1 130 ? -4.161  9.434   -13.214 1.00 28.57 ? 247  GLU A CB  1 
ATOM   792  C CG  . GLU A 1 130 ? -3.498  10.430  -14.124 1.00 32.35 ? 247  GLU A CG  1 
ATOM   793  C CD  . GLU A 1 130 ? -3.321  9.893   -15.568 1.00 35.47 ? 247  GLU A CD  1 
ATOM   794  O OE1 . GLU A 1 130 ? -3.862  8.815   -15.891 1.00 36.25 ? 247  GLU A OE1 1 
ATOM   795  O OE2 . GLU A 1 130 ? -2.622  10.551  -16.375 1.00 42.24 ? 247  GLU A OE2 1 
ATOM   796  N N   . TRP A 1 131 ? -6.302  8.893   -10.988 1.00 24.28 ? 248  TRP A N   1 
ATOM   797  C CA  . TRP A 1 131 ? -7.141  7.765   -10.705 1.00 25.14 ? 248  TRP A CA  1 
ATOM   798  C C   . TRP A 1 131 ? -7.273  6.895   -11.955 1.00 24.47 ? 248  TRP A C   1 
ATOM   799  O O   . TRP A 1 131 ? -8.121  7.152   -12.842 1.00 27.44 ? 248  TRP A O   1 
ATOM   800  C CB  . TRP A 1 131 ? -8.520  8.213   -10.302 1.00 24.93 ? 248  TRP A CB  1 
ATOM   801  C CG  . TRP A 1 131 ? -8.624  8.874   -8.979  1.00 26.06 ? 248  TRP A CG  1 
ATOM   802  C CD1 . TRP A 1 131 ? -8.925  10.184  -8.742  1.00 29.70 ? 248  TRP A CD1 1 
ATOM   803  C CD2 . TRP A 1 131 ? -8.481  8.259   -7.682  1.00 27.17 ? 248  TRP A CD2 1 
ATOM   804  N NE1 . TRP A 1 131 ? -8.973  10.431  -7.376  1.00 28.22 ? 248  TRP A NE1 1 
ATOM   805  C CE2 . TRP A 1 131 ? -8.731  9.266   -6.705  1.00 25.68 ? 248  TRP A CE2 1 
ATOM   806  C CE3 . TRP A 1 131 ? -8.200  6.967   -7.253  1.00 24.37 ? 248  TRP A CE3 1 
ATOM   807  C CZ2 . TRP A 1 131 ? -8.649  9.013   -5.335  1.00 26.34 ? 248  TRP A CZ2 1 
ATOM   808  C CZ3 . TRP A 1 131 ? -8.144  6.718   -5.886  1.00 24.81 ? 248  TRP A CZ3 1 
ATOM   809  C CH2 . TRP A 1 131 ? -8.392  7.728   -4.951  1.00 25.76 ? 248  TRP A CH2 1 
ATOM   810  N N   . MET A 1 132 ? -6.498  5.831   -12.006 1.00 21.18 ? 249  MET A N   1 
ATOM   811  C CA  . MET A 1 132 ? -6.449  4.955   -13.191 1.00 21.49 ? 249  MET A CA  1 
ATOM   812  C C   . MET A 1 132 ? -7.407  3.802   -12.987 1.00 21.65 ? 249  MET A C   1 
ATOM   813  O O   . MET A 1 132 ? -7.597  3.355   -11.844 1.00 22.70 ? 249  MET A O   1 
ATOM   814  C CB  . MET A 1 132 ? -5.006  4.456   -13.394 1.00 22.13 ? 249  MET A CB  1 
ATOM   815  C CG  . MET A 1 132 ? -4.804  3.554   -14.589 1.00 21.09 ? 249  MET A CG  1 
ATOM   816  S SD  . MET A 1 132 ? -3.055  3.026   -14.798 1.00 24.41 ? 249  MET A SD  1 
ATOM   817  C CE  . MET A 1 132 ? -2.321  4.529   -15.168 1.00 23.94 ? 249  MET A CE  1 
ATOM   818  N N   . ASP A 1 133 ? -8.027  3.286   -14.053 1.00 21.02 ? 250  ASP A N   1 
ATOM   819  C CA  . ASP A 1 133 ? -8.779  2.061   -13.922 1.00 21.57 ? 250  ASP A CA  1 
ATOM   820  C C   . ASP A 1 133 ? -7.875  0.951   -13.460 1.00 20.97 ? 250  ASP A C   1 
ATOM   821  O O   . ASP A 1 133 ? -6.768  0.741   -14.023 1.00 20.30 ? 250  ASP A O   1 
ATOM   822  C CB  . ASP A 1 133 ? -9.437  1.694   -15.223 1.00 22.19 ? 250  ASP A CB  1 
ATOM   823  C CG  . ASP A 1 133 ? -10.221 0.437   -15.132 1.00 26.71 ? 250  ASP A CG  1 
ATOM   824  O OD1 . ASP A 1 133 ? -10.997 0.260   -14.171 1.00 34.59 ? 250  ASP A OD1 1 
ATOM   825  O OD2 . ASP A 1 133 ? -10.123 -0.375  -16.054 1.00 37.53 ? 250  ASP A OD2 1 
ATOM   826  N N   . LEU A 1 134 ? -8.294  0.239   -12.412 1.00 20.08 ? 251  LEU A N   1 
ATOM   827  C CA  . LEU A 1 134 ? -7.451  -0.837  -11.880 1.00 19.57 ? 251  LEU A CA  1 
ATOM   828  C C   . LEU A 1 134 ? -7.127  -1.866  -12.995 1.00 20.46 ? 251  LEU A C   1 
ATOM   829  O O   . LEU A 1 134 ? -6.012  -2.398  -13.081 1.00 20.33 ? 251  LEU A O   1 
ATOM   830  C CB  . LEU A 1 134 ? -8.131  -1.490  -10.690 1.00 19.80 ? 251  LEU A CB  1 
ATOM   831  C CG  . LEU A 1 134 ? -7.358  -2.657  -10.054 1.00 19.54 ? 251  LEU A CG  1 
ATOM   832  C CD1 . LEU A 1 134 ? -6.038  -2.170  -9.398  1.00 21.40 ? 251  LEU A CD1 1 
ATOM   833  C CD2 . LEU A 1 134 ? -8.250  -3.438  -9.056  1.00 20.68 ? 251  LEU A CD2 1 
ATOM   834  N N   . ASN A 1 135 ? -8.092  -2.169  -13.846 1.00 20.31 ? 252  ASN A N   1 
ATOM   835  C CA  . ASN A 1 135 ? -7.866  -3.197  -14.882 1.00 22.22 ? 252  ASN A CA  1 
ATOM   836  C C   . ASN A 1 135 ? -6.776  -2.712  -15.855 1.00 21.87 ? 252  ASN A C   1 
ATOM   837  O O   . ASN A 1 135 ? -5.958  -3.514  -16.333 1.00 22.79 ? 252  ASN A O   1 
ATOM   838  C CB  . ASN A 1 135 ? -9.159  -3.577  -15.635 1.00 22.55 ? 252  ASN A CB  1 
ATOM   839  C CG  . ASN A 1 135 ? -10.212 -4.191  -14.718 1.00 27.17 ? 252  ASN A CG  1 
ATOM   840  O OD1 . ASN A 1 135 ? -10.606 -3.588  -13.718 1.00 31.56 ? 252  ASN A OD1 1 
ATOM   841  N ND2 . ASN A 1 135 ? -10.592 -5.414  -15.003 1.00 33.14 ? 252  ASN A ND2 1 
ATOM   842  N N   . ASP A 1 136 ? -6.719  -1.407  -16.075 1.00 21.05 ? 253  ASP A N   1 
ATOM   843  C CA  . ASP A 1 136 ? -5.698  -0.808  -16.946 1.00 21.15 ? 253  ASP A CA  1 
ATOM   844  C C   . ASP A 1 136 ? -4.328  -0.924  -16.293 1.00 21.23 ? 253  ASP A C   1 
ATOM   845  O O   . ASP A 1 136 ? -3.361  -1.358  -16.937 1.00 21.64 ? 253  ASP A O   1 
ATOM   846  C CB  . ASP A 1 136 ? -6.029  0.609   -17.309 1.00 21.29 ? 253  ASP A CB  1 
ATOM   847  C CG  . ASP A 1 136 ? -7.121  0.711   -18.420 1.00 24.65 ? 253  ASP A CG  1 
ATOM   848  O OD1 . ASP A 1 136 ? -7.435  -0.269  -19.149 1.00 25.77 ? 253  ASP A OD1 1 
ATOM   849  O OD2 . ASP A 1 136 ? -7.696  1.816   -18.516 1.00 25.93 ? 253  ASP A OD2 1 
ATOM   850  N N   . LEU A 1 137 ? -4.237  -0.639  -14.993 1.00 19.59 ? 254  LEU A N   1 
ATOM   851  C CA  . LEU A 1 137 ? -2.954  -0.863  -14.304 1.00 18.38 ? 254  LEU A CA  1 
ATOM   852  C C   . LEU A 1 137 ? -2.504  -2.339  -14.317 1.00 16.96 ? 254  LEU A C   1 
ATOM   853  O O   . LEU A 1 137 ? -1.288  -2.628  -14.403 1.00 19.15 ? 254  LEU A O   1 
ATOM   854  C CB  . LEU A 1 137 ? -2.980  -0.290  -12.862 1.00 18.16 ? 254  LEU A CB  1 
ATOM   855  C CG  . LEU A 1 137 ? -1.685  -0.370  -12.070 1.00 18.39 ? 254  LEU A CG  1 
ATOM   856  C CD1 . LEU A 1 137 ? -0.694  0.510   -12.726 1.00 18.78 ? 254  LEU A CD1 1 
ATOM   857  C CD2 . LEU A 1 137 ? -1.884  0.082   -10.605 1.00 19.77 ? 254  LEU A CD2 1 
ATOM   858  N N   . ALA A 1 138 ? -3.450  -3.280  -14.234 1.00 18.08 ? 255  ALA A N   1 
ATOM   859  C CA  . ALA A 1 138 ? -3.176  -4.693  -14.164 1.00 18.78 ? 255  ALA A CA  1 
ATOM   860  C C   . ALA A 1 138 ? -2.645  -5.256  -15.468 1.00 20.06 ? 255  ALA A C   1 
ATOM   861  O O   . ALA A 1 138 ? -1.998  -6.286  -15.435 1.00 22.51 ? 255  ALA A O   1 
ATOM   862  C CB  . ALA A 1 138 ? -4.415  -5.441  -13.737 1.00 19.41 ? 255  ALA A CB  1 
ATOM   863  N N   . LYS A 1 139 ? -2.875  -4.515  -16.539 1.00 22.32 ? 256  LYS A N   1 
ATOM   864  C CA  . LYS A 1 139 ? -2.520  -4.910  -17.889 1.00 23.27 ? 256  LYS A CA  1 
ATOM   865  C C   . LYS A 1 139 ? -1.392  -4.082  -18.507 1.00 23.00 ? 256  LYS A C   1 
ATOM   866  O O   . LYS A 1 139 ? -0.773  -4.560  -19.442 1.00 23.03 ? 256  LYS A O   1 
ATOM   867  C CB  . LYS A 1 139 ? -3.743  -4.762  -18.786 1.00 25.63 ? 256  LYS A CB  1 
ATOM   868  C CG  . LYS A 1 139 ? -4.865  -5.705  -18.397 1.00 30.44 ? 256  LYS A CG  1 
ATOM   869  C CD  . LYS A 1 139 ? -5.896  -5.885  -19.502 1.00 37.19 ? 256  LYS A CD  1 
ATOM   870  C CE  . LYS A 1 139 ? -7.084  -4.962  -19.336 1.00 40.88 ? 256  LYS A CE  1 
ATOM   871  N NZ  . LYS A 1 139 ? -8.265  -5.441  -20.141 1.00 43.20 ? 256  LYS A NZ  1 
ATOM   872  N N   . THR A 1 140 ? -1.141  -2.850  -18.065 1.00 21.68 ? 257  THR A N   1 
ATOM   873  C CA  . THR A 1 140 ? -0.197  -1.992  -18.747 1.00 21.28 ? 257  THR A CA  1 
ATOM   874  C C   . THR A 1 140 ? 1.223   -2.487  -18.667 1.00 21.66 ? 257  THR A C   1 
ATOM   875  O O   . THR A 1 140 ? 1.635   -3.066  -17.669 1.00 21.79 ? 257  THR A O   1 
ATOM   876  C CB  . THR A 1 140 ? -0.238  -0.534  -18.219 1.00 20.21 ? 257  THR A CB  1 
ATOM   877  O OG1 . THR A 1 140 ? 0.576   0.325   -19.056 1.00 21.36 ? 257  THR A OG1 1 
ATOM   878  C CG2 . THR A 1 140 ? 0.222   -0.459  -16.791 1.00 19.48 ? 257  THR A CG2 1 
ATOM   879  N N   . GLU A 1 141 ? 1.984   -2.214  -19.731 1.00 22.09 ? 258  GLU A N   1 
ATOM   880  C CA  . GLU A 1 141 ? 3.429   -2.387  -19.672 1.00 22.55 ? 258  GLU A CA  1 
ATOM   881  C C   . GLU A 1 141 ? 4.192   -1.239  -19.067 1.00 21.93 ? 258  GLU A C   1 
ATOM   882  O O   . GLU A 1 141 ? 5.357   -1.426  -18.712 1.00 21.87 ? 258  GLU A O   1 
ATOM   883  C CB  . GLU A 1 141 ? 3.975   -2.730  -21.076 1.00 24.19 ? 258  GLU A CB  1 
ATOM   884  C CG  . GLU A 1 141 ? 3.381   -4.090  -21.503 1.00 28.70 ? 258  GLU A CG  1 
ATOM   885  C CD  . GLU A 1 141 ? 3.701   -4.496  -22.924 1.00 33.00 ? 258  GLU A CD  1 
ATOM   886  O OE1 . GLU A 1 141 ? 3.845   -3.606  -23.799 1.00 35.96 ? 258  GLU A OE1 1 
ATOM   887  O OE2 . GLU A 1 141 ? 3.720   -5.723  -23.159 1.00 38.14 ? 258  GLU A OE2 1 
ATOM   888  N N   . ASN A 1 142 ? 3.542   -0.084  -18.927 1.00 20.99 ? 259  ASN A N   1 
ATOM   889  C CA  . ASN A 1 142 ? 4.155   1.099   -18.382 1.00 20.86 ? 259  ASN A CA  1 
ATOM   890  C C   . ASN A 1 142 ? 3.995   1.169   -16.853 1.00 20.76 ? 259  ASN A C   1 
ATOM   891  O O   . ASN A 1 142 ? 3.584   2.172   -16.285 1.00 19.64 ? 259  ASN A O   1 
ATOM   892  C CB  . ASN A 1 142 ? 3.589   2.322   -19.058 1.00 20.99 ? 259  ASN A CB  1 
ATOM   893  C CG  . ASN A 1 142 ? 3.921   2.335   -20.563 1.00 23.38 ? 259  ASN A CG  1 
ATOM   894  O OD1 . ASN A 1 142 ? 5.027   2.036   -20.953 1.00 28.19 ? 259  ASN A OD1 1 
ATOM   895  N ND2 . ASN A 1 142 ? 2.934   2.579   -21.384 1.00 26.19 ? 259  ASN A ND2 1 
ATOM   896  N N   . THR A 1 143 ? 4.382   0.096   -16.205 1.00 20.59 ? 260  THR A N   1 
ATOM   897  C CA  . THR A 1 143 ? 4.473   0.055   -14.755 1.00 19.90 ? 260  THR A CA  1 
ATOM   898  C C   . THR A 1 143 ? 5.596   -0.951  -14.398 1.00 21.02 ? 260  THR A C   1 
ATOM   899  O O   . THR A 1 143 ? 6.193   -1.606  -15.266 1.00 22.98 ? 260  THR A O   1 
ATOM   900  C CB  . THR A 1 143 ? 3.111   -0.294  -14.080 1.00 19.62 ? 260  THR A CB  1 
ATOM   901  O OG1 . THR A 1 143 ? 3.239   -0.081  -12.667 1.00 19.19 ? 260  THR A OG1 1 
ATOM   902  C CG2 . THR A 1 143 ? 2.670   -1.767  -14.377 1.00 19.41 ? 260  THR A CG2 1 
ATOM   903  N N   . THR A 1 144 ? 5.848   -1.135  -13.120 1.00 19.36 ? 261  THR A N   1 
ATOM   904  C CA  . THR A 1 144 ? 6.835   -2.113  -12.687 1.00 19.29 ? 261  THR A CA  1 
ATOM   905  C C   . THR A 1 144 ? 6.196   -3.461  -12.428 1.00 18.60 ? 261  THR A C   1 
ATOM   906  O O   . THR A 1 144 ? 5.016   -3.522  -12.088 1.00 18.75 ? 261  THR A O   1 
ATOM   907  C CB  . THR A 1 144 ? 7.583   -1.596  -11.389 1.00 19.32 ? 261  THR A CB  1 
ATOM   908  O OG1 . THR A 1 144 ? 6.825   -1.816  -10.167 1.00 20.43 ? 261  THR A OG1 1 
ATOM   909  C CG2 . THR A 1 144 ? 7.892   -0.124  -11.458 1.00 21.85 ? 261  THR A CG2 1 
ATOM   910  N N   . PRO A 1 145 ? 6.952   -4.556  -12.490 1.00 17.65 ? 262  PRO A N   1 
ATOM   911  C CA  . PRO A 1 145 ? 6.427   -5.855  -12.208 1.00 17.87 ? 262  PRO A CA  1 
ATOM   912  C C   . PRO A 1 145 ? 5.803   -5.995  -10.843 1.00 16.52 ? 262  PRO A C   1 
ATOM   913  O O   . PRO A 1 145 ? 4.779   -6.650  -10.748 1.00 18.14 ? 262  PRO A O   1 
ATOM   914  C CB  . PRO A 1 145 ? 7.614   -6.779  -12.368 1.00 18.67 ? 262  PRO A CB  1 
ATOM   915  C CG  . PRO A 1 145 ? 8.430   -6.088  -13.420 1.00 19.19 ? 262  PRO A CG  1 
ATOM   916  C CD  . PRO A 1 145 ? 8.264   -4.633  -13.177 1.00 19.56 ? 262  PRO A CD  1 
ATOM   917  N N   . ILE A 1 146 ? 6.400   -5.379  -9.836  1.00 18.36 ? 263  ILE A N   1 
ATOM   918  C CA  . ILE A 1 146 ? 5.776   -5.401  -8.491  1.00 19.09 ? 263  ILE A CA  1 
ATOM   919  C C   . ILE A 1 146 ? 4.428   -4.647  -8.506  1.00 18.42 ? 263  ILE A C   1 
ATOM   920  O O   . ILE A 1 146 ? 3.438   -5.156  -7.965  1.00 18.48 ? 263  ILE A O   1 
ATOM   921  C CB  . ILE A 1 146 ? 6.719   -4.849  -7.441  1.00 20.09 ? 263  ILE A CB  1 
ATOM   922  C CG1 . ILE A 1 146 ? 7.846   -5.857  -7.200  1.00 23.21 ? 263  ILE A CG1 1 
ATOM   923  C CG2 . ILE A 1 146 ? 5.990   -4.583  -6.090  1.00 19.55 ? 263  ILE A CG2 1 
ATOM   924  C CD1 . ILE A 1 146 ? 8.983   -5.236  -6.490  1.00 24.68 ? 263  ILE A CD1 1 
ATOM   925  N N   . THR A 1 147 ? 4.385   -3.460  -9.107  1.00 18.07 ? 264  THR A N   1 
ATOM   926  C CA  . THR A 1 147 ? 3.134   -2.686  -9.153  1.00 18.48 ? 264  THR A CA  1 
ATOM   927  C C   . THR A 1 147 ? 2.069   -3.497  -9.888  1.00 18.41 ? 264  THR A C   1 
ATOM   928  O O   . THR A 1 147 ? 0.910   -3.562  -9.477  1.00 15.72 ? 264  THR A O   1 
ATOM   929  C CB  . THR A 1 147 ? 3.360   -1.314  -9.808  1.00 19.55 ? 264  THR A CB  1 
ATOM   930  O OG1 . THR A 1 147 ? 4.442   -0.679  -9.129  1.00 19.48 ? 264  THR A OG1 1 
ATOM   931  C CG2 . THR A 1 147 ? 2.099   -0.420  -9.741  1.00 19.36 ? 264  THR A CG2 1 
ATOM   932  N N   . SER A 1 148 ? 2.509   -4.097  -11.000 1.00 17.55 ? 265  SER A N   1 
ATOM   933  C CA  A SER A 1 148 ? 1.508   -4.946  -11.721 0.45 18.04 ? 265  SER A CA  1 
ATOM   934  C CA  B SER A 1 148 ? 1.489   -4.901  -11.732 0.55 17.53 ? 265  SER A CA  1 
ATOM   935  C C   . SER A 1 148 ? 0.949   -6.072  -10.899 1.00 18.20 ? 265  SER A C   1 
ATOM   936  O O   . SER A 1 148 ? -0.237  -6.384  -10.955 1.00 17.18 ? 265  SER A O   1 
ATOM   937  C CB  A SER A 1 148 ? 2.216   -5.594  -12.929 0.45 18.43 ? 265  SER A CB  1 
ATOM   938  C CB  B SER A 1 148 ? 2.188   -5.453  -12.993 0.55 18.04 ? 265  SER A CB  1 
ATOM   939  O OG  A SER A 1 148 ? 2.499   -4.651  -13.930 0.45 18.79 ? 265  SER A OG  1 
ATOM   940  O OG  B SER A 1 148 ? 1.333   -6.327  -13.689 0.55 15.51 ? 265  SER A OG  1 
ATOM   941  N N   . ARG A 1 149 ? 1.827   -6.743  -10.141 1.00 17.77 ? 266  ARG A N   1 
ATOM   942  C CA  . ARG A 1 149 ? 1.431   -7.891  -9.321  1.00 17.95 ? 266  ARG A CA  1 
ATOM   943  C C   . ARG A 1 149 ? 0.424   -7.415  -8.261  1.00 17.43 ? 266  ARG A C   1 
ATOM   944  O O   . ARG A 1 149 ? -0.563  -8.087  -8.016  1.00 18.06 ? 266  ARG A O   1 
ATOM   945  C CB  . ARG A 1 149 ? 2.659   -8.507  -8.652  1.00 17.90 ? 266  ARG A CB  1 
ATOM   946  C CG  . ARG A 1 149 ? 2.380   -9.587  -7.623  1.00 19.73 ? 266  ARG A CG  1 
ATOM   947  C CD  . ARG A 1 149 ? 1.628   -10.749 -8.163  1.00 20.90 ? 266  ARG A CD  1 
ATOM   948  N NE  . ARG A 1 149 ? 2.402   -11.488 -9.165  1.00 23.20 ? 266  ARG A NE  1 
ATOM   949  C CZ  . ARG A 1 149 ? 3.369   -12.369 -8.907  1.00 28.46 ? 266  ARG A CZ  1 
ATOM   950  N NH1 . ARG A 1 149 ? 3.758   -12.700 -7.634  1.00 26.40 ? 266  ARG A NH1 1 
ATOM   951  N NH2 . ARG A 1 149 ? 3.954   -12.940 -9.954  1.00 31.82 ? 266  ARG A NH2 1 
ATOM   952  N N   . VAL A 1 150 ? 0.711   -6.278  -7.655  1.00 16.57 ? 267  VAL A N   1 
ATOM   953  C CA  . VAL A 1 150 ? -0.146  -5.745  -6.571  1.00 16.89 ? 267  VAL A CA  1 
ATOM   954  C C   . VAL A 1 150 ? -1.465  -5.289  -7.191  1.00 17.18 ? 267  VAL A C   1 
ATOM   955  O O   . VAL A 1 150 ? -2.545  -5.487  -6.585  1.00 15.97 ? 267  VAL A O   1 
ATOM   956  C CB  . VAL A 1 150 ? 0.511   -4.624  -5.761  1.00 16.89 ? 267  VAL A CB  1 
ATOM   957  C CG1 . VAL A 1 150 ? -0.521  -4.001  -4.774  1.00 18.61 ? 267  VAL A CG1 1 
ATOM   958  C CG2 . VAL A 1 150 ? 1.696   -5.134  -4.995  1.00 19.21 ? 267  VAL A CG2 1 
ATOM   959  N N   . ALA A 1 151 ? -1.454  -4.762  -8.419  1.00 16.84 ? 268  ALA A N   1 
ATOM   960  C CA  . ALA A 1 151 ? -2.740  -4.426  -9.110  1.00 17.03 ? 268  ALA A CA  1 
ATOM   961  C C   . ALA A 1 151 ? -3.602  -5.660  -9.330  1.00 17.92 ? 268  ALA A C   1 
ATOM   962  O O   . ALA A 1 151 ? -4.810  -5.632  -9.148  1.00 17.56 ? 268  ALA A O   1 
ATOM   963  C CB  . ALA A 1 151 ? -2.466  -3.702  -10.471 1.00 18.22 ? 268  ALA A CB  1 
ATOM   964  N N   . ARG A 1 152 ? -2.967  -6.757  -9.746  1.00 17.16 ? 269  ARG A N   1 
ATOM   965  C CA  . ARG A 1 152 ? -3.665  -8.017  -9.977  1.00 18.32 ? 269  ARG A CA  1 
ATOM   966  C C   . ARG A 1 152 ? -4.192  -8.586  -8.681  1.00 17.34 ? 269  ARG A C   1 
ATOM   967  O O   . ARG A 1 152 ? -5.289  -9.136  -8.650  1.00 19.06 ? 269  ARG A O   1 
ATOM   968  C CB  . ARG A 1 152 ? -2.750  -9.015  -10.738 1.00 18.38 ? 269  ARG A CB  1 
ATOM   969  C CG  . ARG A 1 152 ? -2.406  -8.446  -12.093 1.00 21.43 ? 269  ARG A CG  1 
ATOM   970  C CD  . ARG A 1 152 ? -1.205  -9.131  -12.829 1.00 21.78 ? 269  ARG A CD  1 
ATOM   971  N NE  . ARG A 1 152 ? -1.028  -8.451  -14.107 1.00 25.89 ? 269  ARG A NE  1 
ATOM   972  C CZ  . ARG A 1 152 ? -0.199  -8.827  -15.080 1.00 35.94 ? 269  ARG A CZ  1 
ATOM   973  N NH1 . ARG A 1 152 ? 0.572   -9.899  -14.943 1.00 38.68 ? 269  ARG A NH1 1 
ATOM   974  N NH2 . ARG A 1 152 ? -0.128  -8.100  -16.194 1.00 37.89 ? 269  ARG A NH2 1 
ATOM   975  N N   . LEU A 1 153 ? -3.370  -8.449  -7.618  1.00 17.41 ? 270  LEU A N   1 
ATOM   976  C CA  A LEU A 1 153 ? -3.881  -8.894  -6.325  0.52 16.88 ? 270  LEU A CA  1 
ATOM   977  C CA  B LEU A 1 153 ? -3.921  -8.805  -6.270  0.48 16.86 ? 270  LEU A CA  1 
ATOM   978  C C   . LEU A 1 153 ? -5.149  -8.036  -5.899  1.00 16.45 ? 270  LEU A C   1 
ATOM   979  O O   . LEU A 1 153 ? -6.141  -8.610  -5.409  1.00 17.46 ? 270  LEU A O   1 
ATOM   980  C CB  A LEU A 1 153 ? -2.703  -8.745  -5.329  0.52 17.00 ? 270  LEU A CB  1 
ATOM   981  C CB  B LEU A 1 153 ? -2.873  -8.542  -5.152  0.48 16.78 ? 270  LEU A CB  1 
ATOM   982  C CG  A LEU A 1 153 ? -2.869  -9.232  -3.903  0.52 15.75 ? 270  LEU A CG  1 
ATOM   983  C CG  B LEU A 1 153 ? -1.767  -9.569  -4.915  0.48 15.95 ? 270  LEU A CG  1 
ATOM   984  C CD1 A LEU A 1 153 ? -2.925  -10.707 -3.774  0.52 18.17 ? 270  LEU A CD1 1 
ATOM   985  C CD1 B LEU A 1 153 ? -0.684  -9.024  -4.007  0.48 17.98 ? 270  LEU A CD1 1 
ATOM   986  C CD2 A LEU A 1 153 ? -1.739  -8.637  -3.028  0.52 15.02 ? 270  LEU A CD2 1 
ATOM   987  C CD2 B LEU A 1 153 ? -2.337  -10.814 -4.340  0.48 18.50 ? 270  LEU A CD2 1 
ATOM   988  N N   . LEU A 1 154 ? -5.112  -6.718  -6.074  1.00 17.02 ? 271  LEU A N   1 
ATOM   989  C CA  . LEU A 1 154 ? -6.282  -5.844  -5.787  1.00 18.15 ? 271  LEU A CA  1 
ATOM   990  C C   . LEU A 1 154 ? -7.481  -6.292  -6.619  1.00 20.09 ? 271  LEU A C   1 
ATOM   991  O O   . LEU A 1 154 ? -8.602  -6.294  -6.131  1.00 19.03 ? 271  LEU A O   1 
ATOM   992  C CB  . LEU A 1 154 ? -5.961  -4.382  -6.027  1.00 17.79 ? 271  LEU A CB  1 
ATOM   993  C CG  . LEU A 1 154 ? -5.160  -3.730  -4.933  1.00 20.36 ? 271  LEU A CG  1 
ATOM   994  C CD1 . LEU A 1 154 ? -4.498  -2.466  -5.437  1.00 22.40 ? 271  LEU A CD1 1 
ATOM   995  C CD2 . LEU A 1 154 ? -6.096  -3.539  -3.703  1.00 22.17 ? 271  LEU A CD2 1 
ATOM   996  N N   . LEU A 1 155 ? -7.262  -6.707  -7.870  1.00 17.96 ? 272  LEU A N   1 
ATOM   997  C CA  . LEU A 1 155 ? -8.383  -7.081  -8.739  1.00 19.81 ? 272  LEU A CA  1 
ATOM   998  C C   . LEU A 1 155 ? -9.027  -8.339  -8.209  1.00 18.57 ? 272  LEU A C   1 
ATOM   999  O O   . LEU A 1 155 ? -10.248 -8.496  -8.244  1.00 19.22 ? 272  LEU A O   1 
ATOM   1000 C CB  . LEU A 1 155 ? -7.894  -7.301  -10.193 1.00 20.18 ? 272  LEU A CB  1 
ATOM   1001 C CG  . LEU A 1 155 ? -8.965  -7.503  -11.252 1.00 23.02 ? 272  LEU A CG  1 
ATOM   1002 C CD1 . LEU A 1 155 ? -9.900  -6.312  -11.279 1.00 24.31 ? 272  LEU A CD1 1 
ATOM   1003 C CD2 . LEU A 1 155 ? -8.245  -7.604  -12.571 1.00 22.85 ? 272  LEU A CD2 1 
ATOM   1004 N N   . TYR A 1 156 ? -8.198  -9.270  -7.736  1.00 18.57 ? 273  TYR A N   1 
ATOM   1005 C CA  . TYR A 1 156 ? -8.685  -10.489 -7.147  1.00 18.91 ? 273  TYR A CA  1 
ATOM   1006 C C   . TYR A 1 156 ? -9.535  -10.179 -5.912  1.00 18.22 ? 273  TYR A C   1 
ATOM   1007 O O   . TYR A 1 156 ? -10.612 -10.728 -5.702  1.00 19.27 ? 273  TYR A O   1 
ATOM   1008 C CB  . TYR A 1 156 ? -7.462  -11.369 -6.813  1.00 19.57 ? 273  TYR A CB  1 
ATOM   1009 C CG  . TYR A 1 156 ? -7.673  -12.615 -5.989  1.00 19.54 ? 273  TYR A CG  1 
ATOM   1010 C CD1 . TYR A 1 156 ? -8.704  -13.487 -6.246  1.00 21.04 ? 273  TYR A CD1 1 
ATOM   1011 C CD2 . TYR A 1 156 ? -6.752  -12.979 -5.022  1.00 21.19 ? 273  TYR A CD2 1 
ATOM   1012 C CE1 . TYR A 1 156 ? -8.850  -14.633 -5.535  1.00 24.69 ? 273  TYR A CE1 1 
ATOM   1013 C CE2 . TYR A 1 156 ? -6.877  -14.127 -4.315  1.00 24.95 ? 273  TYR A CE2 1 
ATOM   1014 C CZ  . TYR A 1 156 ? -7.939  -14.946 -4.555  1.00 26.20 ? 273  TYR A CZ  1 
ATOM   1015 O OH  . TYR A 1 156 ? -8.058  -16.100 -3.839  1.00 27.31 ? 273  TYR A OH  1 
ATOM   1016 N N   . GLY A 1 157 ? -9.098  -9.259  -5.107  1.00 17.82 ? 274  GLY A N   1 
ATOM   1017 C CA  . GLY A 1 157 ? -9.907  -8.857  -3.916  1.00 17.88 ? 274  GLY A CA  1 
ATOM   1018 C C   . GLY A 1 157 ? -11.193 -8.117  -4.295  1.00 18.41 ? 274  GLY A C   1 
ATOM   1019 O O   . GLY A 1 157 ? -12.239 -8.295  -3.670  1.00 20.26 ? 274  GLY A O   1 
ATOM   1020 N N   . TYR A 1 158 ? -11.114 -7.290  -5.320  1.00 19.66 ? 275  TYR A N   1 
ATOM   1021 C CA  . TYR A 1 158 ? -12.280 -6.554  -5.815  1.00 18.95 ? 275  TYR A CA  1 
ATOM   1022 C C   . TYR A 1 158 ? -13.338 -7.523  -6.317  1.00 20.50 ? 275  TYR A C   1 
ATOM   1023 O O   . TYR A 1 158 ? -14.542 -7.293  -6.133  1.00 20.86 ? 275  TYR A O   1 
ATOM   1024 C CB  . TYR A 1 158 ? -11.853 -5.580  -6.901  1.00 19.27 ? 275  TYR A CB  1 
ATOM   1025 C CG  . TYR A 1 158 ? -12.989 -4.915  -7.671  1.00 17.78 ? 275  TYR A CG  1 
ATOM   1026 C CD1 . TYR A 1 158 ? -13.779 -3.957  -7.082  1.00 21.56 ? 275  TYR A CD1 1 
ATOM   1027 C CD2 . TYR A 1 158 ? -13.267 -5.291  -8.981  1.00 20.33 ? 275  TYR A CD2 1 
ATOM   1028 C CE1 . TYR A 1 158 ? -14.790 -3.354  -7.789  1.00 20.65 ? 275  TYR A CE1 1 
ATOM   1029 C CE2 . TYR A 1 158 ? -14.283 -4.699  -9.699  1.00 20.87 ? 275  TYR A CE2 1 
ATOM   1030 C CZ  . TYR A 1 158 ? -15.043 -3.729  -9.088  1.00 22.76 ? 275  TYR A CZ  1 
ATOM   1031 O OH  . TYR A 1 158 ? -16.085 -3.161  -9.840  1.00 24.72 ? 275  TYR A OH  1 
ATOM   1032 N N   A ARG A 1 159 ? -12.909 -8.597  -6.974  0.50 19.48 ? 276  ARG A N   1 
ATOM   1033 N N   B ARG A 1 159 ? -12.903 -8.593  -6.976  0.50 19.69 ? 276  ARG A N   1 
ATOM   1034 C CA  A ARG A 1 159 ? -13.847 -9.574  -7.534  0.50 20.05 ? 276  ARG A CA  1 
ATOM   1035 C CA  B ARG A 1 159 ? -13.834 -9.572  -7.532  0.50 20.41 ? 276  ARG A CA  1 
ATOM   1036 C C   A ARG A 1 159 ? -14.303 -10.659 -6.540  0.50 20.66 ? 276  ARG A C   1 
ATOM   1037 C C   B ARG A 1 159 ? -14.294 -10.661 -6.553  0.50 20.87 ? 276  ARG A C   1 
ATOM   1038 O O   A ARG A 1 159 ? -15.444 -11.135 -6.628  0.50 21.37 ? 276  ARG A O   1 
ATOM   1039 O O   B ARG A 1 159 ? -15.421 -11.157 -6.676  0.50 21.59 ? 276  ARG A O   1 
ATOM   1040 C CB  A ARG A 1 159 ? -13.239 -10.229 -8.785  0.50 19.54 ? 276  ARG A CB  1 
ATOM   1041 C CB  B ARG A 1 159 ? -13.211 -10.250 -8.754  0.50 20.11 ? 276  ARG A CB  1 
ATOM   1042 C CG  A ARG A 1 159 ? -12.986 -9.238  -9.865  0.50 19.88 ? 276  ARG A CG  1 
ATOM   1043 C CG  B ARG A 1 159 ? -12.913 -9.306  -9.839  0.50 21.08 ? 276  ARG A CG  1 
ATOM   1044 C CD  A ARG A 1 159 ? -12.360 -9.821  -11.135 0.50 21.69 ? 276  ARG A CD  1 
ATOM   1045 C CD  B ARG A 1 159 ? -12.606 -10.017 -11.128 0.50 24.00 ? 276  ARG A CD  1 
ATOM   1046 N NE  A ARG A 1 159 ? -13.311 -10.478 -12.051 0.50 22.04 ? 276  ARG A NE  1 
ATOM   1047 N NE  B ARG A 1 159 ? -12.606 -9.073  -12.236 0.50 24.61 ? 276  ARG A NE  1 
ATOM   1048 C CZ  A ARG A 1 159 ? -13.345 -11.793 -12.271 0.50 24.03 ? 276  ARG A CZ  1 
ATOM   1049 C CZ  B ARG A 1 159 ? -11.924 -9.252  -13.360 0.50 27.83 ? 276  ARG A CZ  1 
ATOM   1050 N NH1 A ARG A 1 159 ? -12.504 -12.581 -11.618 0.50 25.23 ? 276  ARG A NH1 1 
ATOM   1051 N NH1 B ARG A 1 159 ? -11.208 -10.364 -13.516 0.50 28.05 ? 276  ARG A NH1 1 
ATOM   1052 N NH2 A ARG A 1 159 ? -14.215 -12.343 -13.124 0.50 24.54 ? 276  ARG A NH2 1 
ATOM   1053 N NH2 B ARG A 1 159 ? -11.968 -8.335  -14.321 0.50 24.79 ? 276  ARG A NH2 1 
ATOM   1054 N N   . GLU A 1 160 ? -13.408 -11.072 -5.632  1.00 20.07 ? 277  GLU A N   1 
ATOM   1055 C CA  . GLU A 1 160 ? -13.628 -12.242 -4.783  1.00 20.75 ? 277  GLU A CA  1 
ATOM   1056 C C   . GLU A 1 160 ? -13.626 -11.994 -3.280  1.00 20.05 ? 277  GLU A C   1 
ATOM   1057 O O   . GLU A 1 160 ? -13.903 -12.917 -2.473  1.00 21.62 ? 277  GLU A O   1 
ATOM   1058 C CB  . GLU A 1 160 ? -12.620 -13.352 -5.147  1.00 20.29 ? 277  GLU A CB  1 
ATOM   1059 C CG  . GLU A 1 160 ? -12.513 -13.552 -6.630  1.00 23.25 ? 277  GLU A CG  1 
ATOM   1060 C CD  . GLU A 1 160 ? -12.007 -14.911 -7.090  1.00 28.34 ? 277  GLU A CD  1 
ATOM   1061 O OE1 . GLU A 1 160 ? -12.202 -15.939 -6.403  1.00 34.02 ? 277  GLU A OE1 1 
ATOM   1062 O OE2 . GLU A 1 160 ? -11.411 -14.930 -8.198  1.00 32.29 ? 277  GLU A OE2 1 
ATOM   1063 N N   . GLY A 1 161 ? -13.405 -10.730 -2.906  1.00 20.41 ? 278  GLY A N   1 
ATOM   1064 C CA  . GLY A 1 161 ? -13.438 -10.248 -1.519  1.00 20.15 ? 278  GLY A CA  1 
ATOM   1065 C C   . GLY A 1 161 ? -12.057 -9.862  -0.997  1.00 20.02 ? 278  GLY A C   1 
ATOM   1066 O O   . GLY A 1 161 ? -11.063 -10.562 -1.240  1.00 19.78 ? 278  GLY A O   1 
ATOM   1067 N N   . PHE A 1 162 ? -11.970 -8.756  -0.271  1.00 20.63 ? 279  PHE A N   1 
ATOM   1068 C CA  . PHE A 1 162 ? -10.672 -8.319  0.244   1.00 19.97 ? 279  PHE A CA  1 
ATOM   1069 C C   . PHE A 1 162 ? -10.113 -9.258  1.320   1.00 19.74 ? 279  PHE A C   1 
ATOM   1070 O O   . PHE A 1 162 ? -8.908  -9.287  1.535   1.00 17.87 ? 279  PHE A O   1 
ATOM   1071 C CB  . PHE A 1 162 ? -10.692 -6.885  0.747   1.00 19.79 ? 279  PHE A CB  1 
ATOM   1072 C CG  . PHE A 1 162 ? -10.923 -5.847  -0.329  1.00 20.61 ? 279  PHE A CG  1 
ATOM   1073 C CD1 . PHE A 1 162 ? -10.068 -5.757  -1.447  1.00 24.02 ? 279  PHE A CD1 1 
ATOM   1074 C CD2 . PHE A 1 162 ? -11.958 -4.929  -0.195  1.00 25.59 ? 279  PHE A CD2 1 
ATOM   1075 C CE1 . PHE A 1 162 ? -10.295 -4.791  -2.442  1.00 27.50 ? 279  PHE A CE1 1 
ATOM   1076 C CE2 . PHE A 1 162 ? -12.188 -3.965  -1.172  1.00 29.69 ? 279  PHE A CE2 1 
ATOM   1077 C CZ  . PHE A 1 162 ? -11.354 -3.887  -2.284  1.00 29.25 ? 279  PHE A CZ  1 
ATOM   1078 N N   . ASP A 1 163 ? -10.958 -10.091 1.925   1.00 20.48 ? 280  ASP A N   1 
ATOM   1079 C CA  . ASP A 1 163 ? -10.505 -11.056 2.873   1.00 20.78 ? 280  ASP A CA  1 
ATOM   1080 C C   . ASP A 1 163 ? -9.521  -12.036 2.226   1.00 21.50 ? 280  ASP A C   1 
ATOM   1081 O O   . ASP A 1 163 ? -8.707  -12.645 2.918   1.00 22.34 ? 280  ASP A O   1 
ATOM   1082 C CB  . ASP A 1 163 ? -11.699 -11.797 3.482   1.00 21.90 ? 280  ASP A CB  1 
ATOM   1083 C CG  . ASP A 1 163 ? -12.512 -12.516 2.440   1.00 26.52 ? 280  ASP A CG  1 
ATOM   1084 O OD1 . ASP A 1 163 ? -13.247 -11.843 1.694   1.00 32.19 ? 280  ASP A OD1 1 
ATOM   1085 O OD2 . ASP A 1 163 ? -12.351 -13.743 2.333   1.00 32.96 ? 280  ASP A OD2 1 
ATOM   1086 N N   . LYS A 1 164 ? -9.606  -12.180 0.904   1.00 20.59 ? 281  LYS A N   1 
ATOM   1087 C CA  . LYS A 1 164 ? -8.695  -13.096 0.180   1.00 21.91 ? 281  LYS A CA  1 
ATOM   1088 C C   . LYS A 1 164 ? -7.232  -12.593 0.177   1.00 19.44 ? 281  LYS A C   1 
ATOM   1089 O O   . LYS A 1 164 ? -6.309  -13.376 0.091   1.00 21.69 ? 281  LYS A O   1 
ATOM   1090 C CB  . LYS A 1 164 ? -9.084  -13.298 -1.270  1.00 21.98 ? 281  LYS A CB  1 
ATOM   1091 C CG  . LYS A 1 164 ? -10.463 -13.842 -1.602  1.00 26.55 ? 281  LYS A CG  1 
ATOM   1092 C CD  . LYS A 1 164 ? -10.722 -15.157 -1.044  1.00 31.16 ? 281  LYS A CD  1 
ATOM   1093 C CE  . LYS A 1 164 ? -11.745 -15.871 -1.905  1.00 34.55 ? 281  LYS A CE  1 
ATOM   1094 N NZ  . LYS A 1 164 ? -11.891 -17.273 -1.435  1.00 38.12 ? 281  LYS A NZ  1 
ATOM   1095 N N   . ILE A 1 165 ? -7.034  -11.291 0.242   1.00 19.22 ? 282  ILE A N   1 
ATOM   1096 C CA  . ILE A 1 165 ? -5.726  -10.698 0.041   1.00 17.99 ? 282  ILE A CA  1 
ATOM   1097 C C   . ILE A 1 165 ? -5.209  -9.951  1.254   1.00 18.44 ? 282  ILE A C   1 
ATOM   1098 O O   . ILE A 1 165 ? -4.024  -9.666  1.346   1.00 17.61 ? 282  ILE A O   1 
ATOM   1099 C CB  . ILE A 1 165 ? -5.676  -9.771  -1.194  1.00 17.11 ? 282  ILE A CB  1 
ATOM   1100 C CG1 . ILE A 1 165 ? -6.511  -8.487  -1.062  1.00 17.86 ? 282  ILE A CG1 1 
ATOM   1101 C CG2 . ILE A 1 165 ? -6.119  -10.569 -2.468  1.00 19.52 ? 282  ILE A CG2 1 
ATOM   1102 C CD1 . ILE A 1 165 ? -6.414  -7.484  -2.256  1.00 17.19 ? 282  ILE A CD1 1 
ATOM   1103 N N   . ASP A 1 166 ? -6.085  -9.545  2.168   1.00 17.50 ? 283  ASP A N   1 
ATOM   1104 C CA  . ASP A 1 166 ? -5.607  -8.625  3.200   1.00 18.31 ? 283  ASP A CA  1 
ATOM   1105 C C   . ASP A 1 166 ? -4.729  -9.317  4.280   1.00 17.81 ? 283  ASP A C   1 
ATOM   1106 O O   . ASP A 1 166 ? -5.082  -10.400 4.814   1.00 18.75 ? 283  ASP A O   1 
ATOM   1107 C CB  . ASP A 1 166 ? -6.820  -8.012  3.922   1.00 19.00 ? 283  ASP A CB  1 
ATOM   1108 C CG  . ASP A 1 166 ? -7.518  -6.905  3.154   1.00 20.39 ? 283  ASP A CG  1 
ATOM   1109 O OD1 . ASP A 1 166 ? -6.944  -6.348  2.192   1.00 19.89 ? 283  ASP A OD1 1 
ATOM   1110 O OD2 . ASP A 1 166 ? -8.650  -6.546  3.568   1.00 20.38 ? 283  ASP A OD2 1 
ATOM   1111 N N   . LEU A 1 167 ? -3.644  -8.641  4.632   1.00 18.45 ? 284  LEU A N   1 
ATOM   1112 C CA  A LEU A 1 167 ? -2.853  -9.152  5.749   0.57 18.72 ? 284  LEU A CA  1 
ATOM   1113 C CA  B LEU A 1 167 ? -2.636  -8.947  5.681   0.43 18.60 ? 284  LEU A CA  1 
ATOM   1114 C C   . LEU A 1 167 ? -2.843  -8.009  6.833   1.00 18.39 ? 284  LEU A C   1 
ATOM   1115 O O   . LEU A 1 167 ? -3.183  -6.845  6.574   1.00 17.84 ? 284  LEU A O   1 
ATOM   1116 C CB  A LEU A 1 167 ? -1.387  -9.312  5.267   0.57 18.09 ? 284  LEU A CB  1 
ATOM   1117 C CB  B LEU A 1 167 ? -1.195  -9.049  5.239   0.43 18.25 ? 284  LEU A CB  1 
ATOM   1118 C CG  A LEU A 1 167 ? -1.165  -10.119 3.985   0.57 19.06 ? 284  LEU A CG  1 
ATOM   1119 C CG  B LEU A 1 167 ? -0.742  -10.358 4.591   0.43 18.45 ? 284  LEU A CG  1 
ATOM   1120 C CD1 A LEU A 1 167 ? 0.249   -9.966  3.437   0.57 18.35 ? 284  LEU A CD1 1 
ATOM   1121 C CD1 B LEU A 1 167 ? -1.453  -10.476 3.265   0.43 18.67 ? 284  LEU A CD1 1 
ATOM   1122 C CD2 A LEU A 1 167 ? -1.539  -11.567 4.294   0.57 19.59 ? 284  LEU A CD2 1 
ATOM   1123 C CD2 B LEU A 1 167 ? 0.785   -10.386 4.413   0.43 20.26 ? 284  LEU A CD2 1 
ATOM   1124 N N   . THR A 1 168 ? -2.578  -8.512  8.047   1.00 20.02 ? 285  THR A N   1 
ATOM   1125 C CA  A THR A 1 168 ? -2.389  -7.535  9.136   0.52 20.05 ? 285  THR A CA  1 
ATOM   1126 C CA  B THR A 1 168 ? -2.403  -7.523  9.131   0.48 20.73 ? 285  THR A CA  1 
ATOM   1127 C C   . THR A 1 168 ? -0.904  -7.411  9.529   1.00 19.50 ? 285  THR A C   1 
ATOM   1128 O O   . THR A 1 168 ? -0.065  -8.296  9.214   1.00 19.56 ? 285  THR A O   1 
ATOM   1129 C CB  A THR A 1 168 ? -3.219  -8.007  10.358  0.52 19.77 ? 285  THR A CB  1 
ATOM   1130 C CB  B THR A 1 168 ? -3.187  -8.001  10.369  0.48 20.73 ? 285  THR A CB  1 
ATOM   1131 O OG1 A THR A 1 168 ? -2.946  -9.391  10.671  0.52 19.84 ? 285  THR A OG1 1 
ATOM   1132 O OG1 B THR A 1 168 ? -3.343  -6.910  11.294  0.48 25.53 ? 285  THR A OG1 1 
ATOM   1133 C CG2 A THR A 1 168 ? -4.652  -7.822  10.055  0.52 20.01 ? 285  THR A CG2 1 
ATOM   1134 C CG2 B THR A 1 168 ? -2.437  -9.168  11.055  0.48 20.43 ? 285  THR A CG2 1 
ATOM   1135 N N   . VAL A 1 169 ? -0.561  -6.319  10.240  1.00 19.59 ? 286  VAL A N   1 
ATOM   1136 C CA  . VAL A 1 169 ? 0.737   -6.163  10.872  1.00 20.14 ? 286  VAL A CA  1 
ATOM   1137 C C   . VAL A 1 169 ? 0.427   -5.839  12.337  1.00 20.40 ? 286  VAL A C   1 
ATOM   1138 O O   . VAL A 1 169 ? -0.490  -5.054  12.615  1.00 21.26 ? 286  VAL A O   1 
ATOM   1139 C CB  . VAL A 1 169 ? 1.587   -5.041  10.241  1.00 19.79 ? 286  VAL A CB  1 
ATOM   1140 C CG1 . VAL A 1 169 ? 0.807   -3.713  10.149  1.00 23.47 ? 286  VAL A CG1 1 
ATOM   1141 C CG2 . VAL A 1 169 ? 2.915   -4.934  10.980  1.00 21.79 ? 286  VAL A CG2 1 
ATOM   1142 N N   . GLU A 1 170 ? 1.151   -6.494  13.238  1.00 21.39 ? 287  GLU A N   1 
ATOM   1143 C CA  . GLU A 1 170 ? 0.977   -6.248  14.681  1.00 23.26 ? 287  GLU A CA  1 
ATOM   1144 C C   . GLU A 1 170 ? 2.318   -6.309  15.364  1.00 23.50 ? 287  GLU A C   1 
ATOM   1145 O O   . GLU A 1 170 ? 3.210   -7.029  14.955  1.00 22.34 ? 287  GLU A O   1 
ATOM   1146 C CB  . GLU A 1 170 ? 0.056   -7.288  15.261  1.00 23.80 ? 287  GLU A CB  1 
ATOM   1147 C CG  . GLU A 1 170 ? -0.281  -7.086  16.695  1.00 30.76 ? 287  GLU A CG  1 
ATOM   1148 C CD  . GLU A 1 170 ? -1.290  -8.085  17.178  1.00 36.84 ? 287  GLU A CD  1 
ATOM   1149 O OE1 . GLU A 1 170 ? -1.751  -8.921  16.347  1.00 40.05 ? 287  GLU A OE1 1 
ATOM   1150 O OE2 . GLU A 1 170 ? -1.622  -8.018  18.386  1.00 37.97 ? 287  GLU A OE2 1 
ATOM   1151 N N   . GLU A 1 171 ? 2.465   -5.542  16.444  1.00 23.84 ? 288  GLU A N   1 
ATOM   1152 C CA  . GLU A 1 171 ? 3.661   -5.633  17.234  1.00 24.02 ? 288  GLU A CA  1 
ATOM   1153 C C   . GLU A 1 171 ? 3.491   -6.739  18.303  1.00 22.45 ? 288  GLU A C   1 
ATOM   1154 O O   . GLU A 1 171 ? 2.438   -6.828  18.929  1.00 23.42 ? 288  GLU A O   1 
ATOM   1155 C CB  . GLU A 1 171 ? 3.956   -4.274  17.905  1.00 24.75 ? 288  GLU A CB  1 
ATOM   1156 C CG  . GLU A 1 171 ? 5.214   -4.297  18.743  1.00 30.02 ? 288  GLU A CG  1 
ATOM   1157 C CD  . GLU A 1 171 ? 5.611   -2.909  19.203  1.00 35.48 ? 288  GLU A CD  1 
ATOM   1158 O OE1 . GLU A 1 171 ? 5.095   -2.459  20.241  1.00 37.99 ? 288  GLU A OE1 1 
ATOM   1159 O OE2 . GLU A 1 171 ? 6.440   -2.287  18.526  1.00 39.51 ? 288  GLU A OE2 1 
ATOM   1160 N N   . LEU A 1 172 ? 4.540   -7.584  18.353  1.00 21.84 ? 289  LEU A N   1 
ATOM   1161 C CA  A LEU A 1 172 ? 4.514   -8.649  19.381  0.58 21.61 ? 289  LEU A CA  1 
ATOM   1162 C CA  B LEU A 1 172 ? 4.525   -8.629  19.391  0.42 21.15 ? 289  LEU A CA  1 
ATOM   1163 C C   . LEU A 1 172 ? 5.880   -8.599  20.103  1.00 20.95 ? 289  LEU A C   1 
ATOM   1164 O O   . LEU A 1 172 ? 6.912   -8.283  19.499  1.00 20.82 ? 289  LEU A O   1 
ATOM   1165 C CB  A LEU A 1 172 ? 4.349   -10.034 18.758  0.58 21.81 ? 289  LEU A CB  1 
ATOM   1166 C CB  B LEU A 1 172 ? 4.372   -10.008 18.755  0.42 21.00 ? 289  LEU A CB  1 
ATOM   1167 C CG  A LEU A 1 172 ? 2.914   -10.534 18.569  0.58 22.02 ? 289  LEU A CG  1 
ATOM   1168 C CG  B LEU A 1 172 ? 2.974   -10.373 18.273  0.42 19.33 ? 289  LEU A CG  1 
ATOM   1169 C CD1 A LEU A 1 172 ? 2.250   -9.879  17.375  0.58 23.63 ? 289  LEU A CD1 1 
ATOM   1170 C CD1 B LEU A 1 172 ? 3.002   -11.686 17.515  0.42 19.61 ? 289  LEU A CD1 1 
ATOM   1171 C CD2 A LEU A 1 172 ? 2.861   -12.060 18.445  0.58 24.03 ? 289  LEU A CD2 1 
ATOM   1172 C CD2 B LEU A 1 172 ? 2.030   -10.445 19.471  0.42 19.81 ? 289  LEU A CD2 1 
ATOM   1173 N N   . PRO A 1 173 ? 5.909   -8.967  21.392  1.00 20.05 ? 290  PRO A N   1 
ATOM   1174 C CA  . PRO A 1 173 ? 7.154   -8.904  22.142  1.00 20.74 ? 290  PRO A CA  1 
ATOM   1175 C C   . PRO A 1 173 ? 8.065   -10.095 21.932  1.00 20.37 ? 290  PRO A C   1 
ATOM   1176 O O   . PRO A 1 173 ? 7.579   -11.219 21.733  1.00 21.90 ? 290  PRO A O   1 
ATOM   1177 C CB  . PRO A 1 173 ? 6.647   -8.862  23.596  1.00 21.21 ? 290  PRO A CB  1 
ATOM   1178 C CG  . PRO A 1 173 ? 5.380   -9.679  23.556  1.00 20.23 ? 290  PRO A CG  1 
ATOM   1179 C CD  . PRO A 1 173 ? 4.764   -9.378  22.210  1.00 19.79 ? 290  PRO A CD  1 
ATOM   1180 N N   . ALA A 1 174 ? 9.372   -9.897  22.068  1.00 22.45 ? 291  ALA A N   1 
ATOM   1181 C CA  . ALA A 1 174 ? 10.345  -10.971 22.178  1.00 22.05 ? 291  ALA A CA  1 
ATOM   1182 C C   . ALA A 1 174 ? 10.229  -11.574 23.572  1.00 21.86 ? 291  ALA A C   1 
ATOM   1183 O O   . ALA A 1 174 ? 9.604   -10.986 24.465  1.00 22.04 ? 291  ALA A O   1 
ATOM   1184 C CB  . ALA A 1 174 ? 11.744  -10.454 21.978  1.00 23.35 ? 291  ALA A CB  1 
ATOM   1185 N N   . VAL A 1 175 ? 10.825  -12.726 23.719  1.00 22.49 ? 292  VAL A N   1 
ATOM   1186 C CA  . VAL A 1 175 ? 10.897  -13.400 25.013  1.00 22.56 ? 292  VAL A CA  1 
ATOM   1187 C C   . VAL A 1 175 ? 12.341  -13.354 25.520  1.00 24.82 ? 292  VAL A C   1 
ATOM   1188 O O   . VAL A 1 175 ? 12.533  -13.012 26.683  1.00 26.58 ? 292  VAL A O   1 
ATOM   1189 C CB  . VAL A 1 175 ? 10.327  -14.847 25.002  1.00 23.08 ? 292  VAL A CB  1 
ATOM   1190 C CG1 . VAL A 1 175 ? 10.505  -15.465 26.393  1.00 23.28 ? 292  VAL A CG1 1 
ATOM   1191 C CG2 . VAL A 1 175 ? 8.848   -14.789 24.625  1.00 22.83 ? 292  VAL A CG2 1 
ATOM   1192 N N   . TYR A 1 176 ? 13.335  -13.659 24.669  1.00 26.25 ? 293  TYR A N   1 
ATOM   1193 C CA  . TYR A 1 176 ? 14.750  -13.765 25.093  1.00 28.09 ? 293  TYR A CA  1 
ATOM   1194 C C   . TYR A 1 176 ? 15.312  -12.420 25.497  1.00 27.49 ? 293  TYR A C   1 
ATOM   1195 O O   . TYR A 1 176 ? 16.178  -12.355 26.367  1.00 28.13 ? 293  TYR A O   1 
ATOM   1196 C CB  . TYR A 1 176 ? 15.631  -14.313 23.963  1.00 29.32 ? 293  TYR A CB  1 
ATOM   1197 C CG  . TYR A 1 176 ? 17.065  -14.677 24.328  1.00 33.30 ? 293  TYR A CG  1 
ATOM   1198 C CD1 . TYR A 1 176 ? 17.343  -15.516 25.402  1.00 37.80 ? 293  TYR A CD1 1 
ATOM   1199 C CD2 . TYR A 1 176 ? 18.137  -14.234 23.549  1.00 39.79 ? 293  TYR A CD2 1 
ATOM   1200 C CE1 . TYR A 1 176 ? 18.671  -15.866 25.738  1.00 41.56 ? 293  TYR A CE1 1 
ATOM   1201 C CE2 . TYR A 1 176 ? 19.466  -14.585 23.870  1.00 42.60 ? 293  TYR A CE2 1 
ATOM   1202 C CZ  . TYR A 1 176 ? 19.723  -15.402 24.962  1.00 43.14 ? 293  TYR A CZ  1 
ATOM   1203 O OH  . TYR A 1 176 ? 21.030  -15.760 25.277  1.00 46.56 ? 293  TYR A OH  1 
ATOM   1204 N N   . THR A 1 177 ? 14.844  -11.357 24.860  1.00 27.24 ? 294  THR A N   1 
ATOM   1205 C CA  . THR A 1 177 ? 15.345  -10.008 25.124  1.00 27.09 ? 294  THR A CA  1 
ATOM   1206 C C   . THR A 1 177 ? 14.190  -9.060  25.255  1.00 26.14 ? 294  THR A C   1 
ATOM   1207 O O   . THR A 1 177 ? 13.043  -9.457  25.116  1.00 26.98 ? 294  THR A O   1 
ATOM   1208 C CB  . THR A 1 177 ? 16.220  -9.518  23.950  1.00 26.79 ? 294  THR A CB  1 
ATOM   1209 O OG1 . THR A 1 177 ? 15.375  -9.252  22.802  1.00 28.60 ? 294  THR A OG1 1 
ATOM   1210 C CG2 . THR A 1 177 ? 17.286  -10.558 23.622  1.00 30.11 ? 294  THR A CG2 1 
ATOM   1211 N N   . GLY A 1 178 ? 14.473  -7.782  25.519  1.00 24.93 ? 295  GLY A N   1 
ATOM   1212 C CA  . GLY A 1 178 ? 13.450  -6.759  25.584  1.00 25.21 ? 295  GLY A CA  1 
ATOM   1213 C C   . GLY A 1 178 ? 12.957  -6.185  24.265  1.00 25.61 ? 295  GLY A C   1 
ATOM   1214 O O   . GLY A 1 178 ? 12.213  -5.186  24.235  1.00 26.27 ? 295  GLY A O   1 
ATOM   1215 N N   . LEU A 1 179 ? 13.366  -6.809  23.170  1.00 26.03 ? 296  LEU A N   1 
ATOM   1216 C CA  . LEU A 1 179 ? 13.013  -6.305  21.839  1.00 28.20 ? 296  LEU A CA  1 
ATOM   1217 C C   . LEU A 1 179 ? 11.552  -6.560  21.492  1.00 26.42 ? 296  LEU A C   1 
ATOM   1218 O O   . LEU A 1 179 ? 10.874  -7.345  22.157  1.00 23.87 ? 296  LEU A O   1 
ATOM   1219 C CB  . LEU A 1 179 ? 13.867  -6.969  20.766  1.00 30.10 ? 296  LEU A CB  1 
ATOM   1220 C CG  . LEU A 1 179 ? 15.378  -6.729  20.843  1.00 36.29 ? 296  LEU A CG  1 
ATOM   1221 C CD1 . LEU A 1 179 ? 16.003  -7.420  19.660  1.00 39.92 ? 296  LEU A CD1 1 
ATOM   1222 C CD2 . LEU A 1 179 ? 15.769  -5.234  20.925  1.00 39.06 ? 296  LEU A CD2 1 
ATOM   1223 N N   . PHE A 1 180 ? 11.109  -5.890  20.429  1.00 25.29 ? 297  PHE A N   1 
ATOM   1224 C CA  . PHE A 1 180 ? 9.800   -6.077  19.852  1.00 24.77 ? 297  PHE A CA  1 
ATOM   1225 C C   . PHE A 1 180 ? 9.958   -6.421  18.384  1.00 25.55 ? 297  PHE A C   1 
ATOM   1226 O O   . PHE A 1 180 ? 10.960  -6.068  17.748  1.00 26.67 ? 297  PHE A O   1 
ATOM   1227 C CB  . PHE A 1 180 ? 8.998   -4.817  19.941  1.00 25.05 ? 297  PHE A CB  1 
ATOM   1228 C CG  . PHE A 1 180 ? 8.578   -4.418  21.358  1.00 26.79 ? 297  PHE A CG  1 
ATOM   1229 C CD1 . PHE A 1 180 ? 7.406   -4.924  21.930  1.00 25.64 ? 297  PHE A CD1 1 
ATOM   1230 C CD2 . PHE A 1 180 ? 9.308   -3.466  22.078  1.00 30.14 ? 297  PHE A CD2 1 
ATOM   1231 C CE1 . PHE A 1 180 ? 6.997   -4.533  23.209  1.00 26.89 ? 297  PHE A CE1 1 
ATOM   1232 C CE2 . PHE A 1 180 ? 8.909   -3.083  23.363  1.00 29.99 ? 297  PHE A CE2 1 
ATOM   1233 C CZ  . PHE A 1 180 ? 7.761   -3.593  23.916  1.00 29.67 ? 297  PHE A CZ  1 
ATOM   1234 N N   . TYR A 1 181 ? 8.965   -7.138  17.876  1.00 24.19 ? 298  TYR A N   1 
ATOM   1235 C CA  . TYR A 1 181 ? 8.908   -7.444  16.465  1.00 22.93 ? 298  TYR A CA  1 
ATOM   1236 C C   . TYR A 1 181 ? 7.635   -6.914  15.864  1.00 22.98 ? 298  TYR A C   1 
ATOM   1237 O O   . TYR A 1 181 ? 6.632   -6.681  16.539  1.00 24.20 ? 298  TYR A O   1 
ATOM   1238 C CB  . TYR A 1 181 ? 8.903   -8.952  16.277  1.00 22.49 ? 298  TYR A CB  1 
ATOM   1239 C CG  . TYR A 1 181 ? 10.077  -9.725  16.801  1.00 21.87 ? 298  TYR A CG  1 
ATOM   1240 C CD1 . TYR A 1 181 ? 11.255  -9.780  16.106  1.00 24.58 ? 298  TYR A CD1 1 
ATOM   1241 C CD2 . TYR A 1 181 ? 9.974   -10.473 17.980  1.00 24.57 ? 298  TYR A CD2 1 
ATOM   1242 C CE1 . TYR A 1 181 ? 12.335  -10.538 16.554  1.00 27.12 ? 298  TYR A CE1 1 
ATOM   1243 C CE2 . TYR A 1 181 ? 11.048  -11.219 18.459  1.00 25.12 ? 298  TYR A CE2 1 
ATOM   1244 C CZ  . TYR A 1 181 ? 12.228  -11.255 17.746  1.00 27.91 ? 298  TYR A CZ  1 
ATOM   1245 O OH  . TYR A 1 181 ? 13.275  -12.037 18.202  1.00 27.19 ? 298  TYR A OH  1 
ATOM   1246 N N   . LYS A 1 182 ? 7.654   -6.782  14.544  1.00 23.23 ? 299  LYS A N   1 
ATOM   1247 C CA  . LYS A 1 182 ? 6.426   -6.640  13.791  1.00 23.66 ? 299  LYS A CA  1 
ATOM   1248 C C   . LYS A 1 182 ? 6.180   -7.963  13.102  1.00 21.63 ? 299  LYS A C   1 
ATOM   1249 O O   . LYS A 1 182 ? 7.094   -8.505  12.543  1.00 23.93 ? 299  LYS A O   1 
ATOM   1250 C CB  . LYS A 1 182 ? 6.569   -5.584  12.709  1.00 24.34 ? 299  LYS A CB  1 
ATOM   1251 C CG  . LYS A 1 182 ? 6.878   -4.221  13.213  1.00 29.64 ? 299  LYS A CG  1 
ATOM   1252 C CD  . LYS A 1 182 ? 5.740   -3.702  13.945  1.00 34.14 ? 299  LYS A CD  1 
ATOM   1253 C CE  . LYS A 1 182 ? 5.500   -2.244  13.606  1.00 39.18 ? 299  LYS A CE  1 
ATOM   1254 N NZ  . LYS A 1 182 ? 6.692   -1.420  13.923  1.00 42.86 ? 299  LYS A NZ  1 
ATOM   1255 N N   . LEU A 1 183 ? 4.949   -8.452  13.166  1.00 20.67 ? 300  LEU A N   1 
ATOM   1256 C CA  . LEU A 1 183 ? 4.545   -9.739  12.564  1.00 19.04 ? 300  LEU A CA  1 
ATOM   1257 C C   . LEU A 1 183 ? 3.409   -9.487  11.576  1.00 17.35 ? 300  LEU A C   1 
ATOM   1258 O O   . LEU A 1 183 ? 2.390   -8.865  11.884  1.00 18.13 ? 300  LEU A O   1 
ATOM   1259 C CB  . LEU A 1 183 ? 4.105   -10.703 13.638  1.00 19.39 ? 300  LEU A CB  1 
ATOM   1260 C CG  . LEU A 1 183 ? 4.090   -12.166 13.243  1.00 18.67 ? 300  LEU A CG  1 
ATOM   1261 C CD1 . LEU A 1 183 ? 5.490   -12.737 13.080  1.00 19.82 ? 300  LEU A CD1 1 
ATOM   1262 C CD2 . LEU A 1 183 ? 3.251   -13.021 14.229  1.00 19.83 ? 300  LEU A CD2 1 
ATOM   1263 N N   . TYR A 1 184 ? 3.659   -9.965  10.357  1.00 18.59 ? 301  TYR A N   1 
ATOM   1264 C CA  . TYR A 1 184 ? 2.761   -9.803  9.209   1.00 18.22 ? 301  TYR A CA  1 
ATOM   1265 C C   . TYR A 1 184 ? 2.190   -11.174 8.882   1.00 18.29 ? 301  TYR A C   1 
ATOM   1266 O O   . TYR A 1 184 ? 2.940   -12.154 8.811   1.00 17.77 ? 301  TYR A O   1 
ATOM   1267 C CB  . TYR A 1 184 ? 3.528   -9.329  7.972   1.00 17.83 ? 301  TYR A CB  1 
ATOM   1268 C CG  . TYR A 1 184 ? 4.177   -7.952  8.115   1.00 18.86 ? 301  TYR A CG  1 
ATOM   1269 C CD1 . TYR A 1 184 ? 3.555   -6.816  7.633   1.00 21.84 ? 301  TYR A CD1 1 
ATOM   1270 C CD2 . TYR A 1 184 ? 5.399   -7.810  8.795   1.00 19.35 ? 301  TYR A CD2 1 
ATOM   1271 C CE1 . TYR A 1 184 ? 4.111   -5.573  7.816   1.00 24.07 ? 301  TYR A CE1 1 
ATOM   1272 C CE2 . TYR A 1 184 ? 5.964   -6.570  8.960   1.00 21.19 ? 301  TYR A CE2 1 
ATOM   1273 C CZ  . TYR A 1 184 ? 5.328   -5.466  8.455   1.00 22.65 ? 301  TYR A CZ  1 
ATOM   1274 O OH  . TYR A 1 184 ? 5.873   -4.199  8.616   1.00 25.08 ? 301  TYR A OH  1 
ATOM   1275 N N   . HIS A 1 185 ? 0.883   -11.261 8.741   1.00 18.94 ? 302  HIS A N   1 
ATOM   1276 C CA  . HIS A 1 185 ? 0.215   -12.537 8.420   1.00 19.11 ? 302  HIS A CA  1 
ATOM   1277 C C   . HIS A 1 185 ? -1.214  -12.275 8.035   1.00 20.25 ? 302  HIS A C   1 
ATOM   1278 O O   . HIS A 1 185 ? -1.720  -11.164 8.185   1.00 19.18 ? 302  HIS A O   1 
ATOM   1279 C CB  . HIS A 1 185 ? 0.274   -13.560 9.595   1.00 19.40 ? 302  HIS A CB  1 
ATOM   1280 C CG  . HIS A 1 185 ? -0.319  -13.062 10.872  1.00 18.50 ? 302  HIS A CG  1 
ATOM   1281 N ND1 . HIS A 1 185 ? -1.679  -12.903 11.069  1.00 20.41 ? 302  HIS A ND1 1 
ATOM   1282 C CD2 . HIS A 1 185 ? 0.280   -12.616 12.003  1.00 22.78 ? 302  HIS A CD2 1 
ATOM   1283 C CE1 . HIS A 1 185 ? -1.885  -12.427 12.295  1.00 21.42 ? 302  HIS A CE1 1 
ATOM   1284 N NE2 . HIS A 1 185 ? -0.717  -12.195 12.864  1.00 21.33 ? 302  HIS A NE2 1 
ATOM   1285 N N   . LYS A 1 186 ? -1.898  -13.279 7.480   1.00 22.83 ? 303  LYS A N   1 
ATOM   1286 C CA  . LYS A 1 186 ? -3.303  -13.143 7.158   1.00 26.11 ? 303  LYS A CA  1 
ATOM   1287 C C   . LYS A 1 186 ? -4.079  -12.803 8.381   1.00 26.74 ? 303  LYS A C   1 
ATOM   1288 O O   . LYS A 1 186 ? -3.818  -13.240 9.494   1.00 25.34 ? 303  LYS A O   1 
ATOM   1289 C CB  . LYS A 1 186 ? -3.891  -14.427 6.530   1.00 27.49 ? 303  LYS A CB  1 
ATOM   1290 C CG  . LYS A 1 186 ? -5.338  -14.736 7.012   1.00 32.60 ? 303  LYS A CG  1 
ATOM   1291 C CD  . LYS A 1 186 ? -6.370  -13.822 6.363   1.00 36.09 ? 303  LYS A CD  1 
ATOM   1292 C CE  . LYS A 1 186 ? -7.724  -14.483 6.217   1.00 37.92 ? 303  LYS A CE  1 
ATOM   1293 N NZ  . LYS A 1 186 ? -8.741  -13.964 7.123   1.00 40.38 ? 303  LYS A NZ  1 
ATOM   1294 N N   . GLU A 1 187 ? -5.077  -11.964 8.178   1.00 30.35 ? 304  GLU A N   1 
ATOM   1295 C CA  . GLU A 1 187 ? -5.882  -11.579 9.289   1.00 31.48 ? 304  GLU A CA  1 
ATOM   1296 C C   . GLU A 1 187 ? -6.536  -12.777 9.948   1.00 31.36 ? 304  GLU A C   1 
ATOM   1297 O O   . GLU A 1 187 ? -7.184  -13.584 9.303   1.00 31.64 ? 304  GLU A O   1 
ATOM   1298 C CB  . GLU A 1 187 ? -6.974  -10.603 8.858   1.00 32.98 ? 304  GLU A CB  1 
ATOM   1299 C CG  . GLU A 1 187 ? -7.775  -10.159 10.014  1.00 36.27 ? 304  GLU A CG  1 
ATOM   1300 C CD  . GLU A 1 187 ? -8.774  -9.064  9.669   1.00 41.08 ? 304  GLU A CD  1 
ATOM   1301 O OE1 . GLU A 1 187 ? -8.678  -8.457  8.570   1.00 44.03 ? 304  GLU A OE1 1 
ATOM   1302 O OE2 . GLU A 1 187 ? -9.661  -8.827  10.514  1.00 44.59 ? 304  GLU A OE2 1 
ATOM   1303 N N   . LEU A 1 188 ? -6.386  -12.824 11.244  1.00 29.66 ? 305  LEU A N   1 
ATOM   1304 C CA  . LEU A 1 188 ? -6.808  -13.902 12.055  1.00 29.68 ? 305  LEU A CA  1 
ATOM   1305 C C   . LEU A 1 188 ? -8.077  -13.484 12.813  1.00 30.71 ? 305  LEU A C   1 
ATOM   1306 O O   . LEU A 1 188 ? -8.089  -12.463 13.514  1.00 31.73 ? 305  LEU A O   1 
ATOM   1307 C CB  . LEU A 1 188 ? -5.608  -14.253 12.949  1.00 29.45 ? 305  LEU A CB  1 
ATOM   1308 C CG  . LEU A 1 188 ? -5.810  -15.472 13.841  1.00 26.37 ? 305  LEU A CG  1 
ATOM   1309 C CD1 . LEU A 1 188 ? -5.983  -16.768 12.979  1.00 25.60 ? 305  LEU A CD1 1 
ATOM   1310 C CD2 . LEU A 1 188 ? -4.716  -15.687 14.808  1.00 27.78 ? 305  LEU A CD2 1 
ATOM   1311 N N   . PRO A 1 189 ? -9.176  -14.219 12.638  1.00 31.79 ? 306  PRO A N   1 
ATOM   1312 C CA  . PRO A 1 189 ? -10.387 -13.765 13.326  1.00 33.55 ? 306  PRO A CA  1 
ATOM   1313 C C   . PRO A 1 189 ? -10.185 -13.693 14.853  1.00 35.23 ? 306  PRO A C   1 
ATOM   1314 O O   . PRO A 1 189 ? -9.413  -14.474 15.407  1.00 34.52 ? 306  PRO A O   1 
ATOM   1315 C CB  . PRO A 1 189 ? -11.434 -14.803 12.950  1.00 33.46 ? 306  PRO A CB  1 
ATOM   1316 C CG  . PRO A 1 189 ? -10.940 -15.447 11.694  1.00 34.14 ? 306  PRO A CG  1 
ATOM   1317 C CD  . PRO A 1 189 ? -9.425  -15.352 11.724  1.00 31.41 ? 306  PRO A CD  1 
ATOM   1318 N N   . GLU A 1 190 ? -10.846 -12.726 15.498  1.00 37.47 ? 307  GLU A N   1 
ATOM   1319 C CA  . GLU A 1 190 ? -10.677 -12.446 16.937  1.00 39.61 ? 307  GLU A CA  1 
ATOM   1320 C C   . GLU A 1 190 ? -10.833 -13.679 17.838  1.00 39.73 ? 307  GLU A C   1 
ATOM   1321 O O   . GLU A 1 190 ? -10.024 -13.858 18.749  1.00 40.58 ? 307  GLU A O   1 
ATOM   1322 C CB  . GLU A 1 190 ? -11.647 -11.344 17.409  1.00 40.49 ? 307  GLU A CB  1 
ATOM   1323 C CG  . GLU A 1 190 ? -11.131 -9.919  17.204  1.00 44.98 ? 307  GLU A CG  1 
ATOM   1324 C CD  . GLU A 1 190 ? -9.874  -9.623  18.013  1.00 50.24 ? 307  GLU A CD  1 
ATOM   1325 O OE1 . GLU A 1 190 ? -9.942  -9.674  19.267  1.00 53.78 ? 307  GLU A OE1 1 
ATOM   1326 O OE2 . GLU A 1 190 ? -8.820  -9.332  17.389  1.00 53.20 ? 307  GLU A OE2 1 
ATOM   1327 N N   . ASN A 1 191 ? -11.833 -14.520 17.582  1.00 39.59 ? 308  ASN A N   1 
ATOM   1328 C CA  . ASN A 1 191 ? -11.982 -15.784 18.342  1.00 40.52 ? 308  ASN A CA  1 
ATOM   1329 C C   . ASN A 1 191 ? -10.749 -16.704 18.337  1.00 39.37 ? 308  ASN A C   1 
ATOM   1330 O O   . ASN A 1 191 ? -10.517 -17.430 19.301  1.00 40.93 ? 308  ASN A O   1 
ATOM   1331 C CB  . ASN A 1 191 ? -13.223 -16.590 17.918  1.00 40.63 ? 308  ASN A CB  1 
ATOM   1332 C CG  . ASN A 1 191 ? -13.221 -16.985 16.446  1.00 44.00 ? 308  ASN A CG  1 
ATOM   1333 O OD1 . ASN A 1 191 ? -12.437 -16.473 15.639  1.00 47.80 ? 308  ASN A OD1 1 
ATOM   1334 N ND2 . ASN A 1 191 ? -14.125 -17.893 16.087  1.00 46.25 ? 308  ASN A ND2 1 
ATOM   1335 N N   . TYR A 1 192 ? -9.958  -16.692 17.273  1.00 37.32 ? 309  TYR A N   1 
ATOM   1336 C CA  . TYR A 1 192 ? -8.699  -17.462 17.296  1.00 36.10 ? 309  TYR A CA  1 
ATOM   1337 C C   . TYR A 1 192 ? -7.507  -16.719 17.900  1.00 37.74 ? 309  TYR A C   1 
ATOM   1338 O O   . TYR A 1 192 ? -6.654  -17.356 18.524  1.00 36.23 ? 309  TYR A O   1 
ATOM   1339 C CB  . TYR A 1 192 ? -8.249  -17.845 15.915  1.00 34.91 ? 309  TYR A CB  1 
ATOM   1340 C CG  . TYR A 1 192 ? -9.054  -18.876 15.192  1.00 31.83 ? 309  TYR A CG  1 
ATOM   1341 C CD1 . TYR A 1 192 ? -8.684  -20.220 15.196  1.00 29.43 ? 309  TYR A CD1 1 
ATOM   1342 C CD2 . TYR A 1 192 ? -10.135 -18.495 14.411  1.00 31.14 ? 309  TYR A CD2 1 
ATOM   1343 C CE1 . TYR A 1 192 ? -9.421  -21.173 14.478  1.00 30.51 ? 309  TYR A CE1 1 
ATOM   1344 C CE2 . TYR A 1 192 ? -10.872 -19.422 13.719  1.00 33.26 ? 309  TYR A CE2 1 
ATOM   1345 C CZ  . TYR A 1 192 ? -10.503 -20.760 13.745  1.00 31.64 ? 309  TYR A CZ  1 
ATOM   1346 O OH  . TYR A 1 192 ? -11.274 -21.627 12.989  1.00 32.04 ? 309  TYR A OH  1 
ATOM   1347 N N   . LYS A 1 193 ? -7.379  -15.414 17.609  1.00 39.32 ? 310  LYS A N   1 
ATOM   1348 C CA  . LYS A 1 193 ? -6.255  -14.613 18.125  1.00 41.35 ? 310  LYS A CA  1 
ATOM   1349 C C   . LYS A 1 193 ? -6.148  -14.798 19.622  1.00 41.89 ? 310  LYS A C   1 
ATOM   1350 O O   . LYS A 1 193 ? -5.052  -14.769 20.195  1.00 42.58 ? 310  LYS A O   1 
ATOM   1351 C CB  . LYS A 1 193 ? -6.458  -13.114 17.874  1.00 41.63 ? 310  LYS A CB  1 
ATOM   1352 C CG  . LYS A 1 193 ? -6.298  -12.703 16.446  1.00 43.26 ? 310  LYS A CG  1 
ATOM   1353 C CD  . LYS A 1 193 ? -6.574  -11.219 16.248  1.00 45.58 ? 310  LYS A CD  1 
ATOM   1354 C CE  . LYS A 1 193 ? -5.391  -10.393 16.657  1.00 46.50 ? 310  LYS A CE  1 
ATOM   1355 N NZ  . LYS A 1 193 ? -5.457  -9.025  16.067  1.00 46.62 ? 310  LYS A NZ  1 
ATOM   1356 N N   . THR A 1 194 ? -7.304  -14.965 20.252  1.00 42.57 ? 311  THR A N   1 
ATOM   1357 C CA  . THR A 1 194 ? -7.388  -15.006 21.691  1.00 43.13 ? 311  THR A CA  1 
ATOM   1358 C C   . THR A 1 194 ? -7.773  -16.380 22.278  1.00 43.78 ? 311  THR A C   1 
ATOM   1359 O O   . THR A 1 194 ? -7.721  -16.568 23.497  1.00 44.20 ? 311  THR A O   1 
ATOM   1360 C CB  . THR A 1 194 ? -8.454  -14.051 22.125  1.00 43.32 ? 311  THR A CB  1 
ATOM   1361 O OG1 . THR A 1 194 ? -9.685  -14.509 21.580  1.00 42.95 ? 311  THR A OG1 1 
ATOM   1362 C CG2 . THR A 1 194 ? -8.178  -12.641 21.592  1.00 44.00 ? 311  THR A CG2 1 
ATOM   1363 N N   . MET A 1 195 ? -8.149  -17.337 21.428  1.00 44.27 ? 312  MET A N   1 
ATOM   1364 C CA  . MET A 1 195 ? -8.567  -18.685 21.880  1.00 44.29 ? 312  MET A CA  1 
ATOM   1365 C C   . MET A 1 195 ? -9.683  -18.616 22.924  1.00 45.24 ? 312  MET A C   1 
ATOM   1366 O O   . MET A 1 195 ? -10.369 -19.614 23.173  1.00 46.34 ? 312  MET A O   1 
ATOM   1367 C CB  . MET A 1 195 ? -7.385  -19.500 22.440  1.00 43.96 ? 312  MET A CB  1 
ATOM   1368 C CG  . MET A 1 195 ? -6.359  -19.984 21.394  1.00 41.74 ? 312  MET A CG  1 
ATOM   1369 S SD  . MET A 1 195 ? -7.014  -20.891 19.975  1.00 37.51 ? 312  MET A SD  1 
ATOM   1370 C CE  . MET A 1 195 ? -7.414  -22.442 20.786  1.00 37.99 ? 312  MET A CE  1 
HETATM 1371 C CAC . FLC B 2 .   ? 10.206  -15.408 19.473  1.00 30.01 ? 1    FLC A CAC 1 
HETATM 1372 C CA  . FLC B 2 .   ? 11.587  -15.255 18.859  1.00 29.31 ? 1    FLC A CA  1 
HETATM 1373 C CB  . FLC B 2 .   ? 12.738  -15.429 19.857  1.00 29.94 ? 1    FLC A CB  1 
HETATM 1374 C CBC . FLC B 2 .   ? 12.806  -14.308 20.881  1.00 31.22 ? 1    FLC A CBC 1 
HETATM 1375 C CG  A FLC B 2 .   ? 14.084  -15.378 19.184  0.56 29.95 ? 1    FLC A CG  1 
HETATM 1376 C CG  B FLC B 2 .   ? 14.010  -15.434 18.980  0.44 29.96 ? 1    FLC A CG  1 
HETATM 1377 C CGC A FLC B 2 .   ? 15.366  -15.432 19.979  0.56 31.52 ? 1    FLC A CGC 1 
HETATM 1378 C CGC B FLC B 2 .   ? 14.040  -16.625 18.021  0.44 30.59 ? 1    FLC A CGC 1 
HETATM 1379 O OA1 . FLC B 2 .   ? 9.337   -16.180 18.975  1.00 26.52 ? 1    FLC A OA1 1 
HETATM 1380 O OA2 . FLC B 2 .   ? 10.020  -14.650 20.442  1.00 29.22 ? 1    FLC A OA2 1 
HETATM 1381 O OB1 . FLC B 2 .   ? 13.097  -13.122 20.526  1.00 31.71 ? 1    FLC A OB1 1 
HETATM 1382 O OB2 . FLC B 2 .   ? 12.623  -14.640 22.089  1.00 30.49 ? 1    FLC A OB2 1 
HETATM 1383 O OG1 A FLC B 2 .   ? 16.408  -14.889 19.549  0.56 34.12 ? 1    FLC A OG1 1 
HETATM 1384 O OG1 B FLC B 2 .   ? 14.026  -16.578 16.735  0.44 29.72 ? 1    FLC A OG1 1 
HETATM 1385 O OG2 A FLC B 2 .   ? 15.304  -16.068 21.057  0.56 31.21 ? 1    FLC A OG2 1 
HETATM 1386 O OG2 B FLC B 2 .   ? 14.101  -17.707 18.617  0.44 33.19 ? 1    FLC A OG2 1 
HETATM 1387 O OHB . FLC B 2 .   ? 12.604  -16.670 20.577  1.00 29.27 ? 1    FLC A OHB 1 
HETATM 1388 C C1  . GOL C 3 .   ? 6.522   1.821   -5.534  1.00 33.24 ? 2    GOL A C1  1 
HETATM 1389 O O1  . GOL C 3 .   ? 5.759   2.162   -4.389  1.00 35.60 ? 2    GOL A O1  1 
HETATM 1390 C C2  . GOL C 3 .   ? 6.011   0.639   -6.365  1.00 30.74 ? 2    GOL A C2  1 
HETATM 1391 O O2  . GOL C 3 .   ? 4.680   0.974   -6.863  1.00 23.31 ? 2    GOL A O2  1 
HETATM 1392 C C3  . GOL C 3 .   ? 6.155   -0.755  -5.650  1.00 29.61 ? 2    GOL A C3  1 
HETATM 1393 O O3  . GOL C 3 .   ? 7.452   -1.391  -5.418  1.00 25.38 ? 2    GOL A O3  1 
HETATM 1394 C C1  . GOL D 3 .   ? -18.808 -0.590  -4.256  1.00 44.43 ? 3    GOL A C1  1 
HETATM 1395 O O1  . GOL D 3 .   ? -19.735 0.466   -3.982  1.00 44.70 ? 3    GOL A O1  1 
HETATM 1396 C C2  . GOL D 3 .   ? -18.977 -1.935  -3.529  1.00 43.11 ? 3    GOL A C2  1 
HETATM 1397 O O2  . GOL D 3 .   ? -19.051 -1.687  -2.128  1.00 47.35 ? 3    GOL A O2  1 
HETATM 1398 C C3  . GOL D 3 .   ? -17.766 -2.903  -3.678  1.00 42.74 ? 3    GOL A C3  1 
HETATM 1399 O O3  . GOL D 3 .   ? -17.031 -3.011  -4.905  1.00 34.93 ? 3    GOL A O3  1 
HETATM 1400 O O   . HOH E 4 .   ? -0.732  -15.836 7.142   1.00 18.99 ? 1001 HOH A O   1 
HETATM 1401 O O   . HOH E 4 .   ? 6.083   -0.260  -22.424 1.00 22.80 ? 1002 HOH A O   1 
HETATM 1402 O O   . HOH E 4 .   ? 7.317   -13.787 20.623  1.00 19.66 ? 1003 HOH A O   1 
HETATM 1403 O O   . HOH E 4 .   ? 4.258   -8.864  -12.290 1.00 22.28 ? 1004 HOH A O   1 
HETATM 1404 O O   . HOH E 4 .   ? -2.225  4.868   -4.246  1.00 21.43 ? 1005 HOH A O   1 
HETATM 1405 O O   . HOH E 4 .   ? 0.455   -4.342  -15.573 1.00 20.50 ? 1006 HOH A O   1 
HETATM 1406 O O   . HOH E 4 .   ? -14.373 -6.646  -2.704  1.00 25.39 ? 1007 HOH A O   1 
HETATM 1407 O O   . HOH E 4 .   ? 12.420  -3.851  -0.577  1.00 25.02 ? 1008 HOH A O   1 
HETATM 1408 O O   . HOH E 4 .   ? 11.801  -10.036 27.494  1.00 26.00 ? 1009 HOH A O   1 
HETATM 1409 O O   . HOH E 4 .   ? -3.077  -4.413  10.428  1.00 27.80 ? 1010 HOH A O   1 
HETATM 1410 O O   . HOH E 4 .   ? -3.808  9.814   2.651   1.00 25.65 ? 1011 HOH A O   1 
HETATM 1411 O O   . HOH E 4 .   ? -12.333 2.415   -13.292 1.00 28.71 ? 1012 HOH A O   1 
HETATM 1412 O O   . HOH E 4 .   ? -0.240  0.193   11.164  1.00 32.35 ? 1013 HOH A O   1 
HETATM 1413 O O   . HOH E 4 .   ? 2.600   -0.760  12.669  1.00 27.34 ? 1014 HOH A O   1 
HETATM 1414 O O   . HOH E 4 .   ? -5.542  5.209   8.673   1.00 29.76 ? 1015 HOH A O   1 
HETATM 1415 O O   . HOH E 4 .   ? -2.285  -14.738 19.191  1.00 31.00 ? 1016 HOH A O   1 
HETATM 1416 O O   . HOH E 4 .   ? 5.982   10.395  -18.737 1.00 31.45 ? 1017 HOH A O   1 
HETATM 1417 O O   . HOH E 4 .   ? -0.587  17.343  -0.268  1.00 36.02 ? 1018 HOH A O   1 
HETATM 1418 O O   . HOH E 4 .   ? 9.958   6.268   -9.739  1.00 38.48 ? 1019 HOH A O   1 
HETATM 1419 O O   . HOH E 4 .   ? -9.256  -0.176  -0.795  1.00 25.29 ? 1020 HOH A O   1 
HETATM 1420 O O   . HOH E 4 .   ? 1.109   5.144   -19.783 1.00 44.21 ? 1021 HOH A O   1 
HETATM 1421 O O   . HOH E 4 .   ? 0.952   -1.107  -22.203 1.00 31.81 ? 1022 HOH A O   1 
HETATM 1422 O O   . HOH E 4 .   ? -8.610  15.551  -2.047  1.00 35.69 ? 1023 HOH A O   1 
HETATM 1423 O O   . HOH E 4 .   ? 3.068   21.062  -5.319  1.00 36.28 ? 1024 HOH A O   1 
HETATM 1424 O O   . HOH E 4 .   ? -0.449  -9.342  12.218  1.00 28.67 ? 1025 HOH A O   1 
HETATM 1425 O O   . HOH E 4 .   ? -7.423  4.145   -16.794 1.00 29.17 ? 1026 HOH A O   1 
HETATM 1426 O O   . HOH E 4 .   ? -15.853 3.893   -12.633 1.00 27.71 ? 1027 HOH A O   1 
HETATM 1427 O O   . HOH E 4 .   ? -8.632  14.792  -9.259  1.00 35.60 ? 1028 HOH A O   1 
HETATM 1428 O O   . HOH E 4 .   ? -5.202  -4.764  8.695   1.00 37.19 ? 1029 HOH A O   1 
HETATM 1429 O O   . HOH E 4 .   ? -13.705 4.275   -1.508  1.00 47.49 ? 1030 HOH A O   1 
HETATM 1430 O O   . HOH E 4 .   ? -7.514  11.224  -12.434 1.00 29.51 ? 1031 HOH A O   1 
HETATM 1431 O O   . HOH E 4 .   ? 12.606  -3.379  19.678  1.00 33.32 ? 1032 HOH A O   1 
HETATM 1432 O O   . HOH E 4 .   ? -1.666  14.219  -13.566 1.00 34.73 ? 1033 HOH A O   1 
HETATM 1433 O O   . HOH E 4 .   ? -16.462 -5.853  -4.748  1.00 32.09 ? 1034 HOH A O   1 
HETATM 1434 O O   . HOH E 4 .   ? 16.927  -6.974  26.687  1.00 54.79 ? 1035 HOH A O   1 
HETATM 1435 O O   . HOH E 4 .   ? 7.658   6.751   -11.733 1.00 24.84 ? 1036 HOH A O   1 
HETATM 1436 O O   . HOH E 4 .   ? -10.501 -17.771 -8.172  1.00 55.49 ? 1037 HOH A O   1 
HETATM 1437 O O   . HOH E 4 .   ? 14.964  -11.760 21.395  1.00 35.78 ? 1038 HOH A O   1 
HETATM 1438 O O   . HOH E 4 .   ? 6.194   20.932  -4.974  1.00 44.74 ? 1039 HOH A O   1 
HETATM 1439 O O   . HOH E 4 .   ? 0.423   17.431  -2.593  1.00 34.31 ? 1040 HOH A O   1 
HETATM 1440 O O   . HOH E 4 .   ? -10.636 -7.916  4.528   1.00 29.66 ? 1041 HOH A O   1 
HETATM 1441 O O   . HOH E 4 .   ? -10.267 1.613   -18.777 1.00 34.84 ? 1042 HOH A O   1 
HETATM 1442 O O   . HOH E 4 .   ? -11.158 -1.620  -17.988 1.00 36.28 ? 1043 HOH A O   1 
HETATM 1443 O O   . HOH E 4 .   ? -14.175 -18.241 -2.546  1.00 37.52 ? 1044 HOH A O   1 
HETATM 1444 O O   . HOH E 4 .   ? -15.723 7.620   -5.256  1.00 36.50 ? 1045 HOH A O   1 
HETATM 1445 O O   . HOH E 4 .   ? 4.723   13.238  -21.438 1.00 35.14 ? 1046 HOH A O   1 
HETATM 1446 O O   . HOH E 4 .   ? -3.573  -1.168  -19.925 1.00 39.11 ? 1047 HOH A O   1 
HETATM 1447 O O   . HOH E 4 .   ? -13.142 -8.047  4.098   1.00 40.68 ? 1048 HOH A O   1 
HETATM 1448 O O   . HOH E 4 .   ? -3.077  4.390   9.749   1.00 37.76 ? 1049 HOH A O   1 
HETATM 1449 O O   . HOH E 4 .   ? -12.563 -11.014 13.917  1.00 46.45 ? 1050 HOH A O   1 
HETATM 1450 O O   . HOH E 4 .   ? -8.716  -5.393  6.331   1.00 51.93 ? 1051 HOH A O   1 
HETATM 1451 O O   . HOH E 4 .   ? -12.021 7.323   -7.497  1.00 34.45 ? 1052 HOH A O   1 
HETATM 1452 O O   . HOH E 4 .   ? 2.168   6.317   14.050  1.00 38.17 ? 1054 HOH A O   1 
HETATM 1453 O O   . HOH E 4 .   ? -10.044 -6.688  -17.334 1.00 47.95 ? 1055 HOH A O   1 
HETATM 1454 O O   . HOH E 4 .   ? 5.948   3.010   9.857   1.00 39.76 ? 1056 HOH A O   1 
HETATM 1455 O O   . HOH E 4 .   ? 5.346   23.447  -9.549  1.00 38.80 ? 1057 HOH A O   1 
HETATM 1456 O O   . HOH E 4 .   ? -3.721  15.167  -11.931 1.00 44.88 ? 1058 HOH A O   1 
HETATM 1457 O O   . HOH E 4 .   ? -5.694  17.754  -0.971  1.00 36.71 ? 1059 HOH A O   1 
HETATM 1458 O O   . HOH E 4 .   ? 15.793  -11.589 17.334  1.00 44.52 ? 1060 HOH A O   1 
HETATM 1459 O O   . HOH E 4 .   ? 3.859   5.801   -19.736 1.00 34.45 ? 1061 HOH A O   1 
HETATM 1460 O O   . HOH E 4 .   ? -14.929 -13.159 0.294   1.00 42.16 ? 1062 HOH A O   1 
HETATM 1461 O O   . HOH E 4 .   ? -9.378  17.549  -0.231  1.00 57.47 ? 1063 HOH A O   1 
HETATM 1462 O O   . HOH E 4 .   ? 10.980  9.010   1.795   1.00 42.10 ? 1064 HOH A O   1 
HETATM 1463 O O   . HOH E 4 .   ? 0.359   -3.747  17.040  1.00 38.12 ? 1065 HOH A O   1 
HETATM 1464 O O   . HOH E 4 .   ? -9.582  -9.903  6.309   1.00 33.22 ? 1066 HOH A O   1 
HETATM 1465 O O   . HOH E 4 .   ? -3.039  18.995  -0.666  1.00 42.23 ? 1067 HOH A O   1 
HETATM 1466 O O   . HOH E 4 .   ? -7.335  18.780  1.227   1.00 53.04 ? 1068 HOH A O   1 
HETATM 1467 O O   . HOH E 4 .   ? 9.534   15.159  -15.848 1.00 34.98 ? 1069 HOH A O   1 
HETATM 1468 O O   . HOH E 4 .   ? 6.654   -0.605  21.613  1.00 52.05 ? 1070 HOH A O   1 
HETATM 1469 O O   . HOH E 4 .   ? -14.364 -12.462 13.375  1.00 55.99 ? 1071 HOH A O   1 
HETATM 1470 O O   . HOH E 4 .   ? -0.372  9.658   8.912   1.00 40.47 ? 1072 HOH A O   1 
HETATM 1471 O O   . HOH E 4 .   ? 17.276  -11.771 19.970  1.00 49.15 ? 1073 HOH A O   1 
HETATM 1472 O O   . HOH E 4 .   ? 3.862   -3.404  22.190  1.00 37.54 ? 1074 HOH A O   1 
HETATM 1473 O O   . HOH E 4 .   ? -18.370 6.744   -6.556  1.00 44.16 ? 1075 HOH A O   1 
HETATM 1474 O O   . HOH E 4 .   ? 0.155   15.717  -14.890 1.00 36.38 ? 1076 HOH A O   1 
HETATM 1475 O O   . HOH E 4 .   ? -9.232  -10.031 13.548  1.00 40.82 ? 1077 HOH A O   1 
HETATM 1476 O O   . HOH E 4 .   ? -5.632  13.449  -12.519 1.00 49.36 ? 1079 HOH A O   1 
HETATM 1477 O O   . HOH E 4 .   ? -14.191 -15.356 -12.936 1.00 59.55 ? 1080 HOH A O   1 
HETATM 1478 O O   . HOH E 4 .   ? 3.949   -4.297  -26.561 1.00 30.96 ? 1081 HOH A O   1 
HETATM 1479 O O   . HOH E 4 .   ? -12.035 -0.930  2.332   1.00 31.29 ? 1082 HOH A O   1 
HETATM 1480 O O   . HOH E 4 .   ? 16.614  -10.079 -1.042  1.00 64.67 ? 1083 HOH A O   1 
HETATM 1481 O O   . HOH E 4 .   ? 14.833  7.263   -14.285 1.00 50.78 ? 1084 HOH A O   1 
HETATM 1482 O O   . HOH E 4 .   ? -17.926 4.113   2.601   1.00 52.69 ? 1085 HOH A O   1 
HETATM 1483 O O   . HOH E 4 .   ? -1.200  10.033  -19.240 1.00 61.23 ? 1086 HOH A O   1 
HETATM 1484 O O   . HOH E 4 .   ? 10.579  5.802   -17.150 1.00 28.60 ? 1087 HOH A O   1 
HETATM 1485 O O   . HOH E 4 .   ? -7.402  2.606   9.789   1.00 51.51 ? 1088 HOH A O   1 
HETATM 1486 O O   . HOH E 4 .   ? 9.673   18.101  -2.176  1.00 54.97 ? 1089 HOH A O   1 
HETATM 1487 O O   . HOH E 4 .   ? 5.303   18.331  -11.733 1.00 41.28 ? 1090 HOH A O   1 
HETATM 1488 O O   . HOH E 4 .   ? -6.573  -7.482  7.785   1.00 47.93 ? 1091 HOH A O   1 
HETATM 1489 O O   . HOH E 4 .   ? -10.146 -17.830 -4.517  1.00 51.42 ? 1092 HOH A O   1 
HETATM 1490 O O   . HOH E 4 .   ? -12.213 0.354   -0.558  1.00 62.69 ? 1093 HOH A O   1 
HETATM 1491 O O   . HOH E 4 .   ? 1.491   8.600   -19.331 1.00 49.83 ? 1094 HOH A O   1 
HETATM 1492 O O   . HOH E 4 .   ? 8.045   -0.884  11.196  1.00 52.47 ? 1095 HOH A O   1 
HETATM 1493 O O   . HOH E 4 .   ? -3.477  21.715  -7.495  1.00 54.09 ? 1096 HOH A O   1 
HETATM 1494 O O   . HOH E 4 .   ? 3.600   17.632  -0.413  1.00 51.82 ? 1097 HOH A O   1 
HETATM 1495 O O   . HOH E 4 .   ? -3.637  6.777   -18.058 1.00 48.40 ? 1098 HOH A O   1 
HETATM 1496 O O   . HOH E 4 .   ? 1.672   -7.013  21.343  1.00 33.29 ? 1099 HOH A O   1 
HETATM 1497 O O   . HOH E 4 .   ? -10.764 -12.334 7.240   1.00 43.51 ? 1100 HOH A O   1 
HETATM 1498 O O   . HOH E 4 .   ? -3.948  23.591  -5.637  1.00 64.98 ? 1101 HOH A O   1 
HETATM 1499 O O   . HOH E 4 .   ? -9.041  -11.012 -15.684 1.00 52.87 ? 1102 HOH A O   1 
HETATM 1500 O O   . HOH E 4 .   ? -12.805 9.815   -8.505  1.00 39.77 ? 1103 HOH A O   1 
HETATM 1501 O O   . HOH E 4 .   ? -14.859 10.059  -7.122  1.00 51.42 ? 1104 HOH A O   1 
HETATM 1502 O O   . HOH E 4 .   ? -15.863 12.380  -5.219  1.00 49.89 ? 1105 HOH A O   1 
HETATM 1503 O O   . HOH E 4 .   ? -18.968 5.841   -8.489  1.00 39.02 ? 1106 HOH A O   1 
HETATM 1504 O O   . HOH E 4 .   ? 12.339  18.098  -13.383 1.00 55.18 ? 1107 HOH A O   1 
HETATM 1505 O O   . HOH E 4 .   ? 6.604   5.544   -5.361  1.00 40.40 ? 1108 HOH A O   1 
HETATM 1506 O O   . HOH E 4 .   ? 1.201   18.699  1.983   1.00 57.54 ? 1109 HOH A O   1 
HETATM 1507 O O   . HOH E 4 .   ? 1.877   19.988  -2.655  1.00 52.34 ? 1110 HOH A O   1 
HETATM 1508 O O   . HOH E 4 .   ? 0.596   14.559  5.792   1.00 49.26 ? 1111 HOH A O   1 
HETATM 1509 O O   . HOH E 4 .   ? -5.548  11.495  5.913   1.00 39.53 ? 1112 HOH A O   1 
HETATM 1510 O O   . HOH E 4 .   ? -3.900  5.382   13.085  1.00 56.05 ? 1113 HOH A O   1 
HETATM 1511 O O   . HOH E 4 .   ? -1.854  -1.908  11.430  1.00 44.68 ? 1114 HOH A O   1 
HETATM 1512 O O   . HOH E 4 .   ? -2.227  2.259   11.236  1.00 56.94 ? 1115 HOH A O   1 
HETATM 1513 O O   . HOH E 4 .   ? -9.908  6.274   -14.681 1.00 41.83 ? 1116 HOH A O   1 
HETATM 1514 O O   . HOH E 4 .   ? -11.044 4.935   -16.978 1.00 65.16 ? 1117 HOH A O   1 
HETATM 1515 O O   . HOH E 4 .   ? -1.105  6.719   -19.029 1.00 59.18 ? 1118 HOH A O   1 
HETATM 1516 O O   . HOH E 4 .   ? -0.579  0.696   -21.945 1.00 60.91 ? 1119 HOH A O   1 
HETATM 1517 O O   . HOH E 4 .   ? 11.374  2.127   -2.524  1.00 43.84 ? 1120 HOH A O   1 
HETATM 1518 O O   . HOH E 4 .   ? -14.218 -10.070 2.217   1.00 44.18 ? 1121 HOH A O   1 
HETATM 1519 O O   . HOH E 4 .   ? -18.862 0.109   1.465   1.00 54.86 ? 1122 HOH A O   1 
HETATM 1520 O O   . HOH E 4 .   ? -5.046  14.442  9.824   1.00 44.30 ? 1124 HOH A O   1 
HETATM 1521 O O   . HOH E 4 .   ? -4.578  14.716  12.902  1.00 64.93 ? 1125 HOH A O   1 
HETATM 1522 O O   . HOH E 4 .   ? -4.286  13.090  15.171  1.00 59.41 ? 1126 HOH A O   1 
HETATM 1523 O O   . HOH E 4 .   ? -6.844  12.166  12.825  1.00 74.10 ? 1127 HOH A O   1 
HETATM 1524 O O   . HOH E 4 .   ? -6.273  10.057  11.263  1.00 67.13 ? 1128 HOH A O   1 
HETATM 1525 O O   . HOH E 4 .   ? 16.140  -17.492 18.534  1.00 63.04 ? 1129 HOH A O   1 
HETATM 1526 O O   . HOH E 4 .   ? -5.699  -12.902 3.333   1.00 37.70 ? 1130 HOH A O   1 
HETATM 1527 O O   . HOH E 4 .   ? -5.655  -14.971 2.698   0.50 25.12 ? 1131 HOH A O   1 
HETATM 1528 O O   . HOH E 4 .   ? -1.663  3.754   13.645  1.00 51.96 ? 1133 HOH A O   1 
HETATM 1529 O O   . HOH E 4 .   ? 5.243   1.396   14.923  1.00 48.74 ? 1134 HOH A O   1 
HETATM 1530 O O   . HOH E 4 .   ? 4.160   -1.248  -24.004 1.00 31.87 ? 1135 HOH A O   1 
HETATM 1531 O O   . HOH E 4 .   ? -7.434  -11.228 5.064   1.00 32.08 ? 1136 HOH A O   1 
HETATM 1532 O O   . HOH E 4 .   ? -3.695  -12.330 20.803  1.00 52.11 ? 1139 HOH A O   1 
HETATM 1533 O O   . HOH E 4 .   ? -19.919 3.574   -7.440  1.00 37.79 ? 1140 HOH A O   1 
HETATM 1534 O O   . HOH E 4 .   ? 13.533  -1.618  -0.159  1.00 45.97 ? 1143 HOH A O   1 
HETATM 1535 O O   . HOH E 4 .   ? -13.274 15.097  -2.811  1.00 43.16 ? 1144 HOH A O   1 
HETATM 1536 O O   . HOH E 4 .   ? -4.659  13.302  5.324   1.00 50.02 ? 1145 HOH A O   1 
HETATM 1537 O O   . HOH E 4 .   ? 9.624   -3.339  16.089  1.00 49.58 ? 1146 HOH A O   1 
HETATM 1538 O O   . HOH E 4 .   ? -0.174  3.257   -19.050 1.00 46.24 ? 1148 HOH A O   1 
HETATM 1539 O O   . HOH E 4 .   ? -1.197  13.402  6.898   1.00 57.30 ? 1151 HOH A O   1 
HETATM 1540 O O   . HOH E 4 .   ? -4.561  -11.534 14.158  1.00 31.38 ? 1152 HOH A O   1 
HETATM 1541 O O   . HOH E 4 .   ? -4.696  -10.652 12.339  1.00 32.62 ? 1153 HOH A O   1 
HETATM 1542 O O   . HOH E 4 .   ? 1.239   10.257  -22.508 1.00 57.15 ? 1154 HOH A O   1 
# 
loop_
_pdbx_poly_seq_scheme.asym_id 
_pdbx_poly_seq_scheme.entity_id 
_pdbx_poly_seq_scheme.seq_id 
_pdbx_poly_seq_scheme.mon_id 
_pdbx_poly_seq_scheme.ndb_seq_num 
_pdbx_poly_seq_scheme.pdb_seq_num 
_pdbx_poly_seq_scheme.auth_seq_num 
_pdbx_poly_seq_scheme.pdb_mon_id 
_pdbx_poly_seq_scheme.auth_mon_id 
_pdbx_poly_seq_scheme.pdb_strand_id 
_pdbx_poly_seq_scheme.pdb_ins_code 
_pdbx_poly_seq_scheme.hetero 
A 1 1   MET 1   118 ?   ?   ?   A . n 
A 1 2   HIS 2   119 ?   ?   ?   A . n 
A 1 3   HIS 3   120 ?   ?   ?   A . n 
A 1 4   HIS 4   121 ?   ?   ?   A . n 
A 1 5   HIS 5   122 ?   ?   ?   A . n 
A 1 6   HIS 6   123 ?   ?   ?   A . n 
A 1 7   HIS 7   124 ?   ?   ?   A . n 
A 1 8   SER 8   125 ?   ?   ?   A . n 
A 1 9   SER 9   126 ?   ?   ?   A . n 
A 1 10  GLY 10  127 ?   ?   ?   A . n 
A 1 11  VAL 11  128 ?   ?   ?   A . n 
A 1 12  ASP 12  129 ?   ?   ?   A . n 
A 1 13  LEU 13  130 ?   ?   ?   A . n 
A 1 14  GLY 14  131 ?   ?   ?   A . n 
A 1 15  THR 15  132 ?   ?   ?   A . n 
A 1 16  GLU 16  133 ?   ?   ?   A . n 
A 1 17  ASN 17  134 ?   ?   ?   A . n 
A 1 18  LEU 18  135 ?   ?   ?   A . n 
A 1 19  TYR 19  136 ?   ?   ?   A . n 
A 1 20  PHE 20  137 ?   ?   ?   A . n 
A 1 21  GLN 21  138 ?   ?   ?   A . n 
A 1 22  SER 22  139 ?   ?   ?   A . n 
A 1 23  MET 23  140 ?   ?   ?   A . n 
A 1 24  SER 24  141 ?   ?   ?   A . n 
A 1 25  HIS 25  142 ?   ?   ?   A . n 
A 1 26  GLN 26  143 143 GLN GLN A . n 
A 1 27  VAL 27  144 144 VAL VAL A . n 
A 1 28  GLY 28  145 145 GLY GLY A . n 
A 1 29  VAL 29  146 146 VAL VAL A . n 
A 1 30  ALA 30  147 147 ALA ALA A . n 
A 1 31  GLY 31  148 148 GLY GLY A . n 
A 1 32  ALA 32  149 149 ALA ALA A . n 
A 1 33  VAL 33  150 150 VAL VAL A . n 
A 1 34  PHE 34  151 151 PHE PHE A . n 
A 1 35  ASP 35  152 152 ASP ASP A . n 
A 1 36  GLU 36  153 153 GLU GLU A . n 
A 1 37  SER 37  154 154 SER SER A . n 
A 1 38  THR 38  155 155 THR THR A . n 
A 1 39  ARG 39  156 156 ARG ARG A . n 
A 1 40  LYS 40  157 157 LYS LYS A . n 
A 1 41  ILE 41  158 158 ILE ILE A . n 
A 1 42  LEU 42  159 159 LEU LEU A . n 
A 1 43  VAL 43  160 160 VAL VAL A . n 
A 1 44  VAL 44  161 161 VAL VAL A . n 
A 1 45  GLN 45  162 162 GLN GLN A . n 
A 1 46  ASP 46  163 163 ASP ASP A . n 
A 1 47  ARG 47  164 164 ARG ARG A . n 
A 1 48  ASN 48  165 165 ASN ASN A . n 
A 1 49  LYS 49  166 166 LYS LYS A . n 
A 1 50  LEU 50  167 167 LEU LEU A . n 
A 1 51  LYS 51  168 168 LYS LYS A . n 
A 1 52  ASN 52  169 169 ASN ASN A . n 
A 1 53  MET 53  170 170 MET MET A . n 
A 1 54  TRP 54  171 171 TRP TRP A . n 
A 1 55  LYS 55  172 172 LYS LYS A . n 
A 1 56  PHE 56  173 173 PHE PHE A . n 
A 1 57  PRO 57  174 174 PRO PRO A . n 
A 1 58  GLY 58  175 175 GLY GLY A . n 
A 1 59  GLY 59  176 176 GLY GLY A . n 
A 1 60  LEU 60  177 177 LEU LEU A . n 
A 1 61  SER 61  178 178 SER SER A . n 
A 1 62  GLU 62  179 179 GLU GLU A . n 
A 1 63  PRO 63  180 180 PRO PRO A . n 
A 1 64  GLU 64  181 181 GLU GLU A . n 
A 1 65  GLU 65  182 182 GLU GLU A . n 
A 1 66  ASP 66  183 183 ASP ASP A . n 
A 1 67  ILE 67  184 184 ILE ILE A . n 
A 1 68  GLY 68  185 185 GLY GLY A . n 
A 1 69  ASP 69  186 186 ASP ASP A . n 
A 1 70  THR 70  187 187 THR THR A . n 
A 1 71  ALA 71  188 188 ALA ALA A . n 
A 1 72  VAL 72  189 189 VAL VAL A . n 
A 1 73  ARG 73  190 190 ARG ARG A . n 
A 1 74  GLU 74  191 191 GLU GLU A . n 
A 1 75  VAL 75  192 192 VAL VAL A . n 
A 1 76  PHE 76  193 193 PHE PHE A . n 
A 1 77  GLU 77  194 194 GLU GLU A . n 
A 1 78  GLU 78  195 195 GLU GLU A . n 
A 1 79  THR 79  196 196 THR THR A . n 
A 1 80  GLY 80  197 197 GLY GLY A . n 
A 1 81  ILE 81  198 198 ILE ILE A . n 
A 1 82  LYS 82  199 199 LYS LYS A . n 
A 1 83  SER 83  200 200 SER SER A . n 
A 1 84  GLU 84  201 201 GLU GLU A . n 
A 1 85  PHE 85  202 202 PHE PHE A . n 
A 1 86  ARG 86  203 203 ARG ARG A . n 
A 1 87  SER 87  204 204 SER SER A . n 
A 1 88  VAL 88  205 205 VAL VAL A . n 
A 1 89  LEU 89  206 206 LEU LEU A . n 
A 1 90  SER 90  207 207 SER SER A . n 
A 1 91  ILE 91  208 208 ILE ILE A . n 
A 1 92  ARG 92  209 209 ARG ARG A . n 
A 1 93  GLN 93  210 210 GLN GLN A . n 
A 1 94  GLN 94  211 211 GLN GLN A . n 
A 1 95  HIS 95  212 212 HIS HIS A . n 
A 1 96  THR 96  213 ?   ?   ?   A . n 
A 1 97  ASN 97  214 ?   ?   ?   A . n 
A 1 98  PRO 98  215 ?   ?   ?   A . n 
A 1 99  GLY 99  216 ?   ?   ?   A . n 
A 1 100 ALA 100 217 ?   ?   ?   A . n 
A 1 101 PHE 101 218 ?   ?   ?   A . n 
A 1 102 GLY 102 219 ?   ?   ?   A . n 
A 1 103 LYS 103 220 ?   ?   ?   A . n 
A 1 104 SER 104 221 ?   ?   ?   A . n 
A 1 105 ASP 105 222 222 ASP ASP A . n 
A 1 106 MET 106 223 223 MET MET A . n 
A 1 107 TYR 107 224 224 TYR TYR A . n 
A 1 108 ILE 108 225 225 ILE ILE A . n 
A 1 109 ILE 109 226 226 ILE ILE A . n 
A 1 110 CYS 110 227 227 CYS CYS A . n 
A 1 111 ARG 111 228 228 ARG ARG A . n 
A 1 112 LEU 112 229 229 LEU LEU A . n 
A 1 113 LYS 113 230 230 LYS LYS A . n 
A 1 114 PRO 114 231 231 PRO PRO A . n 
A 1 115 TYR 115 232 232 TYR TYR A . n 
A 1 116 SER 116 233 233 SER SER A . n 
A 1 117 PHE 117 234 234 PHE PHE A . n 
A 1 118 THR 118 235 235 THR THR A . n 
A 1 119 ILE 119 236 236 ILE ILE A . n 
A 1 120 ASN 120 237 237 ASN ASN A . n 
A 1 121 PHE 121 238 238 PHE PHE A . n 
A 1 122 CYS 122 239 239 CYS CYS A . n 
A 1 123 GLN 123 240 240 GLN GLN A . n 
A 1 124 GLU 124 241 241 GLU GLU A . n 
A 1 125 GLU 125 242 242 GLU GLU A . n 
A 1 126 CYS 126 243 243 CYS CYS A . n 
A 1 127 LEU 127 244 244 LEU LEU A . n 
A 1 128 ARG 128 245 245 ARG ARG A . n 
A 1 129 CYS 129 246 246 CYS CYS A . n 
A 1 130 GLU 130 247 247 GLU GLU A . n 
A 1 131 TRP 131 248 248 TRP TRP A . n 
A 1 132 MET 132 249 249 MET MET A . n 
A 1 133 ASP 133 250 250 ASP ASP A . n 
A 1 134 LEU 134 251 251 LEU LEU A . n 
A 1 135 ASN 135 252 252 ASN ASN A . n 
A 1 136 ASP 136 253 253 ASP ASP A . n 
A 1 137 LEU 137 254 254 LEU LEU A . n 
A 1 138 ALA 138 255 255 ALA ALA A . n 
A 1 139 LYS 139 256 256 LYS LYS A . n 
A 1 140 THR 140 257 257 THR THR A . n 
A 1 141 GLU 141 258 258 GLU GLU A . n 
A 1 142 ASN 142 259 259 ASN ASN A . n 
A 1 143 THR 143 260 260 THR THR A . n 
A 1 144 THR 144 261 261 THR THR A . n 
A 1 145 PRO 145 262 262 PRO PRO A . n 
A 1 146 ILE 146 263 263 ILE ILE A . n 
A 1 147 THR 147 264 264 THR THR A . n 
A 1 148 SER 148 265 265 SER SER A . n 
A 1 149 ARG 149 266 266 ARG ARG A . n 
A 1 150 VAL 150 267 267 VAL VAL A . n 
A 1 151 ALA 151 268 268 ALA ALA A . n 
A 1 152 ARG 152 269 269 ARG ARG A . n 
A 1 153 LEU 153 270 270 LEU LEU A . n 
A 1 154 LEU 154 271 271 LEU LEU A . n 
A 1 155 LEU 155 272 272 LEU LEU A . n 
A 1 156 TYR 156 273 273 TYR TYR A . n 
A 1 157 GLY 157 274 274 GLY GLY A . n 
A 1 158 TYR 158 275 275 TYR TYR A . n 
A 1 159 ARG 159 276 276 ARG ARG A . n 
A 1 160 GLU 160 277 277 GLU GLU A . n 
A 1 161 GLY 161 278 278 GLY GLY A . n 
A 1 162 PHE 162 279 279 PHE PHE A . n 
A 1 163 ASP 163 280 280 ASP ASP A . n 
A 1 164 LYS 164 281 281 LYS LYS A . n 
A 1 165 ILE 165 282 282 ILE ILE A . n 
A 1 166 ASP 166 283 283 ASP ASP A . n 
A 1 167 LEU 167 284 284 LEU LEU A . n 
A 1 168 THR 168 285 285 THR THR A . n 
A 1 169 VAL 169 286 286 VAL VAL A . n 
A 1 170 GLU 170 287 287 GLU GLU A . n 
A 1 171 GLU 171 288 288 GLU GLU A . n 
A 1 172 LEU 172 289 289 LEU LEU A . n 
A 1 173 PRO 173 290 290 PRO PRO A . n 
A 1 174 ALA 174 291 291 ALA ALA A . n 
A 1 175 VAL 175 292 292 VAL VAL A . n 
A 1 176 TYR 176 293 293 TYR TYR A . n 
A 1 177 THR 177 294 294 THR THR A . n 
A 1 178 GLY 178 295 295 GLY GLY A . n 
A 1 179 LEU 179 296 296 LEU LEU A . n 
A 1 180 PHE 180 297 297 PHE PHE A . n 
A 1 181 TYR 181 298 298 TYR TYR A . n 
A 1 182 LYS 182 299 299 LYS LYS A . n 
A 1 183 LEU 183 300 300 LEU LEU A . n 
A 1 184 TYR 184 301 301 TYR TYR A . n 
A 1 185 HIS 185 302 302 HIS HIS A . n 
A 1 186 LYS 186 303 303 LYS LYS A . n 
A 1 187 GLU 187 304 304 GLU GLU A . n 
A 1 188 LEU 188 305 305 LEU LEU A . n 
A 1 189 PRO 189 306 306 PRO PRO A . n 
A 1 190 GLU 190 307 307 GLU GLU A . n 
A 1 191 ASN 191 308 308 ASN ASN A . n 
A 1 192 TYR 192 309 309 TYR TYR A . n 
A 1 193 LYS 193 310 310 LYS LYS A . n 
A 1 194 THR 194 311 311 THR THR A . n 
A 1 195 MET 195 312 312 MET MET A . n 
A 1 196 LYS 196 313 ?   ?   ?   A . n 
A 1 197 GLY 197 314 ?   ?   ?   A . n 
A 1 198 ILE 198 315 ?   ?   ?   A . n 
A 1 199 ASP 199 316 ?   ?   ?   A . n 
# 
_pdbx_SG_project.id                    1 
_pdbx_SG_project.project_name          ? 
_pdbx_SG_project.full_name_of_center   'Structural Genomics Consortium' 
_pdbx_SG_project.initial_of_center     SGC 
# 
loop_
_pdbx_nonpoly_scheme.asym_id 
_pdbx_nonpoly_scheme.entity_id 
_pdbx_nonpoly_scheme.mon_id 
_pdbx_nonpoly_scheme.ndb_seq_num 
_pdbx_nonpoly_scheme.pdb_seq_num 
_pdbx_nonpoly_scheme.auth_seq_num 
_pdbx_nonpoly_scheme.pdb_mon_id 
_pdbx_nonpoly_scheme.auth_mon_id 
_pdbx_nonpoly_scheme.pdb_strand_id 
_pdbx_nonpoly_scheme.pdb_ins_code 
B 2 FLC 1   1    1    FLC FLC A . 
C 3 GOL 1   2    2    GOL GOL A . 
D 3 GOL 1   3    3    GOL GOL A . 
E 4 HOH 1   1001 1001 HOH HOH A . 
E 4 HOH 2   1002 1002 HOH HOH A . 
E 4 HOH 3   1003 1003 HOH HOH A . 
E 4 HOH 4   1004 1004 HOH HOH A . 
E 4 HOH 5   1005 1005 HOH HOH A . 
E 4 HOH 6   1006 1006 HOH HOH A . 
E 4 HOH 7   1007 1007 HOH HOH A . 
E 4 HOH 8   1008 1008 HOH HOH A . 
E 4 HOH 9   1009 1009 HOH HOH A . 
E 4 HOH 10  1010 1010 HOH HOH A . 
E 4 HOH 11  1011 1011 HOH HOH A . 
E 4 HOH 12  1012 1012 HOH HOH A . 
E 4 HOH 13  1013 1013 HOH HOH A . 
E 4 HOH 14  1014 1014 HOH HOH A . 
E 4 HOH 15  1015 1015 HOH HOH A . 
E 4 HOH 16  1016 1016 HOH HOH A . 
E 4 HOH 17  1017 1017 HOH HOH A . 
E 4 HOH 18  1018 1018 HOH HOH A . 
E 4 HOH 19  1019 1019 HOH HOH A . 
E 4 HOH 20  1020 1020 HOH HOH A . 
E 4 HOH 21  1021 1021 HOH HOH A . 
E 4 HOH 22  1022 1022 HOH HOH A . 
E 4 HOH 23  1023 1023 HOH HOH A . 
E 4 HOH 24  1024 1024 HOH HOH A . 
E 4 HOH 25  1025 1025 HOH HOH A . 
E 4 HOH 26  1026 1026 HOH HOH A . 
E 4 HOH 27  1027 1027 HOH HOH A . 
E 4 HOH 28  1028 1028 HOH HOH A . 
E 4 HOH 29  1029 1029 HOH HOH A . 
E 4 HOH 30  1030 1030 HOH HOH A . 
E 4 HOH 31  1031 1031 HOH HOH A . 
E 4 HOH 32  1032 1032 HOH HOH A . 
E 4 HOH 33  1033 1033 HOH HOH A . 
E 4 HOH 34  1034 1034 HOH HOH A . 
E 4 HOH 35  1035 1035 HOH HOH A . 
E 4 HOH 36  1036 1036 HOH HOH A . 
E 4 HOH 37  1037 1037 HOH HOH A . 
E 4 HOH 38  1038 1038 HOH HOH A . 
E 4 HOH 39  1039 1039 HOH HOH A . 
E 4 HOH 40  1040 1040 HOH HOH A . 
E 4 HOH 41  1041 1041 HOH HOH A . 
E 4 HOH 42  1042 1042 HOH HOH A . 
E 4 HOH 43  1043 1043 HOH HOH A . 
E 4 HOH 44  1044 1044 HOH HOH A . 
E 4 HOH 45  1045 1045 HOH HOH A . 
E 4 HOH 46  1046 1046 HOH HOH A . 
E 4 HOH 47  1047 1047 HOH HOH A . 
E 4 HOH 48  1048 1048 HOH HOH A . 
E 4 HOH 49  1049 1049 HOH HOH A . 
E 4 HOH 50  1050 1050 HOH HOH A . 
E 4 HOH 51  1051 1051 HOH HOH A . 
E 4 HOH 52  1052 1052 HOH HOH A . 
E 4 HOH 53  1054 1054 HOH HOH A . 
E 4 HOH 54  1055 1055 HOH HOH A . 
E 4 HOH 55  1056 1056 HOH HOH A . 
E 4 HOH 56  1057 1057 HOH HOH A . 
E 4 HOH 57  1058 1058 HOH HOH A . 
E 4 HOH 58  1059 1059 HOH HOH A . 
E 4 HOH 59  1060 1060 HOH HOH A . 
E 4 HOH 60  1061 1061 HOH HOH A . 
E 4 HOH 61  1062 1062 HOH HOH A . 
E 4 HOH 62  1063 1063 HOH HOH A . 
E 4 HOH 63  1064 1064 HOH HOH A . 
E 4 HOH 64  1065 1065 HOH HOH A . 
E 4 HOH 65  1066 1066 HOH HOH A . 
E 4 HOH 66  1067 1067 HOH HOH A . 
E 4 HOH 67  1068 1068 HOH HOH A . 
E 4 HOH 68  1069 1069 HOH HOH A . 
E 4 HOH 69  1070 1070 HOH HOH A . 
E 4 HOH 70  1071 1071 HOH HOH A . 
E 4 HOH 71  1072 1072 HOH HOH A . 
E 4 HOH 72  1073 1073 HOH HOH A . 
E 4 HOH 73  1074 1074 HOH HOH A . 
E 4 HOH 74  1075 1075 HOH HOH A . 
E 4 HOH 75  1076 1076 HOH HOH A . 
E 4 HOH 76  1077 1077 HOH HOH A . 
E 4 HOH 77  1079 1079 HOH HOH A . 
E 4 HOH 78  1080 1080 HOH HOH A . 
E 4 HOH 79  1081 1081 HOH HOH A . 
E 4 HOH 80  1082 1082 HOH HOH A . 
E 4 HOH 81  1083 1083 HOH HOH A . 
E 4 HOH 82  1084 1084 HOH HOH A . 
E 4 HOH 83  1085 1085 HOH HOH A . 
E 4 HOH 84  1086 1086 HOH HOH A . 
E 4 HOH 85  1087 1087 HOH HOH A . 
E 4 HOH 86  1088 1088 HOH HOH A . 
E 4 HOH 87  1089 1089 HOH HOH A . 
E 4 HOH 88  1090 1090 HOH HOH A . 
E 4 HOH 89  1091 1091 HOH HOH A . 
E 4 HOH 90  1092 1092 HOH HOH A . 
E 4 HOH 91  1093 1093 HOH HOH A . 
E 4 HOH 92  1094 1094 HOH HOH A . 
E 4 HOH 93  1095 1095 HOH HOH A . 
E 4 HOH 94  1096 1096 HOH HOH A . 
E 4 HOH 95  1097 1097 HOH HOH A . 
E 4 HOH 96  1098 1098 HOH HOH A . 
E 4 HOH 97  1099 1099 HOH HOH A . 
E 4 HOH 98  1100 1100 HOH HOH A . 
E 4 HOH 99  1101 1101 HOH HOH A . 
E 4 HOH 100 1102 1102 HOH HOH A . 
E 4 HOH 101 1103 1103 HOH HOH A . 
E 4 HOH 102 1104 1104 HOH HOH A . 
E 4 HOH 103 1105 1105 HOH HOH A . 
E 4 HOH 104 1106 1106 HOH HOH A . 
E 4 HOH 105 1107 1107 HOH HOH A . 
E 4 HOH 106 1108 1108 HOH HOH A . 
E 4 HOH 107 1109 1109 HOH HOH A . 
E 4 HOH 108 1110 1110 HOH HOH A . 
E 4 HOH 109 1111 1111 HOH HOH A . 
E 4 HOH 110 1112 1112 HOH HOH A . 
E 4 HOH 111 1113 1113 HOH HOH A . 
E 4 HOH 112 1114 1114 HOH HOH A . 
E 4 HOH 113 1115 1115 HOH HOH A . 
E 4 HOH 114 1116 1116 HOH HOH A . 
E 4 HOH 115 1117 1117 HOH HOH A . 
E 4 HOH 116 1118 1118 HOH HOH A . 
E 4 HOH 117 1119 1119 HOH HOH A . 
E 4 HOH 118 1120 1120 HOH HOH A . 
E 4 HOH 119 1121 1121 HOH HOH A . 
E 4 HOH 120 1122 1122 HOH HOH A . 
E 4 HOH 121 1124 1124 HOH HOH A . 
E 4 HOH 122 1125 1125 HOH HOH A . 
E 4 HOH 123 1126 1126 HOH HOH A . 
E 4 HOH 124 1127 1127 HOH HOH A . 
E 4 HOH 125 1128 1128 HOH HOH A . 
E 4 HOH 126 1129 1129 HOH HOH A . 
E 4 HOH 127 1130 1130 HOH HOH A . 
E 4 HOH 128 1131 1131 HOH HOH A . 
E 4 HOH 129 1133 1133 HOH HOH A . 
E 4 HOH 130 1134 1134 HOH HOH A . 
E 4 HOH 131 1135 1135 HOH HOH A . 
E 4 HOH 132 1136 1136 HOH HOH A . 
E 4 HOH 133 1139 1139 HOH HOH A . 
E 4 HOH 134 1140 1140 HOH HOH A . 
E 4 HOH 135 1143 1143 HOH HOH A . 
E 4 HOH 136 1144 1144 HOH HOH A . 
E 4 HOH 137 1145 1145 HOH HOH A . 
E 4 HOH 138 1146 1146 HOH HOH A . 
E 4 HOH 139 1148 1148 HOH HOH A . 
E 4 HOH 140 1151 1151 HOH HOH A . 
E 4 HOH 141 1152 1152 HOH HOH A . 
E 4 HOH 142 1153 1153 HOH HOH A . 
E 4 HOH 143 1154 1154 HOH HOH A . 
# 
_pdbx_struct_assembly.id                   1 
_pdbx_struct_assembly.details              author_and_software_defined_assembly 
_pdbx_struct_assembly.method_details       PISA 
_pdbx_struct_assembly.oligomeric_details   dimeric 
_pdbx_struct_assembly.oligomeric_count     2 
# 
_pdbx_struct_assembly_gen.assembly_id       1 
_pdbx_struct_assembly_gen.oper_expression   1,2 
_pdbx_struct_assembly_gen.asym_id_list      A,B,C,D,E 
# 
loop_
_pdbx_struct_assembly_prop.biol_id 
_pdbx_struct_assembly_prop.type 
_pdbx_struct_assembly_prop.value 
_pdbx_struct_assembly_prop.details 
1 'ABSA (A^2)' 6610  ? 
1 MORE         -32   ? 
1 'SSA (A^2)'  14950 ? 
# 
loop_
_pdbx_struct_oper_list.id 
_pdbx_struct_oper_list.type 
_pdbx_struct_oper_list.name 
_pdbx_struct_oper_list.symmetry_operation 
_pdbx_struct_oper_list.matrix[1][1] 
_pdbx_struct_oper_list.matrix[1][2] 
_pdbx_struct_oper_list.matrix[1][3] 
_pdbx_struct_oper_list.vector[1] 
_pdbx_struct_oper_list.matrix[2][1] 
_pdbx_struct_oper_list.matrix[2][2] 
_pdbx_struct_oper_list.matrix[2][3] 
_pdbx_struct_oper_list.vector[2] 
_pdbx_struct_oper_list.matrix[3][1] 
_pdbx_struct_oper_list.matrix[3][2] 
_pdbx_struct_oper_list.matrix[3][3] 
_pdbx_struct_oper_list.vector[3] 
1 'identity operation'         1_555 x,y,z    1.0000000000 0.0000000000 0.0000000000 0.0000000000 0.0000000000 1.0000000000  0.0000000000 0.0000000000   0.0000000000 0.0000000000 1.0000000000  0.0000000000 
2 'crystal symmetry operation' 7_556 y,x,-z+1 0.6499378379 0.6933711203 0.3111547789 7.5545236307 0.6933711203 -0.7086171979 0.1307599187 -21.9922522722 0.3111547789 0.1307599187 -0.9413206400 8.9482739774 
# 
_pdbx_struct_special_symmetry.id              1 
_pdbx_struct_special_symmetry.PDB_model_num   1 
_pdbx_struct_special_symmetry.auth_asym_id    A 
_pdbx_struct_special_symmetry.auth_comp_id    HOH 
_pdbx_struct_special_symmetry.auth_seq_id     1131 
_pdbx_struct_special_symmetry.PDB_ins_code    ? 
_pdbx_struct_special_symmetry.label_asym_id   E 
_pdbx_struct_special_symmetry.label_comp_id   HOH 
_pdbx_struct_special_symmetry.label_seq_id    . 
# 
loop_
_pdbx_audit_revision_history.ordinal 
_pdbx_audit_revision_history.data_content_type 
_pdbx_audit_revision_history.major_revision 
_pdbx_audit_revision_history.minor_revision 
_pdbx_audit_revision_history.revision_date 
1 'Structure model' 1 0 2009-07-07 
2 'Structure model' 1 1 2011-07-13 
3 'Structure model' 1 2 2023-09-06 
# 
_pdbx_audit_revision_details.ordinal             1 
_pdbx_audit_revision_details.revision_ordinal    1 
_pdbx_audit_revision_details.data_content_type   'Structure model' 
_pdbx_audit_revision_details.provider            repository 
_pdbx_audit_revision_details.type                'Initial release' 
_pdbx_audit_revision_details.description         ? 
_pdbx_audit_revision_details.details             ? 
# 
loop_
_pdbx_audit_revision_group.ordinal 
_pdbx_audit_revision_group.revision_ordinal 
_pdbx_audit_revision_group.data_content_type 
_pdbx_audit_revision_group.group 
1 2 'Structure model' 'Non-polymer description'   
2 2 'Structure model' 'Version format compliance' 
3 3 'Structure model' 'Data collection'           
4 3 'Structure model' 'Database references'       
5 3 'Structure model' 'Derived calculations'      
6 3 'Structure model' 'Refinement description'    
# 
loop_
_pdbx_audit_revision_category.ordinal 
_pdbx_audit_revision_category.revision_ordinal 
_pdbx_audit_revision_category.data_content_type 
_pdbx_audit_revision_category.category 
1 3 'Structure model' chem_comp_atom                
2 3 'Structure model' chem_comp_bond                
3 3 'Structure model' database_2                    
4 3 'Structure model' pdbx_initial_refinement_model 
5 3 'Structure model' struct_ref_seq_dif            
6 3 'Structure model' struct_site                   
# 
loop_
_pdbx_audit_revision_item.ordinal 
_pdbx_audit_revision_item.revision_ordinal 
_pdbx_audit_revision_item.data_content_type 
_pdbx_audit_revision_item.item 
1 3 'Structure model' '_database_2.pdbx_DOI'                
2 3 'Structure model' '_database_2.pdbx_database_accession' 
3 3 'Structure model' '_struct_ref_seq_dif.details'         
4 3 'Structure model' '_struct_site.pdbx_auth_asym_id'      
5 3 'Structure model' '_struct_site.pdbx_auth_comp_id'      
6 3 'Structure model' '_struct_site.pdbx_auth_seq_id'       
# 
loop_
_software.name 
_software.classification 
_software.version 
_software.citation_id 
_software.pdbx_ordinal 
ADSC   'data collection' Quantum  ? 1 
MrBUMP phasing           .        ? 2 
REFMAC refinement        5.5.0066 ? 3 
XDS    'data reduction'  .        ? 4 
SCALA  'data scaling'    .        ? 5 
# 
loop_
_pdbx_validate_close_contact.id 
_pdbx_validate_close_contact.PDB_model_num 
_pdbx_validate_close_contact.auth_atom_id_1 
_pdbx_validate_close_contact.auth_asym_id_1 
_pdbx_validate_close_contact.auth_comp_id_1 
_pdbx_validate_close_contact.auth_seq_id_1 
_pdbx_validate_close_contact.PDB_ins_code_1 
_pdbx_validate_close_contact.label_alt_id_1 
_pdbx_validate_close_contact.auth_atom_id_2 
_pdbx_validate_close_contact.auth_asym_id_2 
_pdbx_validate_close_contact.auth_comp_id_2 
_pdbx_validate_close_contact.auth_seq_id_2 
_pdbx_validate_close_contact.PDB_ins_code_2 
_pdbx_validate_close_contact.label_alt_id_2 
_pdbx_validate_close_contact.dist 
1 1 O   A HOH 1152 ? ? O A HOH 1153 ? ? 2.03 
2 1 OG2 A FLC 1    ? B O A HOH 1129 ? ? 2.05 
3 1 OD1 A ASP 280  ? ? O A HOH 1121 ? ? 2.09 
4 1 O   A HOH 1112 ? ? O A HOH 1145 ? ? 2.10 
# 
_pdbx_validate_symm_contact.id                1 
_pdbx_validate_symm_contact.PDB_model_num     1 
_pdbx_validate_symm_contact.auth_atom_id_1    NZ 
_pdbx_validate_symm_contact.auth_asym_id_1    A 
_pdbx_validate_symm_contact.auth_comp_id_1    LYS 
_pdbx_validate_symm_contact.auth_seq_id_1     172 
_pdbx_validate_symm_contact.PDB_ins_code_1    ? 
_pdbx_validate_symm_contact.label_alt_id_1    ? 
_pdbx_validate_symm_contact.site_symmetry_1   1_555 
_pdbx_validate_symm_contact.auth_atom_id_2    OG2 
_pdbx_validate_symm_contact.auth_asym_id_2    A 
_pdbx_validate_symm_contact.auth_comp_id_2    FLC 
_pdbx_validate_symm_contact.auth_seq_id_2     1 
_pdbx_validate_symm_contact.PDB_ins_code_2    ? 
_pdbx_validate_symm_contact.label_alt_id_2    B 
_pdbx_validate_symm_contact.site_symmetry_2   7_556 
_pdbx_validate_symm_contact.dist              2.19 
# 
loop_
_pdbx_validate_rmsd_angle.id 
_pdbx_validate_rmsd_angle.PDB_model_num 
_pdbx_validate_rmsd_angle.auth_atom_id_1 
_pdbx_validate_rmsd_angle.auth_asym_id_1 
_pdbx_validate_rmsd_angle.auth_comp_id_1 
_pdbx_validate_rmsd_angle.auth_seq_id_1 
_pdbx_validate_rmsd_angle.PDB_ins_code_1 
_pdbx_validate_rmsd_angle.label_alt_id_1 
_pdbx_validate_rmsd_angle.auth_atom_id_2 
_pdbx_validate_rmsd_angle.auth_asym_id_2 
_pdbx_validate_rmsd_angle.auth_comp_id_2 
_pdbx_validate_rmsd_angle.auth_seq_id_2 
_pdbx_validate_rmsd_angle.PDB_ins_code_2 
_pdbx_validate_rmsd_angle.label_alt_id_2 
_pdbx_validate_rmsd_angle.auth_atom_id_3 
_pdbx_validate_rmsd_angle.auth_asym_id_3 
_pdbx_validate_rmsd_angle.auth_comp_id_3 
_pdbx_validate_rmsd_angle.auth_seq_id_3 
_pdbx_validate_rmsd_angle.PDB_ins_code_3 
_pdbx_validate_rmsd_angle.label_alt_id_3 
_pdbx_validate_rmsd_angle.angle_value 
_pdbx_validate_rmsd_angle.angle_target_value 
_pdbx_validate_rmsd_angle.angle_deviation 
_pdbx_validate_rmsd_angle.angle_standard_deviation 
_pdbx_validate_rmsd_angle.linker_flag 
1 1 NE A ARG 156 ? ? CZ A ARG 156 ? ? NH1 A ARG 156 ? ? 123.87 120.30 3.57  0.50 N 
2 1 NE A ARG 156 ? ? CZ A ARG 156 ? ? NH2 A ARG 156 ? ? 116.20 120.30 -4.10 0.50 N 
3 1 NE A ARG 266 ? ? CZ A ARG 266 ? ? NH2 A ARG 266 ? ? 116.74 120.30 -3.56 0.50 N 
# 
loop_
_pdbx_validate_torsion.id 
_pdbx_validate_torsion.PDB_model_num 
_pdbx_validate_torsion.auth_comp_id 
_pdbx_validate_torsion.auth_asym_id 
_pdbx_validate_torsion.auth_seq_id 
_pdbx_validate_torsion.PDB_ins_code 
_pdbx_validate_torsion.label_alt_id 
_pdbx_validate_torsion.phi 
_pdbx_validate_torsion.psi 
1 1 GLU A 181 ? ? 79.49   -5.67   
2 1 GLN A 211 ? ? -125.25 -159.61 
# 
loop_
_pdbx_unobs_or_zero_occ_residues.id 
_pdbx_unobs_or_zero_occ_residues.PDB_model_num 
_pdbx_unobs_or_zero_occ_residues.polymer_flag 
_pdbx_unobs_or_zero_occ_residues.occupancy_flag 
_pdbx_unobs_or_zero_occ_residues.auth_asym_id 
_pdbx_unobs_or_zero_occ_residues.auth_comp_id 
_pdbx_unobs_or_zero_occ_residues.auth_seq_id 
_pdbx_unobs_or_zero_occ_residues.PDB_ins_code 
_pdbx_unobs_or_zero_occ_residues.label_asym_id 
_pdbx_unobs_or_zero_occ_residues.label_comp_id 
_pdbx_unobs_or_zero_occ_residues.label_seq_id 
1  1 Y 1 A MET 118 ? A MET 1   
2  1 Y 1 A HIS 119 ? A HIS 2   
3  1 Y 1 A HIS 120 ? A HIS 3   
4  1 Y 1 A HIS 121 ? A HIS 4   
5  1 Y 1 A HIS 122 ? A HIS 5   
6  1 Y 1 A HIS 123 ? A HIS 6   
7  1 Y 1 A HIS 124 ? A HIS 7   
8  1 Y 1 A SER 125 ? A SER 8   
9  1 Y 1 A SER 126 ? A SER 9   
10 1 Y 1 A GLY 127 ? A GLY 10  
11 1 Y 1 A VAL 128 ? A VAL 11  
12 1 Y 1 A ASP 129 ? A ASP 12  
13 1 Y 1 A LEU 130 ? A LEU 13  
14 1 Y 1 A GLY 131 ? A GLY 14  
15 1 Y 1 A THR 132 ? A THR 15  
16 1 Y 1 A GLU 133 ? A GLU 16  
17 1 Y 1 A ASN 134 ? A ASN 17  
18 1 Y 1 A LEU 135 ? A LEU 18  
19 1 Y 1 A TYR 136 ? A TYR 19  
20 1 Y 1 A PHE 137 ? A PHE 20  
21 1 Y 1 A GLN 138 ? A GLN 21  
22 1 Y 1 A SER 139 ? A SER 22  
23 1 Y 1 A MET 140 ? A MET 23  
24 1 Y 1 A SER 141 ? A SER 24  
25 1 Y 1 A HIS 142 ? A HIS 25  
26 1 Y 1 A THR 213 ? A THR 96  
27 1 Y 1 A ASN 214 ? A ASN 97  
28 1 Y 1 A PRO 215 ? A PRO 98  
29 1 Y 1 A GLY 216 ? A GLY 99  
30 1 Y 1 A ALA 217 ? A ALA 100 
31 1 Y 1 A PHE 218 ? A PHE 101 
32 1 Y 1 A GLY 219 ? A GLY 102 
33 1 Y 1 A LYS 220 ? A LYS 103 
34 1 Y 1 A SER 221 ? A SER 104 
35 1 Y 1 A LYS 313 ? A LYS 196 
36 1 Y 1 A GLY 314 ? A GLY 197 
37 1 Y 1 A ILE 315 ? A ILE 198 
38 1 Y 1 A ASP 316 ? A ASP 199 
# 
loop_
_chem_comp_atom.comp_id 
_chem_comp_atom.atom_id 
_chem_comp_atom.type_symbol 
_chem_comp_atom.pdbx_aromatic_flag 
_chem_comp_atom.pdbx_stereo_config 
_chem_comp_atom.pdbx_ordinal 
ALA N    N N N 1   
ALA CA   C N S 2   
ALA C    C N N 3   
ALA O    O N N 4   
ALA CB   C N N 5   
ALA OXT  O N N 6   
ALA H    H N N 7   
ALA H2   H N N 8   
ALA HA   H N N 9   
ALA HB1  H N N 10  
ALA HB2  H N N 11  
ALA HB3  H N N 12  
ALA HXT  H N N 13  
ARG N    N N N 14  
ARG CA   C N S 15  
ARG C    C N N 16  
ARG O    O N N 17  
ARG CB   C N N 18  
ARG CG   C N N 19  
ARG CD   C N N 20  
ARG NE   N N N 21  
ARG CZ   C N N 22  
ARG NH1  N N N 23  
ARG NH2  N N N 24  
ARG OXT  O N N 25  
ARG H    H N N 26  
ARG H2   H N N 27  
ARG HA   H N N 28  
ARG HB2  H N N 29  
ARG HB3  H N N 30  
ARG HG2  H N N 31  
ARG HG3  H N N 32  
ARG HD2  H N N 33  
ARG HD3  H N N 34  
ARG HE   H N N 35  
ARG HH11 H N N 36  
ARG HH12 H N N 37  
ARG HH21 H N N 38  
ARG HH22 H N N 39  
ARG HXT  H N N 40  
ASN N    N N N 41  
ASN CA   C N S 42  
ASN C    C N N 43  
ASN O    O N N 44  
ASN CB   C N N 45  
ASN CG   C N N 46  
ASN OD1  O N N 47  
ASN ND2  N N N 48  
ASN OXT  O N N 49  
ASN H    H N N 50  
ASN H2   H N N 51  
ASN HA   H N N 52  
ASN HB2  H N N 53  
ASN HB3  H N N 54  
ASN HD21 H N N 55  
ASN HD22 H N N 56  
ASN HXT  H N N 57  
ASP N    N N N 58  
ASP CA   C N S 59  
ASP C    C N N 60  
ASP O    O N N 61  
ASP CB   C N N 62  
ASP CG   C N N 63  
ASP OD1  O N N 64  
ASP OD2  O N N 65  
ASP OXT  O N N 66  
ASP H    H N N 67  
ASP H2   H N N 68  
ASP HA   H N N 69  
ASP HB2  H N N 70  
ASP HB3  H N N 71  
ASP HD2  H N N 72  
ASP HXT  H N N 73  
CYS N    N N N 74  
CYS CA   C N R 75  
CYS C    C N N 76  
CYS O    O N N 77  
CYS CB   C N N 78  
CYS SG   S N N 79  
CYS OXT  O N N 80  
CYS H    H N N 81  
CYS H2   H N N 82  
CYS HA   H N N 83  
CYS HB2  H N N 84  
CYS HB3  H N N 85  
CYS HG   H N N 86  
CYS HXT  H N N 87  
FLC CAC  C N N 88  
FLC CA   C N N 89  
FLC CB   C N N 90  
FLC CBC  C N N 91  
FLC CG   C N N 92  
FLC CGC  C N N 93  
FLC OA1  O N N 94  
FLC OA2  O N N 95  
FLC OB1  O N N 96  
FLC OB2  O N N 97  
FLC OG1  O N N 98  
FLC OG2  O N N 99  
FLC OHB  O N N 100 
FLC HA1  H N N 101 
FLC HA2  H N N 102 
FLC HG1  H N N 103 
FLC HG2  H N N 104 
FLC HOB  H N N 105 
GLN N    N N N 106 
GLN CA   C N S 107 
GLN C    C N N 108 
GLN O    O N N 109 
GLN CB   C N N 110 
GLN CG   C N N 111 
GLN CD   C N N 112 
GLN OE1  O N N 113 
GLN NE2  N N N 114 
GLN OXT  O N N 115 
GLN H    H N N 116 
GLN H2   H N N 117 
GLN HA   H N N 118 
GLN HB2  H N N 119 
GLN HB3  H N N 120 
GLN HG2  H N N 121 
GLN HG3  H N N 122 
GLN HE21 H N N 123 
GLN HE22 H N N 124 
GLN HXT  H N N 125 
GLU N    N N N 126 
GLU CA   C N S 127 
GLU C    C N N 128 
GLU O    O N N 129 
GLU CB   C N N 130 
GLU CG   C N N 131 
GLU CD   C N N 132 
GLU OE1  O N N 133 
GLU OE2  O N N 134 
GLU OXT  O N N 135 
GLU H    H N N 136 
GLU H2   H N N 137 
GLU HA   H N N 138 
GLU HB2  H N N 139 
GLU HB3  H N N 140 
GLU HG2  H N N 141 
GLU HG3  H N N 142 
GLU HE2  H N N 143 
GLU HXT  H N N 144 
GLY N    N N N 145 
GLY CA   C N N 146 
GLY C    C N N 147 
GLY O    O N N 148 
GLY OXT  O N N 149 
GLY H    H N N 150 
GLY H2   H N N 151 
GLY HA2  H N N 152 
GLY HA3  H N N 153 
GLY HXT  H N N 154 
GOL C1   C N N 155 
GOL O1   O N N 156 
GOL C2   C N N 157 
GOL O2   O N N 158 
GOL C3   C N N 159 
GOL O3   O N N 160 
GOL H11  H N N 161 
GOL H12  H N N 162 
GOL HO1  H N N 163 
GOL H2   H N N 164 
GOL HO2  H N N 165 
GOL H31  H N N 166 
GOL H32  H N N 167 
GOL HO3  H N N 168 
HIS N    N N N 169 
HIS CA   C N S 170 
HIS C    C N N 171 
HIS O    O N N 172 
HIS CB   C N N 173 
HIS CG   C Y N 174 
HIS ND1  N Y N 175 
HIS CD2  C Y N 176 
HIS CE1  C Y N 177 
HIS NE2  N Y N 178 
HIS OXT  O N N 179 
HIS H    H N N 180 
HIS H2   H N N 181 
HIS HA   H N N 182 
HIS HB2  H N N 183 
HIS HB3  H N N 184 
HIS HD1  H N N 185 
HIS HD2  H N N 186 
HIS HE1  H N N 187 
HIS HE2  H N N 188 
HIS HXT  H N N 189 
HOH O    O N N 190 
HOH H1   H N N 191 
HOH H2   H N N 192 
ILE N    N N N 193 
ILE CA   C N S 194 
ILE C    C N N 195 
ILE O    O N N 196 
ILE CB   C N S 197 
ILE CG1  C N N 198 
ILE CG2  C N N 199 
ILE CD1  C N N 200 
ILE OXT  O N N 201 
ILE H    H N N 202 
ILE H2   H N N 203 
ILE HA   H N N 204 
ILE HB   H N N 205 
ILE HG12 H N N 206 
ILE HG13 H N N 207 
ILE HG21 H N N 208 
ILE HG22 H N N 209 
ILE HG23 H N N 210 
ILE HD11 H N N 211 
ILE HD12 H N N 212 
ILE HD13 H N N 213 
ILE HXT  H N N 214 
LEU N    N N N 215 
LEU CA   C N S 216 
LEU C    C N N 217 
LEU O    O N N 218 
LEU CB   C N N 219 
LEU CG   C N N 220 
LEU CD1  C N N 221 
LEU CD2  C N N 222 
LEU OXT  O N N 223 
LEU H    H N N 224 
LEU H2   H N N 225 
LEU HA   H N N 226 
LEU HB2  H N N 227 
LEU HB3  H N N 228 
LEU HG   H N N 229 
LEU HD11 H N N 230 
LEU HD12 H N N 231 
LEU HD13 H N N 232 
LEU HD21 H N N 233 
LEU HD22 H N N 234 
LEU HD23 H N N 235 
LEU HXT  H N N 236 
LYS N    N N N 237 
LYS CA   C N S 238 
LYS C    C N N 239 
LYS O    O N N 240 
LYS CB   C N N 241 
LYS CG   C N N 242 
LYS CD   C N N 243 
LYS CE   C N N 244 
LYS NZ   N N N 245 
LYS OXT  O N N 246 
LYS H    H N N 247 
LYS H2   H N N 248 
LYS HA   H N N 249 
LYS HB2  H N N 250 
LYS HB3  H N N 251 
LYS HG2  H N N 252 
LYS HG3  H N N 253 
LYS HD2  H N N 254 
LYS HD3  H N N 255 
LYS HE2  H N N 256 
LYS HE3  H N N 257 
LYS HZ1  H N N 258 
LYS HZ2  H N N 259 
LYS HZ3  H N N 260 
LYS HXT  H N N 261 
MET N    N N N 262 
MET CA   C N S 263 
MET C    C N N 264 
MET O    O N N 265 
MET CB   C N N 266 
MET CG   C N N 267 
MET SD   S N N 268 
MET CE   C N N 269 
MET OXT  O N N 270 
MET H    H N N 271 
MET H2   H N N 272 
MET HA   H N N 273 
MET HB2  H N N 274 
MET HB3  H N N 275 
MET HG2  H N N 276 
MET HG3  H N N 277 
MET HE1  H N N 278 
MET HE2  H N N 279 
MET HE3  H N N 280 
MET HXT  H N N 281 
PHE N    N N N 282 
PHE CA   C N S 283 
PHE C    C N N 284 
PHE O    O N N 285 
PHE CB   C N N 286 
PHE CG   C Y N 287 
PHE CD1  C Y N 288 
PHE CD2  C Y N 289 
PHE CE1  C Y N 290 
PHE CE2  C Y N 291 
PHE CZ   C Y N 292 
PHE OXT  O N N 293 
PHE H    H N N 294 
PHE H2   H N N 295 
PHE HA   H N N 296 
PHE HB2  H N N 297 
PHE HB3  H N N 298 
PHE HD1  H N N 299 
PHE HD2  H N N 300 
PHE HE1  H N N 301 
PHE HE2  H N N 302 
PHE HZ   H N N 303 
PHE HXT  H N N 304 
PRO N    N N N 305 
PRO CA   C N S 306 
PRO C    C N N 307 
PRO O    O N N 308 
PRO CB   C N N 309 
PRO CG   C N N 310 
PRO CD   C N N 311 
PRO OXT  O N N 312 
PRO H    H N N 313 
PRO HA   H N N 314 
PRO HB2  H N N 315 
PRO HB3  H N N 316 
PRO HG2  H N N 317 
PRO HG3  H N N 318 
PRO HD2  H N N 319 
PRO HD3  H N N 320 
PRO HXT  H N N 321 
SER N    N N N 322 
SER CA   C N S 323 
SER C    C N N 324 
SER O    O N N 325 
SER CB   C N N 326 
SER OG   O N N 327 
SER OXT  O N N 328 
SER H    H N N 329 
SER H2   H N N 330 
SER HA   H N N 331 
SER HB2  H N N 332 
SER HB3  H N N 333 
SER HG   H N N 334 
SER HXT  H N N 335 
THR N    N N N 336 
THR CA   C N S 337 
THR C    C N N 338 
THR O    O N N 339 
THR CB   C N R 340 
THR OG1  O N N 341 
THR CG2  C N N 342 
THR OXT  O N N 343 
THR H    H N N 344 
THR H2   H N N 345 
THR HA   H N N 346 
THR HB   H N N 347 
THR HG1  H N N 348 
THR HG21 H N N 349 
THR HG22 H N N 350 
THR HG23 H N N 351 
THR HXT  H N N 352 
TRP N    N N N 353 
TRP CA   C N S 354 
TRP C    C N N 355 
TRP O    O N N 356 
TRP CB   C N N 357 
TRP CG   C Y N 358 
TRP CD1  C Y N 359 
TRP CD2  C Y N 360 
TRP NE1  N Y N 361 
TRP CE2  C Y N 362 
TRP CE3  C Y N 363 
TRP CZ2  C Y N 364 
TRP CZ3  C Y N 365 
TRP CH2  C Y N 366 
TRP OXT  O N N 367 
TRP H    H N N 368 
TRP H2   H N N 369 
TRP HA   H N N 370 
TRP HB2  H N N 371 
TRP HB3  H N N 372 
TRP HD1  H N N 373 
TRP HE1  H N N 374 
TRP HE3  H N N 375 
TRP HZ2  H N N 376 
TRP HZ3  H N N 377 
TRP HH2  H N N 378 
TRP HXT  H N N 379 
TYR N    N N N 380 
TYR CA   C N S 381 
TYR C    C N N 382 
TYR O    O N N 383 
TYR CB   C N N 384 
TYR CG   C Y N 385 
TYR CD1  C Y N 386 
TYR CD2  C Y N 387 
TYR CE1  C Y N 388 
TYR CE2  C Y N 389 
TYR CZ   C Y N 390 
TYR OH   O N N 391 
TYR OXT  O N N 392 
TYR H    H N N 393 
TYR H2   H N N 394 
TYR HA   H N N 395 
TYR HB2  H N N 396 
TYR HB3  H N N 397 
TYR HD1  H N N 398 
TYR HD2  H N N 399 
TYR HE1  H N N 400 
TYR HE2  H N N 401 
TYR HH   H N N 402 
TYR HXT  H N N 403 
VAL N    N N N 404 
VAL CA   C N S 405 
VAL C    C N N 406 
VAL O    O N N 407 
VAL CB   C N N 408 
VAL CG1  C N N 409 
VAL CG2  C N N 410 
VAL OXT  O N N 411 
VAL H    H N N 412 
VAL H2   H N N 413 
VAL HA   H N N 414 
VAL HB   H N N 415 
VAL HG11 H N N 416 
VAL HG12 H N N 417 
VAL HG13 H N N 418 
VAL HG21 H N N 419 
VAL HG22 H N N 420 
VAL HG23 H N N 421 
VAL HXT  H N N 422 
# 
loop_
_chem_comp_bond.comp_id 
_chem_comp_bond.atom_id_1 
_chem_comp_bond.atom_id_2 
_chem_comp_bond.value_order 
_chem_comp_bond.pdbx_aromatic_flag 
_chem_comp_bond.pdbx_stereo_config 
_chem_comp_bond.pdbx_ordinal 
ALA N   CA   sing N N 1   
ALA N   H    sing N N 2   
ALA N   H2   sing N N 3   
ALA CA  C    sing N N 4   
ALA CA  CB   sing N N 5   
ALA CA  HA   sing N N 6   
ALA C   O    doub N N 7   
ALA C   OXT  sing N N 8   
ALA CB  HB1  sing N N 9   
ALA CB  HB2  sing N N 10  
ALA CB  HB3  sing N N 11  
ALA OXT HXT  sing N N 12  
ARG N   CA   sing N N 13  
ARG N   H    sing N N 14  
ARG N   H2   sing N N 15  
ARG CA  C    sing N N 16  
ARG CA  CB   sing N N 17  
ARG CA  HA   sing N N 18  
ARG C   O    doub N N 19  
ARG C   OXT  sing N N 20  
ARG CB  CG   sing N N 21  
ARG CB  HB2  sing N N 22  
ARG CB  HB3  sing N N 23  
ARG CG  CD   sing N N 24  
ARG CG  HG2  sing N N 25  
ARG CG  HG3  sing N N 26  
ARG CD  NE   sing N N 27  
ARG CD  HD2  sing N N 28  
ARG CD  HD3  sing N N 29  
ARG NE  CZ   sing N N 30  
ARG NE  HE   sing N N 31  
ARG CZ  NH1  sing N N 32  
ARG CZ  NH2  doub N N 33  
ARG NH1 HH11 sing N N 34  
ARG NH1 HH12 sing N N 35  
ARG NH2 HH21 sing N N 36  
ARG NH2 HH22 sing N N 37  
ARG OXT HXT  sing N N 38  
ASN N   CA   sing N N 39  
ASN N   H    sing N N 40  
ASN N   H2   sing N N 41  
ASN CA  C    sing N N 42  
ASN CA  CB   sing N N 43  
ASN CA  HA   sing N N 44  
ASN C   O    doub N N 45  
ASN C   OXT  sing N N 46  
ASN CB  CG   sing N N 47  
ASN CB  HB2  sing N N 48  
ASN CB  HB3  sing N N 49  
ASN CG  OD1  doub N N 50  
ASN CG  ND2  sing N N 51  
ASN ND2 HD21 sing N N 52  
ASN ND2 HD22 sing N N 53  
ASN OXT HXT  sing N N 54  
ASP N   CA   sing N N 55  
ASP N   H    sing N N 56  
ASP N   H2   sing N N 57  
ASP CA  C    sing N N 58  
ASP CA  CB   sing N N 59  
ASP CA  HA   sing N N 60  
ASP C   O    doub N N 61  
ASP C   OXT  sing N N 62  
ASP CB  CG   sing N N 63  
ASP CB  HB2  sing N N 64  
ASP CB  HB3  sing N N 65  
ASP CG  OD1  doub N N 66  
ASP CG  OD2  sing N N 67  
ASP OD2 HD2  sing N N 68  
ASP OXT HXT  sing N N 69  
CYS N   CA   sing N N 70  
CYS N   H    sing N N 71  
CYS N   H2   sing N N 72  
CYS CA  C    sing N N 73  
CYS CA  CB   sing N N 74  
CYS CA  HA   sing N N 75  
CYS C   O    doub N N 76  
CYS C   OXT  sing N N 77  
CYS CB  SG   sing N N 78  
CYS CB  HB2  sing N N 79  
CYS CB  HB3  sing N N 80  
CYS SG  HG   sing N N 81  
CYS OXT HXT  sing N N 82  
FLC CAC CA   sing N N 83  
FLC CAC OA1  doub N N 84  
FLC CAC OA2  sing N N 85  
FLC CA  CB   sing N N 86  
FLC CA  HA1  sing N N 87  
FLC CA  HA2  sing N N 88  
FLC CB  CBC  sing N N 89  
FLC CB  CG   sing N N 90  
FLC CB  OHB  sing N N 91  
FLC CBC OB1  doub N N 92  
FLC CBC OB2  sing N N 93  
FLC CG  CGC  sing N N 94  
FLC CG  HG1  sing N N 95  
FLC CG  HG2  sing N N 96  
FLC CGC OG1  doub N N 97  
FLC CGC OG2  sing N N 98  
FLC OHB HOB  sing N N 99  
GLN N   CA   sing N N 100 
GLN N   H    sing N N 101 
GLN N   H2   sing N N 102 
GLN CA  C    sing N N 103 
GLN CA  CB   sing N N 104 
GLN CA  HA   sing N N 105 
GLN C   O    doub N N 106 
GLN C   OXT  sing N N 107 
GLN CB  CG   sing N N 108 
GLN CB  HB2  sing N N 109 
GLN CB  HB3  sing N N 110 
GLN CG  CD   sing N N 111 
GLN CG  HG2  sing N N 112 
GLN CG  HG3  sing N N 113 
GLN CD  OE1  doub N N 114 
GLN CD  NE2  sing N N 115 
GLN NE2 HE21 sing N N 116 
GLN NE2 HE22 sing N N 117 
GLN OXT HXT  sing N N 118 
GLU N   CA   sing N N 119 
GLU N   H    sing N N 120 
GLU N   H2   sing N N 121 
GLU CA  C    sing N N 122 
GLU CA  CB   sing N N 123 
GLU CA  HA   sing N N 124 
GLU C   O    doub N N 125 
GLU C   OXT  sing N N 126 
GLU CB  CG   sing N N 127 
GLU CB  HB2  sing N N 128 
GLU CB  HB3  sing N N 129 
GLU CG  CD   sing N N 130 
GLU CG  HG2  sing N N 131 
GLU CG  HG3  sing N N 132 
GLU CD  OE1  doub N N 133 
GLU CD  OE2  sing N N 134 
GLU OE2 HE2  sing N N 135 
GLU OXT HXT  sing N N 136 
GLY N   CA   sing N N 137 
GLY N   H    sing N N 138 
GLY N   H2   sing N N 139 
GLY CA  C    sing N N 140 
GLY CA  HA2  sing N N 141 
GLY CA  HA3  sing N N 142 
GLY C   O    doub N N 143 
GLY C   OXT  sing N N 144 
GLY OXT HXT  sing N N 145 
GOL C1  O1   sing N N 146 
GOL C1  C2   sing N N 147 
GOL C1  H11  sing N N 148 
GOL C1  H12  sing N N 149 
GOL O1  HO1  sing N N 150 
GOL C2  O2   sing N N 151 
GOL C2  C3   sing N N 152 
GOL C2  H2   sing N N 153 
GOL O2  HO2  sing N N 154 
GOL C3  O3   sing N N 155 
GOL C3  H31  sing N N 156 
GOL C3  H32  sing N N 157 
GOL O3  HO3  sing N N 158 
HIS N   CA   sing N N 159 
HIS N   H    sing N N 160 
HIS N   H2   sing N N 161 
HIS CA  C    sing N N 162 
HIS CA  CB   sing N N 163 
HIS CA  HA   sing N N 164 
HIS C   O    doub N N 165 
HIS C   OXT  sing N N 166 
HIS CB  CG   sing N N 167 
HIS CB  HB2  sing N N 168 
HIS CB  HB3  sing N N 169 
HIS CG  ND1  sing Y N 170 
HIS CG  CD2  doub Y N 171 
HIS ND1 CE1  doub Y N 172 
HIS ND1 HD1  sing N N 173 
HIS CD2 NE2  sing Y N 174 
HIS CD2 HD2  sing N N 175 
HIS CE1 NE2  sing Y N 176 
HIS CE1 HE1  sing N N 177 
HIS NE2 HE2  sing N N 178 
HIS OXT HXT  sing N N 179 
HOH O   H1   sing N N 180 
HOH O   H2   sing N N 181 
ILE N   CA   sing N N 182 
ILE N   H    sing N N 183 
ILE N   H2   sing N N 184 
ILE CA  C    sing N N 185 
ILE CA  CB   sing N N 186 
ILE CA  HA   sing N N 187 
ILE C   O    doub N N 188 
ILE C   OXT  sing N N 189 
ILE CB  CG1  sing N N 190 
ILE CB  CG2  sing N N 191 
ILE CB  HB   sing N N 192 
ILE CG1 CD1  sing N N 193 
ILE CG1 HG12 sing N N 194 
ILE CG1 HG13 sing N N 195 
ILE CG2 HG21 sing N N 196 
ILE CG2 HG22 sing N N 197 
ILE CG2 HG23 sing N N 198 
ILE CD1 HD11 sing N N 199 
ILE CD1 HD12 sing N N 200 
ILE CD1 HD13 sing N N 201 
ILE OXT HXT  sing N N 202 
LEU N   CA   sing N N 203 
LEU N   H    sing N N 204 
LEU N   H2   sing N N 205 
LEU CA  C    sing N N 206 
LEU CA  CB   sing N N 207 
LEU CA  HA   sing N N 208 
LEU C   O    doub N N 209 
LEU C   OXT  sing N N 210 
LEU CB  CG   sing N N 211 
LEU CB  HB2  sing N N 212 
LEU CB  HB3  sing N N 213 
LEU CG  CD1  sing N N 214 
LEU CG  CD2  sing N N 215 
LEU CG  HG   sing N N 216 
LEU CD1 HD11 sing N N 217 
LEU CD1 HD12 sing N N 218 
LEU CD1 HD13 sing N N 219 
LEU CD2 HD21 sing N N 220 
LEU CD2 HD22 sing N N 221 
LEU CD2 HD23 sing N N 222 
LEU OXT HXT  sing N N 223 
LYS N   CA   sing N N 224 
LYS N   H    sing N N 225 
LYS N   H2   sing N N 226 
LYS CA  C    sing N N 227 
LYS CA  CB   sing N N 228 
LYS CA  HA   sing N N 229 
LYS C   O    doub N N 230 
LYS C   OXT  sing N N 231 
LYS CB  CG   sing N N 232 
LYS CB  HB2  sing N N 233 
LYS CB  HB3  sing N N 234 
LYS CG  CD   sing N N 235 
LYS CG  HG2  sing N N 236 
LYS CG  HG3  sing N N 237 
LYS CD  CE   sing N N 238 
LYS CD  HD2  sing N N 239 
LYS CD  HD3  sing N N 240 
LYS CE  NZ   sing N N 241 
LYS CE  HE2  sing N N 242 
LYS CE  HE3  sing N N 243 
LYS NZ  HZ1  sing N N 244 
LYS NZ  HZ2  sing N N 245 
LYS NZ  HZ3  sing N N 246 
LYS OXT HXT  sing N N 247 
MET N   CA   sing N N 248 
MET N   H    sing N N 249 
MET N   H2   sing N N 250 
MET CA  C    sing N N 251 
MET CA  CB   sing N N 252 
MET CA  HA   sing N N 253 
MET C   O    doub N N 254 
MET C   OXT  sing N N 255 
MET CB  CG   sing N N 256 
MET CB  HB2  sing N N 257 
MET CB  HB3  sing N N 258 
MET CG  SD   sing N N 259 
MET CG  HG2  sing N N 260 
MET CG  HG3  sing N N 261 
MET SD  CE   sing N N 262 
MET CE  HE1  sing N N 263 
MET CE  HE2  sing N N 264 
MET CE  HE3  sing N N 265 
MET OXT HXT  sing N N 266 
PHE N   CA   sing N N 267 
PHE N   H    sing N N 268 
PHE N   H2   sing N N 269 
PHE CA  C    sing N N 270 
PHE CA  CB   sing N N 271 
PHE CA  HA   sing N N 272 
PHE C   O    doub N N 273 
PHE C   OXT  sing N N 274 
PHE CB  CG   sing N N 275 
PHE CB  HB2  sing N N 276 
PHE CB  HB3  sing N N 277 
PHE CG  CD1  doub Y N 278 
PHE CG  CD2  sing Y N 279 
PHE CD1 CE1  sing Y N 280 
PHE CD1 HD1  sing N N 281 
PHE CD2 CE2  doub Y N 282 
PHE CD2 HD2  sing N N 283 
PHE CE1 CZ   doub Y N 284 
PHE CE1 HE1  sing N N 285 
PHE CE2 CZ   sing Y N 286 
PHE CE2 HE2  sing N N 287 
PHE CZ  HZ   sing N N 288 
PHE OXT HXT  sing N N 289 
PRO N   CA   sing N N 290 
PRO N   CD   sing N N 291 
PRO N   H    sing N N 292 
PRO CA  C    sing N N 293 
PRO CA  CB   sing N N 294 
PRO CA  HA   sing N N 295 
PRO C   O    doub N N 296 
PRO C   OXT  sing N N 297 
PRO CB  CG   sing N N 298 
PRO CB  HB2  sing N N 299 
PRO CB  HB3  sing N N 300 
PRO CG  CD   sing N N 301 
PRO CG  HG2  sing N N 302 
PRO CG  HG3  sing N N 303 
PRO CD  HD2  sing N N 304 
PRO CD  HD3  sing N N 305 
PRO OXT HXT  sing N N 306 
SER N   CA   sing N N 307 
SER N   H    sing N N 308 
SER N   H2   sing N N 309 
SER CA  C    sing N N 310 
SER CA  CB   sing N N 311 
SER CA  HA   sing N N 312 
SER C   O    doub N N 313 
SER C   OXT  sing N N 314 
SER CB  OG   sing N N 315 
SER CB  HB2  sing N N 316 
SER CB  HB3  sing N N 317 
SER OG  HG   sing N N 318 
SER OXT HXT  sing N N 319 
THR N   CA   sing N N 320 
THR N   H    sing N N 321 
THR N   H2   sing N N 322 
THR CA  C    sing N N 323 
THR CA  CB   sing N N 324 
THR CA  HA   sing N N 325 
THR C   O    doub N N 326 
THR C   OXT  sing N N 327 
THR CB  OG1  sing N N 328 
THR CB  CG2  sing N N 329 
THR CB  HB   sing N N 330 
THR OG1 HG1  sing N N 331 
THR CG2 HG21 sing N N 332 
THR CG2 HG22 sing N N 333 
THR CG2 HG23 sing N N 334 
THR OXT HXT  sing N N 335 
TRP N   CA   sing N N 336 
TRP N   H    sing N N 337 
TRP N   H2   sing N N 338 
TRP CA  C    sing N N 339 
TRP CA  CB   sing N N 340 
TRP CA  HA   sing N N 341 
TRP C   O    doub N N 342 
TRP C   OXT  sing N N 343 
TRP CB  CG   sing N N 344 
TRP CB  HB2  sing N N 345 
TRP CB  HB3  sing N N 346 
TRP CG  CD1  doub Y N 347 
TRP CG  CD2  sing Y N 348 
TRP CD1 NE1  sing Y N 349 
TRP CD1 HD1  sing N N 350 
TRP CD2 CE2  doub Y N 351 
TRP CD2 CE3  sing Y N 352 
TRP NE1 CE2  sing Y N 353 
TRP NE1 HE1  sing N N 354 
TRP CE2 CZ2  sing Y N 355 
TRP CE3 CZ3  doub Y N 356 
TRP CE3 HE3  sing N N 357 
TRP CZ2 CH2  doub Y N 358 
TRP CZ2 HZ2  sing N N 359 
TRP CZ3 CH2  sing Y N 360 
TRP CZ3 HZ3  sing N N 361 
TRP CH2 HH2  sing N N 362 
TRP OXT HXT  sing N N 363 
TYR N   CA   sing N N 364 
TYR N   H    sing N N 365 
TYR N   H2   sing N N 366 
TYR CA  C    sing N N 367 
TYR CA  CB   sing N N 368 
TYR CA  HA   sing N N 369 
TYR C   O    doub N N 370 
TYR C   OXT  sing N N 371 
TYR CB  CG   sing N N 372 
TYR CB  HB2  sing N N 373 
TYR CB  HB3  sing N N 374 
TYR CG  CD1  doub Y N 375 
TYR CG  CD2  sing Y N 376 
TYR CD1 CE1  sing Y N 377 
TYR CD1 HD1  sing N N 378 
TYR CD2 CE2  doub Y N 379 
TYR CD2 HD2  sing N N 380 
TYR CE1 CZ   doub Y N 381 
TYR CE1 HE1  sing N N 382 
TYR CE2 CZ   sing Y N 383 
TYR CE2 HE2  sing N N 384 
TYR CZ  OH   sing N N 385 
TYR OH  HH   sing N N 386 
TYR OXT HXT  sing N N 387 
VAL N   CA   sing N N 388 
VAL N   H    sing N N 389 
VAL N   H2   sing N N 390 
VAL CA  C    sing N N 391 
VAL CA  CB   sing N N 392 
VAL CA  HA   sing N N 393 
VAL C   O    doub N N 394 
VAL C   OXT  sing N N 395 
VAL CB  CG1  sing N N 396 
VAL CB  CG2  sing N N 397 
VAL CB  HB   sing N N 398 
VAL CG1 HG11 sing N N 399 
VAL CG1 HG12 sing N N 400 
VAL CG1 HG13 sing N N 401 
VAL CG2 HG21 sing N N 402 
VAL CG2 HG22 sing N N 403 
VAL CG2 HG23 sing N N 404 
VAL OXT HXT  sing N N 405 
# 
loop_
_pdbx_entity_nonpoly.entity_id 
_pdbx_entity_nonpoly.name 
_pdbx_entity_nonpoly.comp_id 
2 'CITRATE ANION' FLC 
3 GLYCEROL        GOL 
4 water           HOH 
# 
_pdbx_initial_refinement_model.id               1 
_pdbx_initial_refinement_model.entity_id_list   ? 
_pdbx_initial_refinement_model.type             'experimental model' 
_pdbx_initial_refinement_model.source_name      PDB 
_pdbx_initial_refinement_model.accession_code   1VCD 
_pdbx_initial_refinement_model.details          'PDB entry 1VCD' 
# 
